data_1WJZ
#
_entry.id   1WJZ
#
_entity_poly.entity_id   1
_entity_poly.type   'polypeptide(L)'
_entity_poly.pdbx_seq_one_letter_code
;GSSGSSGMALEQTLKKDWYSILGADPSANMSDLKQKYQKLILLYHPDKQSADVPAGTMEECMQKFIEIDQAWKILGNEET
KKKYDLQRSGPSSG
;
_entity_poly.pdbx_strand_id   A
#
# COMPACT_ATOMS: atom_id res chain seq x y z
N GLY A 1 -29.86 18.84 -11.33
CA GLY A 1 -30.12 18.63 -12.75
C GLY A 1 -29.49 17.36 -13.27
N SER A 2 -28.51 17.51 -14.17
CA SER A 2 -27.83 16.37 -14.77
C SER A 2 -27.16 15.52 -13.68
N SER A 3 -27.76 14.39 -13.37
CA SER A 3 -27.22 13.49 -12.34
C SER A 3 -27.54 12.03 -12.67
N GLY A 4 -26.49 11.23 -12.85
CA GLY A 4 -26.68 9.83 -13.16
C GLY A 4 -25.89 9.40 -14.39
N SER A 5 -24.66 8.95 -14.16
CA SER A 5 -23.79 8.52 -15.25
C SER A 5 -22.72 7.55 -14.75
N SER A 6 -22.51 6.46 -15.49
CA SER A 6 -21.52 5.46 -15.11
C SER A 6 -20.12 6.03 -15.20
N GLY A 7 -19.23 5.52 -14.37
CA GLY A 7 -17.85 5.98 -14.37
C GLY A 7 -17.13 5.66 -13.07
N MET A 8 -17.49 6.37 -12.00
CA MET A 8 -16.87 6.15 -10.70
C MET A 8 -16.68 4.66 -10.42
N ALA A 9 -15.47 4.28 -10.03
CA ALA A 9 -15.15 2.89 -9.74
C ALA A 9 -15.97 2.38 -8.56
N LEU A 10 -16.29 1.09 -8.57
CA LEU A 10 -17.07 0.48 -7.50
C LEU A 10 -16.16 0.07 -6.33
N GLU A 11 -15.70 1.06 -5.57
CA GLU A 11 -14.83 0.80 -4.43
C GLU A 11 -13.87 -0.35 -4.73
N GLN A 12 -13.29 -0.33 -5.92
CA GLN A 12 -12.35 -1.38 -6.33
C GLN A 12 -10.92 -1.00 -5.97
N THR A 13 -10.47 0.14 -6.47
CA THR A 13 -9.12 0.60 -6.21
C THR A 13 -9.10 2.12 -5.97
N LEU A 14 -7.91 2.66 -5.73
CA LEU A 14 -7.76 4.09 -5.49
C LEU A 14 -8.61 4.53 -4.31
N LYS A 15 -8.82 3.62 -3.36
CA LYS A 15 -9.60 3.93 -2.17
C LYS A 15 -8.77 3.74 -0.90
N LYS A 16 -7.97 2.69 -0.88
CA LYS A 16 -7.11 2.39 0.27
C LYS A 16 -5.89 3.30 0.28
N ASP A 17 -5.58 3.85 1.44
CA ASP A 17 -4.43 4.74 1.59
C ASP A 17 -3.13 3.98 1.32
N TRP A 18 -2.50 4.31 0.20
CA TRP A 18 -1.25 3.66 -0.18
C TRP A 18 -0.05 4.45 0.31
N TYR A 19 -0.16 5.78 0.27
CA TYR A 19 0.91 6.66 0.70
C TYR A 19 1.24 6.44 2.18
N SER A 20 0.34 5.72 2.87
CA SER A 20 0.54 5.43 4.28
C SER A 20 1.11 4.03 4.48
N ILE A 21 0.62 3.08 3.69
CA ILE A 21 1.09 1.71 3.78
C ILE A 21 2.57 1.60 3.44
N LEU A 22 3.01 2.41 2.49
CA LEU A 22 4.41 2.41 2.08
C LEU A 22 5.23 3.35 2.95
N GLY A 23 4.55 4.28 3.61
CA GLY A 23 5.23 5.23 4.48
C GLY A 23 5.79 6.41 3.70
N ALA A 24 5.08 6.83 2.67
CA ALA A 24 5.51 7.95 1.84
C ALA A 24 4.50 9.10 1.90
N ASP A 25 4.76 10.16 1.14
CA ASP A 25 3.88 11.32 1.10
C ASP A 25 3.14 11.40 -0.23
N PRO A 26 1.95 12.01 -0.21
CA PRO A 26 1.12 12.17 -1.41
C PRO A 26 1.72 13.16 -2.40
N SER A 27 2.87 13.72 -2.04
CA SER A 27 3.55 14.69 -2.89
C SER A 27 4.96 14.24 -3.22
N ALA A 28 5.20 12.93 -3.10
CA ALA A 28 6.52 12.36 -3.38
C ALA A 28 6.59 11.83 -4.80
N ASN A 29 7.81 11.63 -5.30
CA ASN A 29 8.01 11.12 -6.66
C ASN A 29 8.34 9.64 -6.62
N MET A 30 8.12 8.96 -7.75
CA MET A 30 8.40 7.54 -7.85
C MET A 30 9.69 7.18 -7.13
N SER A 31 10.81 7.69 -7.63
CA SER A 31 12.11 7.43 -7.03
C SER A 31 12.00 7.32 -5.52
N ASP A 32 11.22 8.21 -4.93
CA ASP A 32 11.02 8.23 -3.48
C ASP A 32 10.13 7.07 -3.04
N LEU A 33 8.92 7.01 -3.61
CA LEU A 33 7.97 5.95 -3.28
C LEU A 33 8.63 4.58 -3.39
N LYS A 34 9.17 4.28 -4.56
CA LYS A 34 9.84 3.00 -4.80
C LYS A 34 10.76 2.64 -3.64
N GLN A 35 11.67 3.56 -3.31
CA GLN A 35 12.61 3.35 -2.22
C GLN A 35 11.91 2.78 -1.00
N LYS A 36 10.76 3.36 -0.66
CA LYS A 36 9.99 2.91 0.50
C LYS A 36 9.40 1.53 0.24
N TYR A 37 8.97 1.27 -0.99
CA TYR A 37 8.39 0.00 -1.36
C TYR A 37 9.41 -1.12 -1.23
N GLN A 38 10.55 -0.97 -1.91
CA GLN A 38 11.60 -1.98 -1.87
C GLN A 38 11.97 -2.33 -0.44
N LYS A 39 12.28 -1.31 0.36
CA LYS A 39 12.65 -1.52 1.76
C LYS A 39 11.52 -2.21 2.52
N LEU A 40 10.32 -2.16 1.96
CA LEU A 40 9.15 -2.77 2.58
C LEU A 40 8.76 -4.05 1.85
N ILE A 41 9.72 -4.63 1.13
CA ILE A 41 9.47 -5.86 0.39
C ILE A 41 10.29 -7.01 0.96
N LEU A 42 11.36 -6.68 1.66
CA LEU A 42 12.23 -7.68 2.26
C LEU A 42 11.99 -7.79 3.77
N LEU A 43 11.15 -6.89 4.29
CA LEU A 43 10.82 -6.90 5.71
C LEU A 43 9.68 -7.85 6.01
N TYR A 44 8.88 -8.15 4.99
CA TYR A 44 7.75 -9.05 5.14
C TYR A 44 7.81 -10.18 4.13
N HIS A 45 8.93 -10.25 3.39
CA HIS A 45 9.12 -11.28 2.38
C HIS A 45 8.99 -12.68 3.00
N PRO A 46 8.34 -13.59 2.28
CA PRO A 46 8.13 -14.97 2.73
C PRO A 46 9.43 -15.78 2.74
N ASP A 47 10.22 -15.63 1.69
CA ASP A 47 11.49 -16.34 1.57
C ASP A 47 12.47 -15.88 2.65
N LYS A 48 12.32 -14.63 3.09
CA LYS A 48 13.19 -14.07 4.11
C LYS A 48 12.57 -14.24 5.50
N GLN A 49 12.09 -15.44 5.79
CA GLN A 49 11.47 -15.73 7.07
C GLN A 49 12.32 -16.72 7.88
N SER A 50 11.86 -17.05 9.08
CA SER A 50 12.59 -17.97 9.94
C SER A 50 11.69 -19.13 10.35
N ALA A 51 12.24 -20.35 10.27
CA ALA A 51 11.49 -21.55 10.63
C ALA A 51 11.12 -21.53 12.11
N ASP A 52 11.75 -20.67 12.87
CA ASP A 52 11.49 -20.55 14.29
C ASP A 52 10.47 -19.45 14.58
N VAL A 53 9.55 -19.25 13.64
CA VAL A 53 8.52 -18.23 13.78
C VAL A 53 7.16 -18.86 14.04
N PRO A 54 6.37 -18.21 14.91
CA PRO A 54 5.03 -18.69 15.27
C PRO A 54 4.04 -18.55 14.13
N ALA A 55 2.78 -18.91 14.38
CA ALA A 55 1.74 -18.80 13.36
C ALA A 55 1.26 -17.37 13.20
N GLY A 56 1.26 -16.62 14.30
CA GLY A 56 0.83 -15.24 14.25
C GLY A 56 1.69 -14.39 13.34
N THR A 57 3.00 -14.43 13.54
CA THR A 57 3.93 -13.66 12.72
C THR A 57 3.69 -13.92 11.24
N MET A 58 3.62 -15.19 10.87
CA MET A 58 3.40 -15.57 9.48
C MET A 58 2.16 -14.88 8.91
N GLU A 59 0.99 -15.23 9.44
CA GLU A 59 -0.26 -14.64 8.99
C GLU A 59 -0.15 -13.12 8.89
N GLU A 60 0.42 -12.51 9.92
CA GLU A 60 0.60 -11.07 9.95
C GLU A 60 1.49 -10.60 8.80
N CYS A 61 2.56 -11.34 8.56
CA CYS A 61 3.50 -11.00 7.49
C CYS A 61 2.76 -10.85 6.16
N MET A 62 1.94 -11.84 5.82
CA MET A 62 1.17 -11.81 4.58
C MET A 62 0.35 -10.52 4.47
N GLN A 63 -0.51 -10.30 5.46
CA GLN A 63 -1.35 -9.11 5.47
C GLN A 63 -0.56 -7.87 5.03
N LYS A 64 0.67 -7.77 5.52
CA LYS A 64 1.53 -6.63 5.17
C LYS A 64 2.03 -6.75 3.74
N PHE A 65 2.75 -7.83 3.46
CA PHE A 65 3.30 -8.06 2.13
C PHE A 65 2.25 -7.75 1.06
N ILE A 66 1.01 -8.17 1.30
CA ILE A 66 -0.08 -7.95 0.36
C ILE A 66 -0.32 -6.45 0.15
N GLU A 67 -0.61 -5.75 1.25
CA GLU A 67 -0.86 -4.33 1.19
C GLU A 67 0.27 -3.60 0.48
N ILE A 68 1.50 -3.99 0.78
CA ILE A 68 2.66 -3.38 0.16
C ILE A 68 2.70 -3.62 -1.34
N ASP A 69 2.32 -4.83 -1.74
CA ASP A 69 2.29 -5.19 -3.16
C ASP A 69 1.21 -4.42 -3.89
N GLN A 70 0.26 -3.88 -3.14
CA GLN A 70 -0.83 -3.12 -3.73
C GLN A 70 -0.50 -1.64 -3.79
N ALA A 71 0.03 -1.10 -2.70
CA ALA A 71 0.40 0.30 -2.63
C ALA A 71 1.32 0.68 -3.78
N TRP A 72 1.94 -0.32 -4.39
CA TRP A 72 2.84 -0.09 -5.51
C TRP A 72 2.13 -0.27 -6.85
N LYS A 73 1.14 -1.15 -6.86
CA LYS A 73 0.36 -1.42 -8.07
C LYS A 73 -0.28 -0.14 -8.60
N ILE A 74 -0.37 0.87 -7.74
CA ILE A 74 -0.96 2.15 -8.12
C ILE A 74 0.10 3.24 -8.18
N LEU A 75 1.07 3.17 -7.28
CA LEU A 75 2.15 4.16 -7.23
C LEU A 75 3.37 3.67 -8.00
N GLY A 76 3.21 2.56 -8.71
CA GLY A 76 4.31 2.01 -9.48
C GLY A 76 4.31 2.48 -10.93
N ASN A 77 3.12 2.56 -11.52
CA ASN A 77 2.98 3.00 -12.90
C ASN A 77 2.94 4.52 -12.98
N GLU A 78 2.77 5.04 -14.20
CA GLU A 78 2.71 6.48 -14.41
C GLU A 78 1.26 6.96 -14.52
N GLU A 79 0.39 6.09 -15.05
CA GLU A 79 -1.01 6.42 -15.21
C GLU A 79 -1.76 6.32 -13.89
N THR A 80 -1.69 5.14 -13.26
CA THR A 80 -2.35 4.91 -11.98
C THR A 80 -1.88 5.92 -10.93
N LYS A 81 -0.58 6.03 -10.78
CA LYS A 81 0.00 6.95 -9.80
C LYS A 81 -0.54 8.36 -10.00
N LYS A 82 -0.92 8.67 -11.23
CA LYS A 82 -1.47 9.98 -11.56
C LYS A 82 -2.95 10.05 -11.25
N LYS A 83 -3.72 9.11 -11.82
CA LYS A 83 -5.15 9.06 -11.60
C LYS A 83 -5.48 9.00 -10.11
N TYR A 84 -4.63 8.32 -9.35
CA TYR A 84 -4.83 8.18 -7.92
C TYR A 84 -4.84 9.54 -7.23
N ASP A 85 -3.75 10.28 -7.38
CA ASP A 85 -3.64 11.60 -6.78
C ASP A 85 -4.92 12.41 -6.97
N LEU A 86 -5.40 12.46 -8.21
CA LEU A 86 -6.62 13.19 -8.53
C LEU A 86 -7.80 12.64 -7.75
N GLN A 87 -7.90 11.32 -7.68
CA GLN A 87 -8.98 10.66 -6.96
C GLN A 87 -8.96 11.05 -5.48
N ARG A 88 -7.85 10.77 -4.82
CA ARG A 88 -7.70 11.09 -3.39
C ARG A 88 -7.89 12.58 -3.15
N SER A 89 -8.23 12.94 -1.92
CA SER A 89 -8.45 14.34 -1.56
C SER A 89 -7.14 15.03 -1.24
N GLY A 90 -7.13 16.36 -1.35
CA GLY A 90 -5.93 17.12 -1.07
C GLY A 90 -6.19 18.33 -0.21
N PRO A 91 -5.20 18.71 0.62
CA PRO A 91 -5.32 19.87 1.51
C PRO A 91 -5.32 21.19 0.75
N SER A 92 -5.23 21.11 -0.57
CA SER A 92 -5.21 22.29 -1.42
C SER A 92 -6.62 22.87 -1.57
N SER A 93 -6.90 23.95 -0.84
CA SER A 93 -8.20 24.58 -0.89
C SER A 93 -8.15 25.99 -0.29
N GLY A 94 -9.19 26.77 -0.53
CA GLY A 94 -9.24 28.12 -0.01
C GLY A 94 -9.80 29.11 -1.01
N GLY A 1 -9.32 -25.49 10.75
CA GLY A 1 -9.06 -26.20 9.51
C GLY A 1 -9.34 -25.34 8.28
N SER A 2 -10.50 -24.70 8.26
CA SER A 2 -10.89 -23.86 7.13
C SER A 2 -12.07 -22.96 7.51
N SER A 3 -11.99 -21.69 7.12
CA SER A 3 -13.05 -20.73 7.42
C SER A 3 -13.79 -20.32 6.15
N GLY A 4 -15.09 -20.07 6.29
CA GLY A 4 -15.89 -19.68 5.15
C GLY A 4 -15.36 -18.43 4.47
N SER A 5 -15.64 -18.30 3.18
CA SER A 5 -15.19 -17.15 2.41
C SER A 5 -16.37 -16.45 1.73
N SER A 6 -16.27 -15.13 1.63
CA SER A 6 -17.33 -14.34 1.00
C SER A 6 -16.80 -13.57 -0.20
N GLY A 7 -17.71 -12.98 -0.96
CA GLY A 7 -17.32 -12.22 -2.15
C GLY A 7 -17.42 -10.71 -1.93
N MET A 8 -16.34 -10.13 -1.42
CA MET A 8 -16.30 -8.69 -1.17
C MET A 8 -14.88 -8.16 -1.21
N ALA A 9 -14.72 -6.90 -1.62
CA ALA A 9 -13.41 -6.28 -1.70
C ALA A 9 -12.97 -5.74 -0.35
N LEU A 10 -11.78 -6.12 0.08
CA LEU A 10 -11.23 -5.67 1.36
C LEU A 10 -10.52 -4.32 1.21
N GLU A 11 -11.19 -3.38 0.55
CA GLU A 11 -10.63 -2.05 0.34
C GLU A 11 -9.31 -2.13 -0.42
N GLN A 12 -9.29 -2.96 -1.47
CA GLN A 12 -8.10 -3.13 -2.29
C GLN A 12 -8.14 -2.21 -3.50
N THR A 13 -8.17 -0.92 -3.26
CA THR A 13 -8.21 0.06 -4.34
C THR A 13 -7.82 1.45 -3.84
N LEU A 14 -7.89 2.44 -4.72
CA LEU A 14 -7.54 3.81 -4.38
C LEU A 14 -8.02 4.15 -2.97
N LYS A 15 -9.25 3.74 -2.65
CA LYS A 15 -9.83 4.00 -1.34
C LYS A 15 -8.75 3.92 -0.25
N LYS A 16 -8.18 2.73 -0.09
CA LYS A 16 -7.14 2.51 0.92
C LYS A 16 -5.97 3.46 0.70
N ASP A 17 -5.52 4.09 1.78
CA ASP A 17 -4.41 5.03 1.72
C ASP A 17 -3.10 4.31 1.41
N TRP A 18 -2.67 4.39 0.15
CA TRP A 18 -1.43 3.74 -0.27
C TRP A 18 -0.22 4.47 0.28
N TYR A 19 -0.24 5.80 0.20
CA TYR A 19 0.87 6.61 0.69
C TYR A 19 1.15 6.32 2.17
N SER A 20 0.20 5.63 2.81
CA SER A 20 0.34 5.29 4.22
C SER A 20 0.92 3.89 4.40
N ILE A 21 0.60 3.00 3.45
CA ILE A 21 1.09 1.63 3.50
C ILE A 21 2.60 1.58 3.26
N LEU A 22 3.08 2.45 2.38
CA LEU A 22 4.51 2.51 2.06
C LEU A 22 5.21 3.56 2.90
N GLY A 23 4.50 4.11 3.87
CA GLY A 23 5.07 5.14 4.73
C GLY A 23 5.68 6.29 3.94
N ALA A 24 5.01 6.68 2.86
CA ALA A 24 5.48 7.77 2.02
C ALA A 24 4.50 8.93 2.01
N ASP A 25 4.86 10.01 1.33
CA ASP A 25 4.00 11.18 1.24
C ASP A 25 3.41 11.32 -0.16
N PRO A 26 2.25 11.99 -0.25
CA PRO A 26 1.56 12.22 -1.52
C PRO A 26 2.31 13.19 -2.43
N SER A 27 3.35 13.81 -1.89
CA SER A 27 4.15 14.77 -2.65
C SER A 27 5.54 14.21 -2.94
N ALA A 28 5.68 12.89 -2.82
CA ALA A 28 6.95 12.23 -3.07
C ALA A 28 7.13 11.94 -4.56
N ASN A 29 8.32 11.46 -4.92
CA ASN A 29 8.62 11.16 -6.31
C ASN A 29 8.77 9.65 -6.51
N MET A 30 8.79 9.23 -7.78
CA MET A 30 8.93 7.82 -8.10
C MET A 30 10.04 7.17 -7.28
N SER A 31 11.27 7.60 -7.52
CA SER A 31 12.42 7.05 -6.80
C SER A 31 12.10 6.87 -5.32
N ASP A 32 11.81 7.97 -4.65
CA ASP A 32 11.48 7.94 -3.23
C ASP A 32 10.50 6.82 -2.93
N LEU A 33 9.27 6.97 -3.41
CA LEU A 33 8.23 5.96 -3.19
C LEU A 33 8.80 4.55 -3.33
N LYS A 34 9.57 4.32 -4.38
CA LYS A 34 10.17 3.02 -4.62
C LYS A 34 11.07 2.62 -3.46
N GLN A 35 11.94 3.53 -3.04
CA GLN A 35 12.85 3.27 -1.95
C GLN A 35 12.10 2.75 -0.73
N LYS A 36 10.92 3.31 -0.48
CA LYS A 36 10.09 2.91 0.65
C LYS A 36 9.42 1.57 0.39
N TYR A 37 9.06 1.32 -0.87
CA TYR A 37 8.41 0.08 -1.26
C TYR A 37 9.38 -1.10 -1.16
N GLN A 38 10.49 -1.00 -1.87
CA GLN A 38 11.50 -2.05 -1.86
C GLN A 38 11.83 -2.48 -0.43
N LYS A 39 12.12 -1.49 0.42
CA LYS A 39 12.45 -1.76 1.81
C LYS A 39 11.28 -2.40 2.53
N LEU A 40 10.08 -2.21 2.00
CA LEU A 40 8.87 -2.78 2.60
C LEU A 40 8.43 -4.03 1.85
N ILE A 41 9.35 -4.62 1.09
CA ILE A 41 9.05 -5.82 0.32
C ILE A 41 9.78 -7.03 0.90
N LEU A 42 10.90 -6.78 1.55
CA LEU A 42 11.71 -7.85 2.14
C LEU A 42 11.44 -7.95 3.64
N LEU A 43 10.66 -7.01 4.16
CA LEU A 43 10.34 -7.00 5.59
C LEU A 43 9.14 -7.90 5.88
N TYR A 44 8.32 -8.14 4.86
CA TYR A 44 7.14 -8.98 5.01
C TYR A 44 7.18 -10.15 4.02
N HIS A 45 8.29 -10.26 3.29
CA HIS A 45 8.45 -11.33 2.32
C HIS A 45 8.37 -12.70 2.99
N PRO A 46 7.71 -13.65 2.33
CA PRO A 46 7.55 -15.01 2.85
C PRO A 46 8.86 -15.79 2.85
N ASP A 47 9.60 -15.69 1.75
CA ASP A 47 10.89 -16.38 1.62
C ASP A 47 11.91 -15.81 2.59
N LYS A 48 11.93 -14.48 2.71
CA LYS A 48 12.86 -13.81 3.61
C LYS A 48 12.65 -14.25 5.05
N GLN A 49 11.47 -14.81 5.33
CA GLN A 49 11.15 -15.28 6.67
C GLN A 49 12.23 -16.20 7.21
N SER A 50 12.25 -16.40 8.53
CA SER A 50 13.23 -17.26 9.15
C SER A 50 12.62 -18.03 10.32
N ALA A 51 13.20 -19.18 10.63
CA ALA A 51 12.71 -20.01 11.73
C ALA A 51 12.58 -19.20 13.02
N ASP A 52 13.27 -18.06 13.07
CA ASP A 52 13.23 -17.21 14.24
C ASP A 52 11.80 -16.77 14.55
N VAL A 53 11.16 -16.12 13.57
CA VAL A 53 9.79 -15.65 13.73
C VAL A 53 8.84 -16.82 13.98
N PRO A 54 7.87 -16.60 14.88
CA PRO A 54 6.87 -17.62 15.23
C PRO A 54 5.89 -17.89 14.09
N ALA A 55 4.81 -18.58 14.40
CA ALA A 55 3.79 -18.90 13.40
C ALA A 55 2.79 -17.76 13.27
N GLY A 56 2.37 -17.19 14.40
CA GLY A 56 1.42 -16.11 14.38
C GLY A 56 1.85 -14.96 13.49
N THR A 57 3.03 -14.41 13.78
CA THR A 57 3.56 -13.30 12.99
C THR A 57 3.40 -13.55 11.49
N MET A 58 3.67 -14.79 11.08
CA MET A 58 3.55 -15.16 9.67
C MET A 58 2.24 -14.65 9.08
N GLU A 59 1.13 -14.97 9.74
CA GLU A 59 -0.19 -14.54 9.28
C GLU A 59 -0.21 -13.03 9.03
N GLU A 60 0.32 -12.27 9.98
CA GLU A 60 0.36 -10.82 9.86
C GLU A 60 1.23 -10.39 8.68
N CYS A 61 2.41 -11.01 8.57
CA CYS A 61 3.33 -10.69 7.50
C CYS A 61 2.63 -10.70 6.15
N MET A 62 1.81 -11.72 5.93
CA MET A 62 1.06 -11.86 4.68
C MET A 62 0.20 -10.62 4.42
N GLN A 63 -0.73 -10.36 5.34
CA GLN A 63 -1.62 -9.21 5.20
C GLN A 63 -0.86 -7.98 4.71
N LYS A 64 0.21 -7.63 5.42
CA LYS A 64 1.02 -6.48 5.05
C LYS A 64 1.59 -6.63 3.66
N PHE A 65 2.49 -7.61 3.49
CA PHE A 65 3.12 -7.86 2.20
C PHE A 65 2.11 -7.67 1.07
N ILE A 66 0.89 -8.16 1.27
CA ILE A 66 -0.15 -8.04 0.27
C ILE A 66 -0.50 -6.57 0.01
N GLU A 67 -0.73 -5.82 1.07
CA GLU A 67 -1.06 -4.40 0.95
C GLU A 67 0.07 -3.63 0.29
N ILE A 68 1.30 -3.94 0.69
CA ILE A 68 2.48 -3.27 0.14
C ILE A 68 2.57 -3.48 -1.37
N ASP A 69 2.41 -4.72 -1.80
CA ASP A 69 2.47 -5.06 -3.22
C ASP A 69 1.36 -4.36 -4.00
N GLN A 70 0.31 -3.95 -3.27
CA GLN A 70 -0.83 -3.28 -3.89
C GLN A 70 -0.56 -1.78 -4.00
N ALA A 71 -0.05 -1.19 -2.93
CA ALA A 71 0.25 0.23 -2.90
C ALA A 71 1.18 0.62 -4.04
N TRP A 72 1.96 -0.34 -4.52
CA TRP A 72 2.90 -0.10 -5.62
C TRP A 72 2.18 -0.19 -6.96
N LYS A 73 1.23 -1.11 -7.06
CA LYS A 73 0.47 -1.29 -8.30
C LYS A 73 -0.03 0.05 -8.83
N ILE A 74 -0.51 0.90 -7.92
CA ILE A 74 -1.03 2.20 -8.30
C ILE A 74 0.06 3.26 -8.24
N LEU A 75 0.63 3.47 -7.06
CA LEU A 75 1.69 4.45 -6.87
C LEU A 75 2.91 4.10 -7.73
N GLY A 76 3.38 2.87 -7.61
CA GLY A 76 4.53 2.44 -8.40
C GLY A 76 4.46 2.92 -9.83
N ASN A 77 3.26 3.03 -10.37
CA ASN A 77 3.07 3.47 -11.74
C ASN A 77 2.96 4.99 -11.81
N GLU A 78 2.82 5.51 -13.03
CA GLU A 78 2.72 6.96 -13.23
C GLU A 78 1.29 7.35 -13.61
N GLU A 79 0.64 6.49 -14.39
CA GLU A 79 -0.72 6.74 -14.84
C GLU A 79 -1.71 6.59 -13.69
N THR A 80 -1.70 5.42 -13.05
CA THR A 80 -2.59 5.15 -11.93
C THR A 80 -2.24 6.02 -10.73
N LYS A 81 -0.97 6.40 -10.62
CA LYS A 81 -0.50 7.23 -9.51
C LYS A 81 -0.97 8.67 -9.69
N LYS A 82 -1.01 9.12 -10.94
CA LYS A 82 -1.44 10.48 -11.24
C LYS A 82 -2.96 10.62 -11.07
N LYS A 83 -3.69 9.55 -11.35
CA LYS A 83 -5.14 9.56 -11.21
C LYS A 83 -5.55 9.37 -9.76
N TYR A 84 -4.82 8.52 -9.05
CA TYR A 84 -5.11 8.26 -7.64
C TYR A 84 -5.19 9.56 -6.84
N ASP A 85 -4.16 10.38 -6.95
CA ASP A 85 -4.10 11.65 -6.25
C ASP A 85 -5.38 12.45 -6.47
N LEU A 86 -5.84 12.47 -7.72
CA LEU A 86 -7.06 13.19 -8.07
C LEU A 86 -8.29 12.52 -7.49
N GLN A 87 -8.31 11.19 -7.53
CA GLN A 87 -9.43 10.43 -7.00
C GLN A 87 -9.64 10.72 -5.52
N ARG A 88 -8.54 10.80 -4.77
CA ARG A 88 -8.61 11.07 -3.34
C ARG A 88 -8.81 12.56 -3.08
N SER A 89 -8.80 13.35 -4.16
CA SER A 89 -8.98 14.79 -4.04
C SER A 89 -10.07 15.28 -5.00
N GLY A 90 -11.30 15.36 -4.48
CA GLY A 90 -12.41 15.82 -5.29
C GLY A 90 -13.39 16.68 -4.52
N PRO A 91 -13.98 17.66 -5.21
CA PRO A 91 -14.94 18.59 -4.59
C PRO A 91 -16.26 17.90 -4.24
N SER A 92 -16.41 16.66 -4.69
CA SER A 92 -17.62 15.90 -4.42
C SER A 92 -17.78 15.63 -2.93
N SER A 93 -18.97 15.91 -2.41
CA SER A 93 -19.25 15.71 -0.99
C SER A 93 -20.48 14.82 -0.80
N GLY A 94 -20.27 13.51 -0.89
CA GLY A 94 -21.36 12.57 -0.73
C GLY A 94 -20.89 11.18 -0.36
N GLY A 1 -6.39 1.50 20.40
CA GLY A 1 -5.56 1.44 21.58
C GLY A 1 -4.74 0.17 21.67
N SER A 2 -5.43 -0.96 21.82
CA SER A 2 -4.75 -2.25 21.92
C SER A 2 -5.39 -3.27 20.99
N SER A 3 -4.68 -3.61 19.92
CA SER A 3 -5.19 -4.58 18.94
C SER A 3 -6.57 -4.18 18.45
N GLY A 4 -6.76 -2.89 18.19
CA GLY A 4 -8.04 -2.40 17.72
C GLY A 4 -8.25 -2.67 16.24
N SER A 5 -9.52 -2.71 15.82
CA SER A 5 -9.85 -2.95 14.43
C SER A 5 -9.36 -1.82 13.54
N SER A 6 -8.13 -1.96 13.05
CA SER A 6 -7.54 -0.95 12.18
C SER A 6 -7.91 -1.20 10.72
N GLY A 7 -8.12 -0.12 9.98
CA GLY A 7 -8.48 -0.23 8.58
C GLY A 7 -9.94 -0.60 8.39
N MET A 8 -10.60 0.08 7.45
CA MET A 8 -12.01 -0.19 7.17
C MET A 8 -12.16 -1.04 5.91
N ALA A 9 -11.55 -0.59 4.82
CA ALA A 9 -11.61 -1.30 3.56
C ALA A 9 -10.23 -1.75 3.11
N LEU A 10 -10.12 -3.03 2.72
CA LEU A 10 -8.85 -3.57 2.26
C LEU A 10 -8.95 -4.07 0.83
N GLU A 11 -10.17 -4.17 0.33
CA GLU A 11 -10.41 -4.64 -1.03
C GLU A 11 -10.80 -3.48 -1.94
N GLN A 12 -10.05 -2.39 -1.86
CA GLN A 12 -10.32 -1.21 -2.68
C GLN A 12 -9.10 -0.83 -3.52
N THR A 13 -9.23 0.23 -4.28
CA THR A 13 -8.14 0.71 -5.13
C THR A 13 -7.82 2.17 -4.87
N LEU A 14 -8.87 2.99 -4.78
CA LEU A 14 -8.70 4.42 -4.54
C LEU A 14 -9.06 4.76 -3.09
N LYS A 15 -10.17 4.23 -2.62
CA LYS A 15 -10.61 4.48 -1.25
C LYS A 15 -9.51 4.16 -0.26
N LYS A 16 -8.72 3.13 -0.54
CA LYS A 16 -7.63 2.73 0.32
C LYS A 16 -6.46 3.70 0.21
N ASP A 17 -5.63 3.76 1.25
CA ASP A 17 -4.48 4.65 1.26
C ASP A 17 -3.20 3.88 0.95
N TRP A 18 -2.41 4.42 0.03
CA TRP A 18 -1.15 3.78 -0.36
C TRP A 18 0.05 4.57 0.15
N TYR A 19 -0.10 5.90 0.20
CA TYR A 19 0.97 6.77 0.67
C TYR A 19 1.31 6.49 2.12
N SER A 20 0.43 5.76 2.80
CA SER A 20 0.62 5.42 4.21
C SER A 20 1.20 4.01 4.35
N ILE A 21 0.74 3.10 3.51
CA ILE A 21 1.21 1.72 3.54
C ILE A 21 2.71 1.65 3.23
N LEU A 22 3.17 2.51 2.34
CA LEU A 22 4.57 2.55 1.96
C LEU A 22 5.32 3.60 2.78
N GLY A 23 4.69 4.10 3.83
CA GLY A 23 5.32 5.10 4.67
C GLY A 23 5.90 6.24 3.87
N ALA A 24 5.12 6.76 2.92
CA ALA A 24 5.56 7.87 2.09
C ALA A 24 4.57 9.03 2.13
N ASP A 25 4.83 10.05 1.33
CA ASP A 25 3.95 11.22 1.27
C ASP A 25 3.26 11.31 -0.08
N PRO A 26 2.10 12.02 -0.10
CA PRO A 26 1.32 12.20 -1.32
C PRO A 26 2.01 13.11 -2.33
N SER A 27 3.17 13.63 -1.95
CA SER A 27 3.93 14.52 -2.81
C SER A 27 5.30 13.93 -3.13
N ALA A 28 5.58 12.75 -2.57
CA ALA A 28 6.85 12.09 -2.80
C ALA A 28 7.08 11.81 -4.29
N ASN A 29 8.32 11.47 -4.64
CA ASN A 29 8.66 11.17 -6.02
C ASN A 29 8.88 9.68 -6.23
N MET A 30 8.61 9.20 -7.44
CA MET A 30 8.77 7.80 -7.76
C MET A 30 10.00 7.22 -7.05
N SER A 31 11.17 7.73 -7.39
CA SER A 31 12.41 7.26 -6.80
C SER A 31 12.22 6.96 -5.32
N ASP A 32 11.75 7.96 -4.58
CA ASP A 32 11.52 7.81 -3.15
C ASP A 32 10.54 6.67 -2.87
N LEU A 33 9.29 6.86 -3.27
CA LEU A 33 8.25 5.86 -3.07
C LEU A 33 8.81 4.45 -3.24
N LYS A 34 9.52 4.23 -4.35
CA LYS A 34 10.12 2.94 -4.62
C LYS A 34 11.07 2.52 -3.51
N GLN A 35 11.93 3.46 -3.11
CA GLN A 35 12.90 3.19 -2.05
C GLN A 35 12.21 2.66 -0.79
N LYS A 36 11.12 3.32 -0.40
CA LYS A 36 10.37 2.93 0.78
C LYS A 36 9.63 1.61 0.54
N TYR A 37 9.14 1.43 -0.69
CA TYR A 37 8.40 0.23 -1.05
C TYR A 37 9.30 -1.00 -0.94
N GLN A 38 10.44 -0.94 -1.63
CA GLN A 38 11.39 -2.06 -1.62
C GLN A 38 11.69 -2.51 -0.19
N LYS A 39 12.16 -1.58 0.63
CA LYS A 39 12.48 -1.86 2.03
C LYS A 39 11.27 -2.43 2.75
N LEU A 40 10.09 -2.16 2.22
CA LEU A 40 8.84 -2.65 2.83
C LEU A 40 8.32 -3.87 2.08
N ILE A 41 9.22 -4.58 1.41
CA ILE A 41 8.85 -5.77 0.65
C ILE A 41 9.49 -7.02 1.25
N LEU A 42 10.72 -6.88 1.70
CA LEU A 42 11.45 -8.00 2.30
C LEU A 42 10.94 -8.29 3.71
N LEU A 43 10.66 -7.22 4.45
CA LEU A 43 10.17 -7.36 5.82
C LEU A 43 8.94 -8.27 5.88
N TYR A 44 8.03 -8.07 4.93
CA TYR A 44 6.81 -8.87 4.87
C TYR A 44 6.88 -9.88 3.74
N HIS A 45 8.07 -10.47 3.55
CA HIS A 45 8.28 -11.47 2.51
C HIS A 45 8.36 -12.87 3.11
N PRO A 46 7.76 -13.84 2.41
CA PRO A 46 7.75 -15.24 2.85
C PRO A 46 9.13 -15.89 2.74
N ASP A 47 9.78 -15.68 1.60
CA ASP A 47 11.12 -16.24 1.36
C ASP A 47 12.15 -15.55 2.25
N LYS A 48 11.96 -14.26 2.49
CA LYS A 48 12.88 -13.49 3.32
C LYS A 48 12.56 -13.67 4.80
N GLN A 49 12.18 -14.88 5.17
CA GLN A 49 11.85 -15.20 6.56
C GLN A 49 13.01 -15.88 7.25
N SER A 50 12.87 -16.11 8.56
CA SER A 50 13.91 -16.75 9.35
C SER A 50 13.37 -17.21 10.69
N ALA A 51 13.87 -18.36 11.17
CA ALA A 51 13.43 -18.91 12.44
C ALA A 51 13.21 -17.80 13.47
N ASP A 52 13.96 -16.71 13.32
CA ASP A 52 13.84 -15.58 14.23
C ASP A 52 12.38 -15.20 14.45
N VAL A 53 11.68 -14.86 13.37
CA VAL A 53 10.27 -14.48 13.45
C VAL A 53 9.42 -15.65 13.92
N PRO A 54 8.44 -15.35 14.78
CA PRO A 54 7.52 -16.36 15.34
C PRO A 54 6.57 -16.91 14.28
N ALA A 55 5.57 -17.67 14.73
CA ALA A 55 4.59 -18.26 13.83
C ALA A 55 3.41 -17.32 13.62
N GLY A 56 3.10 -16.53 14.64
CA GLY A 56 1.99 -15.60 14.55
C GLY A 56 2.26 -14.46 13.58
N THR A 57 3.49 -13.97 13.59
CA THR A 57 3.88 -12.88 12.71
C THR A 57 3.73 -13.27 11.24
N MET A 58 4.06 -14.51 10.93
CA MET A 58 3.96 -15.01 9.56
C MET A 58 2.57 -14.75 8.99
N GLU A 59 1.54 -15.00 9.79
CA GLU A 59 0.17 -14.79 9.36
C GLU A 59 -0.08 -13.31 9.04
N GLU A 60 0.41 -12.44 9.92
CA GLU A 60 0.24 -11.00 9.74
C GLU A 60 1.04 -10.51 8.54
N CYS A 61 2.19 -11.13 8.30
CA CYS A 61 3.05 -10.75 7.19
C CYS A 61 2.29 -10.82 5.86
N MET A 62 1.51 -11.89 5.70
CA MET A 62 0.72 -12.08 4.49
C MET A 62 -0.14 -10.85 4.19
N GLN A 63 -1.01 -10.51 5.14
CA GLN A 63 -1.89 -9.36 4.97
C GLN A 63 -1.12 -8.14 4.48
N LYS A 64 -0.09 -7.76 5.23
CA LYS A 64 0.73 -6.61 4.88
C LYS A 64 1.29 -6.76 3.47
N PHE A 65 2.01 -7.84 3.23
CA PHE A 65 2.60 -8.10 1.91
C PHE A 65 1.58 -7.85 0.81
N ILE A 66 0.40 -8.44 0.96
CA ILE A 66 -0.66 -8.29 -0.02
C ILE A 66 -0.99 -6.81 -0.25
N GLU A 67 -0.97 -6.03 0.82
CA GLU A 67 -1.26 -4.61 0.73
C GLU A 67 -0.13 -3.86 0.05
N ILE A 68 1.11 -4.14 0.47
CA ILE A 68 2.28 -3.50 -0.10
C ILE A 68 2.36 -3.73 -1.60
N ASP A 69 2.06 -4.95 -2.02
CA ASP A 69 2.09 -5.30 -3.45
C ASP A 69 1.03 -4.52 -4.22
N GLN A 70 0.08 -3.95 -3.50
CA GLN A 70 -1.00 -3.18 -4.11
C GLN A 70 -0.64 -1.69 -4.15
N ALA A 71 -0.16 -1.18 -3.02
CA ALA A 71 0.21 0.23 -2.93
C ALA A 71 1.12 0.63 -4.07
N TRP A 72 1.93 -0.31 -4.55
CA TRP A 72 2.85 -0.06 -5.64
C TRP A 72 2.13 -0.09 -6.98
N LYS A 73 1.16 -0.98 -7.11
CA LYS A 73 0.39 -1.10 -8.34
C LYS A 73 -0.18 0.24 -8.77
N ILE A 74 -0.25 1.18 -7.83
CA ILE A 74 -0.77 2.51 -8.12
C ILE A 74 0.33 3.57 -7.99
N LEU A 75 1.17 3.41 -6.98
CA LEU A 75 2.28 4.34 -6.75
C LEU A 75 3.58 3.81 -7.34
N GLY A 76 3.46 3.05 -8.42
CA GLY A 76 4.65 2.50 -9.06
C GLY A 76 4.80 2.95 -10.51
N ASN A 77 3.68 3.33 -11.11
CA ASN A 77 3.70 3.80 -12.49
C ASN A 77 3.43 5.29 -12.58
N GLU A 78 3.68 5.87 -13.75
CA GLU A 78 3.46 7.30 -13.95
C GLU A 78 1.99 7.60 -14.23
N GLU A 79 1.33 6.67 -14.93
CA GLU A 79 -0.08 6.84 -15.27
C GLU A 79 -0.96 6.68 -14.03
N THR A 80 -0.83 5.55 -13.36
CA THR A 80 -1.61 5.27 -12.16
C THR A 80 -1.39 6.35 -11.10
N LYS A 81 -0.15 6.47 -10.64
CA LYS A 81 0.20 7.46 -9.62
C LYS A 81 -0.44 8.81 -9.94
N LYS A 82 -0.38 9.19 -11.21
CA LYS A 82 -0.95 10.46 -11.65
C LYS A 82 -2.45 10.52 -11.33
N LYS A 83 -3.17 9.49 -11.74
CA LYS A 83 -4.61 9.42 -11.49
C LYS A 83 -4.92 9.49 -10.00
N TYR A 84 -4.33 8.58 -9.23
CA TYR A 84 -4.54 8.52 -7.79
C TYR A 84 -4.33 9.91 -7.18
N ASP A 85 -3.13 10.45 -7.34
CA ASP A 85 -2.79 11.76 -6.80
C ASP A 85 -3.92 12.75 -7.07
N LEU A 86 -4.57 12.61 -8.22
CA LEU A 86 -5.67 13.49 -8.60
C LEU A 86 -6.97 13.10 -7.89
N GLN A 87 -7.21 11.80 -7.82
CA GLN A 87 -8.42 11.28 -7.17
C GLN A 87 -8.46 11.68 -5.70
N ARG A 88 -7.39 11.34 -4.97
CA ARG A 88 -7.29 11.67 -3.56
C ARG A 88 -7.58 13.14 -3.31
N SER A 89 -7.02 14.00 -4.17
CA SER A 89 -7.22 15.44 -4.04
C SER A 89 -8.69 15.81 -4.24
N GLY A 90 -9.31 16.31 -3.17
CA GLY A 90 -10.71 16.70 -3.24
C GLY A 90 -10.93 18.11 -2.74
N PRO A 91 -12.19 18.58 -2.86
CA PRO A 91 -12.57 19.93 -2.42
C PRO A 91 -12.55 20.07 -0.91
N SER A 92 -12.18 19.00 -0.22
CA SER A 92 -12.11 19.01 1.24
C SER A 92 -10.84 19.69 1.73
N SER A 93 -10.95 20.42 2.83
CA SER A 93 -9.81 21.13 3.40
C SER A 93 -9.78 20.98 4.92
N GLY A 94 -8.69 20.43 5.44
CA GLY A 94 -8.56 20.24 6.87
C GLY A 94 -7.40 19.33 7.23
N GLY A 1 -15.72 -6.27 15.66
CA GLY A 1 -14.66 -6.18 14.67
C GLY A 1 -13.88 -7.48 14.54
N SER A 2 -13.54 -7.84 13.31
CA SER A 2 -12.79 -9.07 13.06
C SER A 2 -12.06 -8.99 11.72
N SER A 3 -11.16 -9.94 11.49
CA SER A 3 -10.39 -9.98 10.25
C SER A 3 -10.79 -11.18 9.41
N GLY A 4 -11.19 -10.93 8.17
CA GLY A 4 -11.59 -12.01 7.27
C GLY A 4 -10.67 -12.14 6.08
N SER A 5 -10.55 -13.35 5.55
CA SER A 5 -9.69 -13.61 4.40
C SER A 5 -10.46 -13.41 3.10
N SER A 6 -11.32 -12.40 3.09
CA SER A 6 -12.13 -12.10 1.90
C SER A 6 -11.89 -10.66 1.44
N GLY A 7 -12.22 -10.40 0.17
CA GLY A 7 -12.03 -9.06 -0.37
C GLY A 7 -13.20 -8.63 -1.24
N MET A 8 -14.34 -8.38 -0.62
CA MET A 8 -15.53 -7.96 -1.35
C MET A 8 -16.00 -6.59 -0.87
N ALA A 9 -15.93 -5.60 -1.76
CA ALA A 9 -16.35 -4.24 -1.44
C ALA A 9 -16.37 -3.36 -2.68
N LEU A 10 -16.76 -2.11 -2.50
CA LEU A 10 -16.82 -1.16 -3.61
C LEU A 10 -15.74 -0.08 -3.48
N GLU A 11 -14.89 0.02 -4.48
CA GLU A 11 -13.82 1.01 -4.48
C GLU A 11 -12.87 0.77 -3.31
N GLN A 12 -12.37 -0.46 -3.19
CA GLN A 12 -11.46 -0.82 -2.12
C GLN A 12 -10.03 -0.36 -2.43
N THR A 13 -9.89 0.43 -3.50
CA THR A 13 -8.59 0.93 -3.91
C THR A 13 -8.32 2.31 -3.34
N LEU A 14 -9.31 3.19 -3.45
CA LEU A 14 -9.19 4.56 -2.94
C LEU A 14 -9.36 4.58 -1.42
N LYS A 15 -9.93 3.52 -0.87
CA LYS A 15 -10.15 3.41 0.56
C LYS A 15 -8.84 3.07 1.29
N LYS A 16 -8.02 2.24 0.65
CA LYS A 16 -6.75 1.82 1.23
C LYS A 16 -5.71 2.92 1.08
N ASP A 17 -5.16 3.37 2.20
CA ASP A 17 -4.15 4.43 2.20
C ASP A 17 -2.79 3.87 1.83
N TRP A 18 -2.44 3.96 0.54
CA TRP A 18 -1.16 3.46 0.05
C TRP A 18 -0.01 4.29 0.61
N TYR A 19 -0.16 5.60 0.59
CA TYR A 19 0.87 6.50 1.09
C TYR A 19 1.22 6.18 2.53
N SER A 20 0.37 5.39 3.17
CA SER A 20 0.58 5.00 4.57
C SER A 20 1.21 3.62 4.66
N ILE A 21 0.77 2.72 3.79
CA ILE A 21 1.30 1.36 3.76
C ILE A 21 2.80 1.34 3.46
N LEU A 22 3.21 2.20 2.53
CA LEU A 22 4.61 2.29 2.14
C LEU A 22 5.35 3.31 3.02
N GLY A 23 4.64 3.85 4.00
CA GLY A 23 5.25 4.82 4.90
C GLY A 23 5.82 6.01 4.17
N ALA A 24 5.08 6.50 3.18
CA ALA A 24 5.51 7.64 2.39
C ALA A 24 4.49 8.78 2.47
N ASP A 25 4.76 9.86 1.74
CA ASP A 25 3.87 11.01 1.73
C ASP A 25 3.30 11.26 0.34
N PRO A 26 2.14 11.94 0.28
CA PRO A 26 1.48 12.25 -0.99
C PRO A 26 2.25 13.29 -1.81
N SER A 27 3.32 13.81 -1.23
CA SER A 27 4.14 14.80 -1.91
C SER A 27 5.44 14.19 -2.43
N ALA A 28 5.69 12.94 -2.05
CA ALA A 28 6.89 12.24 -2.47
C ALA A 28 6.88 11.99 -3.97
N ASN A 29 7.96 11.42 -4.48
CA ASN A 29 8.08 11.13 -5.91
C ASN A 29 8.41 9.66 -6.14
N MET A 30 8.10 9.17 -7.33
CA MET A 30 8.36 7.78 -7.68
C MET A 30 9.69 7.32 -7.10
N SER A 31 10.75 8.03 -7.44
CA SER A 31 12.09 7.69 -6.95
C SER A 31 12.06 7.39 -5.45
N ASP A 32 11.44 8.29 -4.69
CA ASP A 32 11.35 8.12 -3.24
C ASP A 32 10.51 6.89 -2.89
N LEU A 33 9.22 6.95 -3.21
CA LEU A 33 8.32 5.85 -2.93
C LEU A 33 8.98 4.51 -3.24
N LYS A 34 9.28 4.28 -4.52
CA LYS A 34 9.91 3.05 -4.95
C LYS A 34 10.90 2.54 -3.90
N GLN A 35 11.78 3.42 -3.45
CA GLN A 35 12.77 3.08 -2.44
C GLN A 35 12.10 2.58 -1.16
N LYS A 36 11.05 3.27 -0.74
CA LYS A 36 10.33 2.90 0.46
C LYS A 36 9.62 1.57 0.28
N TYR A 37 9.02 1.37 -0.90
CA TYR A 37 8.31 0.13 -1.20
C TYR A 37 9.26 -1.06 -1.14
N GLN A 38 10.35 -0.98 -1.90
CA GLN A 38 11.33 -2.06 -1.94
C GLN A 38 11.78 -2.44 -0.54
N LYS A 39 12.28 -1.47 0.21
CA LYS A 39 12.74 -1.71 1.57
C LYS A 39 11.62 -2.28 2.43
N LEU A 40 10.38 -2.14 1.96
CA LEU A 40 9.23 -2.65 2.68
C LEU A 40 8.70 -3.92 2.04
N ILE A 41 9.56 -4.60 1.28
CA ILE A 41 9.18 -5.84 0.62
C ILE A 41 9.93 -7.03 1.20
N LEU A 42 11.20 -6.81 1.55
CA LEU A 42 12.02 -7.86 2.13
C LEU A 42 11.66 -8.12 3.58
N LEU A 43 11.35 -7.05 4.31
CA LEU A 43 10.97 -7.16 5.71
C LEU A 43 9.79 -8.12 5.89
N TYR A 44 8.77 -7.94 5.06
CA TYR A 44 7.58 -8.78 5.14
C TYR A 44 7.56 -9.79 3.99
N HIS A 45 8.73 -10.37 3.71
CA HIS A 45 8.85 -11.36 2.65
C HIS A 45 8.75 -12.78 3.19
N PRO A 46 8.05 -13.65 2.46
CA PRO A 46 7.86 -15.04 2.86
C PRO A 46 9.16 -15.85 2.77
N ASP A 47 9.82 -15.78 1.62
CA ASP A 47 11.07 -16.49 1.41
C ASP A 47 12.14 -16.04 2.40
N LYS A 48 12.04 -14.78 2.83
CA LYS A 48 13.00 -14.22 3.77
C LYS A 48 12.49 -14.35 5.20
N GLN A 49 12.04 -15.56 5.55
CA GLN A 49 11.53 -15.83 6.90
C GLN A 49 12.42 -16.80 7.63
N SER A 50 12.02 -17.18 8.84
CA SER A 50 12.79 -18.12 9.65
C SER A 50 11.93 -18.69 10.78
N ALA A 51 12.11 -19.98 11.06
CA ALA A 51 11.36 -20.63 12.13
C ALA A 51 11.29 -19.76 13.36
N ASP A 52 12.29 -18.91 13.55
CA ASP A 52 12.34 -18.02 14.70
C ASP A 52 11.00 -17.32 14.91
N VAL A 53 10.48 -16.72 13.85
CA VAL A 53 9.19 -16.03 13.92
C VAL A 53 8.05 -17.00 14.21
N PRO A 54 7.15 -16.59 15.12
CA PRO A 54 6.00 -17.41 15.51
C PRO A 54 4.97 -17.53 14.38
N ALA A 55 3.94 -18.33 14.62
CA ALA A 55 2.88 -18.52 13.64
C ALA A 55 1.99 -17.29 13.54
N GLY A 56 1.77 -16.64 14.67
CA GLY A 56 0.93 -15.44 14.69
C GLY A 56 1.51 -14.32 13.85
N THR A 57 2.83 -14.16 13.91
CA THR A 57 3.50 -13.11 13.14
C THR A 57 3.42 -13.39 11.65
N MET A 58 3.72 -14.62 11.26
CA MET A 58 3.67 -15.00 9.85
C MET A 58 2.34 -14.59 9.21
N GLU A 59 1.26 -15.17 9.69
CA GLU A 59 -0.08 -14.87 9.17
C GLU A 59 -0.21 -13.38 8.88
N GLU A 60 0.05 -12.55 9.89
CA GLU A 60 -0.04 -11.11 9.73
C GLU A 60 0.89 -10.61 8.63
N CYS A 61 2.11 -11.14 8.63
CA CYS A 61 3.10 -10.75 7.62
C CYS A 61 2.50 -10.78 6.22
N MET A 62 1.63 -11.76 5.97
CA MET A 62 0.99 -11.90 4.67
C MET A 62 0.16 -10.66 4.34
N GLN A 63 -0.76 -10.31 5.22
CA GLN A 63 -1.62 -9.15 5.02
C GLN A 63 -0.79 -7.94 4.58
N LYS A 64 0.27 -7.65 5.32
CA LYS A 64 1.14 -6.52 4.99
C LYS A 64 1.70 -6.65 3.59
N PHE A 65 2.54 -7.67 3.37
CA PHE A 65 3.14 -7.89 2.06
C PHE A 65 2.13 -7.63 0.95
N ILE A 66 0.98 -8.30 1.03
CA ILE A 66 -0.06 -8.14 0.02
C ILE A 66 -0.37 -6.67 -0.22
N GLU A 67 -0.55 -5.92 0.87
CA GLU A 67 -0.85 -4.49 0.77
C GLU A 67 0.29 -3.74 0.09
N ILE A 68 1.52 -4.10 0.45
CA ILE A 68 2.69 -3.45 -0.14
C ILE A 68 2.73 -3.64 -1.65
N ASP A 69 2.61 -4.88 -2.10
CA ASP A 69 2.63 -5.19 -3.53
C ASP A 69 1.48 -4.49 -4.23
N GLN A 70 0.52 -3.99 -3.46
CA GLN A 70 -0.64 -3.30 -4.02
C GLN A 70 -0.40 -1.80 -4.08
N ALA A 71 0.24 -1.27 -3.05
CA ALA A 71 0.53 0.16 -2.98
C ALA A 71 1.45 0.59 -4.13
N TRP A 72 2.07 -0.39 -4.78
CA TRP A 72 2.97 -0.10 -5.89
C TRP A 72 2.25 -0.27 -7.23
N LYS A 73 1.09 -0.91 -7.19
CA LYS A 73 0.30 -1.13 -8.39
C LYS A 73 -0.48 0.13 -8.78
N ILE A 74 -0.56 1.08 -7.84
CA ILE A 74 -1.27 2.32 -8.09
C ILE A 74 -0.32 3.52 -8.04
N LEU A 75 0.55 3.53 -7.04
CA LEU A 75 1.53 4.62 -6.89
C LEU A 75 2.77 4.35 -7.73
N GLY A 76 2.94 3.11 -8.16
CA GLY A 76 4.10 2.75 -8.96
C GLY A 76 3.82 2.88 -10.45
N ASN A 77 2.91 3.77 -10.81
CA ASN A 77 2.55 3.99 -12.21
C ASN A 77 2.35 5.47 -12.50
N GLU A 78 2.02 5.79 -13.74
CA GLU A 78 1.80 7.17 -14.14
C GLU A 78 0.31 7.48 -14.23
N GLU A 79 -0.45 6.53 -14.75
CA GLU A 79 -1.90 6.71 -14.90
C GLU A 79 -2.60 6.57 -13.54
N THR A 80 -2.61 5.35 -13.01
CA THR A 80 -3.25 5.09 -11.73
C THR A 80 -2.75 6.06 -10.66
N LYS A 81 -1.44 6.26 -10.62
CA LYS A 81 -0.84 7.15 -9.64
C LYS A 81 -1.41 8.56 -9.78
N LYS A 82 -1.80 8.93 -10.99
CA LYS A 82 -2.36 10.25 -11.25
C LYS A 82 -3.83 10.30 -10.86
N LYS A 83 -4.50 9.15 -10.95
CA LYS A 83 -5.92 9.07 -10.60
C LYS A 83 -6.09 9.00 -9.09
N TYR A 84 -5.43 8.04 -8.46
CA TYR A 84 -5.52 7.87 -7.02
C TYR A 84 -5.21 9.17 -6.29
N ASP A 85 -4.30 9.95 -6.85
CA ASP A 85 -3.92 11.23 -6.26
C ASP A 85 -5.04 12.25 -6.41
N LEU A 86 -5.55 12.40 -7.63
CA LEU A 86 -6.62 13.34 -7.90
C LEU A 86 -7.88 12.99 -7.12
N GLN A 87 -8.13 11.69 -6.98
CA GLN A 87 -9.30 11.21 -6.25
C GLN A 87 -9.18 11.52 -4.77
N ARG A 88 -8.08 11.10 -4.16
CA ARG A 88 -7.84 11.34 -2.74
C ARG A 88 -7.82 12.84 -2.44
N SER A 89 -8.40 13.20 -1.30
CA SER A 89 -8.45 14.60 -0.90
C SER A 89 -8.61 14.73 0.62
N GLY A 90 -8.61 15.96 1.10
CA GLY A 90 -8.75 16.19 2.54
C GLY A 90 -7.49 15.86 3.31
N PRO A 91 -7.56 15.93 4.64
CA PRO A 91 -6.43 15.63 5.52
C PRO A 91 -6.06 14.15 5.52
N SER A 92 -4.77 13.87 5.51
CA SER A 92 -4.29 12.49 5.51
C SER A 92 -3.96 12.02 6.92
N SER A 93 -3.87 10.71 7.10
CA SER A 93 -3.56 10.14 8.41
C SER A 93 -2.06 9.94 8.57
N GLY A 94 -1.47 9.16 7.67
CA GLY A 94 -0.05 8.89 7.74
C GLY A 94 0.59 8.83 6.36
N GLY A 1 -22.54 11.57 -17.05
CA GLY A 1 -21.70 10.40 -16.91
C GLY A 1 -22.48 9.11 -16.94
N SER A 2 -21.83 8.03 -17.37
CA SER A 2 -22.49 6.72 -17.44
C SER A 2 -21.86 5.74 -16.47
N SER A 3 -22.64 5.29 -15.50
CA SER A 3 -22.15 4.35 -14.49
C SER A 3 -22.45 2.92 -14.91
N GLY A 4 -21.90 1.96 -14.17
CA GLY A 4 -22.11 0.56 -14.47
C GLY A 4 -21.10 -0.34 -13.79
N SER A 5 -21.19 -0.44 -12.47
CA SER A 5 -20.28 -1.28 -11.71
C SER A 5 -21.03 -2.11 -10.68
N SER A 6 -20.89 -3.42 -10.77
CA SER A 6 -21.57 -4.33 -9.85
C SER A 6 -20.56 -4.97 -8.89
N GLY A 7 -21.08 -5.73 -7.92
CA GLY A 7 -20.22 -6.38 -6.95
C GLY A 7 -19.87 -5.47 -5.78
N MET A 8 -20.82 -5.32 -4.86
CA MET A 8 -20.61 -4.47 -3.69
C MET A 8 -19.27 -4.77 -3.03
N ALA A 9 -18.60 -3.73 -2.56
CA ALA A 9 -17.31 -3.88 -1.90
C ALA A 9 -17.21 -3.00 -0.67
N LEU A 10 -16.18 -3.24 0.14
CA LEU A 10 -15.98 -2.46 1.36
C LEU A 10 -14.66 -1.68 1.30
N GLU A 11 -13.65 -2.30 0.68
CA GLU A 11 -12.35 -1.65 0.55
C GLU A 11 -11.83 -1.75 -0.87
N GLN A 12 -12.07 -0.71 -1.65
CA GLN A 12 -11.62 -0.69 -3.05
C GLN A 12 -10.12 -0.46 -3.14
N THR A 13 -9.61 -0.35 -4.36
CA THR A 13 -8.18 -0.13 -4.58
C THR A 13 -7.82 1.34 -4.41
N LEU A 14 -8.83 2.19 -4.22
CA LEU A 14 -8.62 3.62 -4.04
C LEU A 14 -8.80 4.01 -2.57
N LYS A 15 -9.96 3.67 -2.02
CA LYS A 15 -10.26 4.00 -0.62
C LYS A 15 -9.09 3.63 0.28
N LYS A 16 -8.32 2.63 -0.14
CA LYS A 16 -7.16 2.19 0.64
C LYS A 16 -6.04 3.23 0.58
N ASP A 17 -5.49 3.58 1.73
CA ASP A 17 -4.41 4.55 1.81
C ASP A 17 -3.06 3.90 1.53
N TRP A 18 -2.59 4.03 0.30
CA TRP A 18 -1.32 3.44 -0.10
C TRP A 18 -0.15 4.28 0.43
N TYR A 19 -0.32 5.59 0.46
CA TYR A 19 0.71 6.48 0.95
C TYR A 19 1.04 6.20 2.42
N SER A 20 0.17 5.43 3.07
CA SER A 20 0.36 5.09 4.47
C SER A 20 1.00 3.71 4.61
N ILE A 21 0.65 2.81 3.69
CA ILE A 21 1.19 1.46 3.71
C ILE A 21 2.67 1.45 3.36
N LEU A 22 3.07 2.37 2.49
CA LEU A 22 4.46 2.48 2.06
C LEU A 22 5.20 3.54 2.87
N GLY A 23 4.56 4.02 3.94
CA GLY A 23 5.18 5.04 4.77
C GLY A 23 5.70 6.21 3.98
N ALA A 24 4.95 6.62 2.96
CA ALA A 24 5.36 7.73 2.12
C ALA A 24 4.34 8.87 2.18
N ASP A 25 4.61 9.94 1.45
CA ASP A 25 3.72 11.10 1.42
C ASP A 25 3.05 11.23 0.06
N PRO A 26 1.88 11.89 0.04
CA PRO A 26 1.11 12.10 -1.19
C PRO A 26 1.80 13.08 -2.15
N SER A 27 2.96 13.58 -1.74
CA SER A 27 3.71 14.53 -2.55
C SER A 27 5.12 14.02 -2.80
N ALA A 28 5.34 12.73 -2.55
CA ALA A 28 6.64 12.12 -2.75
C ALA A 28 6.89 11.82 -4.22
N ASN A 29 8.15 11.86 -4.63
CA ASN A 29 8.53 11.60 -6.02
C ASN A 29 8.52 10.10 -6.30
N MET A 30 8.76 9.75 -7.56
CA MET A 30 8.78 8.34 -7.97
C MET A 30 10.06 7.66 -7.49
N SER A 31 11.17 8.37 -7.58
CA SER A 31 12.46 7.83 -7.15
C SER A 31 12.51 7.68 -5.63
N ASP A 32 11.50 8.21 -4.96
CA ASP A 32 11.43 8.14 -3.50
C ASP A 32 10.44 7.06 -3.05
N LEU A 33 9.25 7.09 -3.64
CA LEU A 33 8.22 6.11 -3.31
C LEU A 33 8.72 4.69 -3.50
N LYS A 34 9.41 4.45 -4.62
CA LYS A 34 9.95 3.13 -4.92
C LYS A 34 10.85 2.64 -3.78
N GLN A 35 11.81 3.47 -3.39
CA GLN A 35 12.74 3.11 -2.32
C GLN A 35 11.99 2.56 -1.11
N LYS A 36 10.92 3.26 -0.72
CA LYS A 36 10.11 2.84 0.42
C LYS A 36 9.45 1.49 0.16
N TYR A 37 8.86 1.34 -1.03
CA TYR A 37 8.20 0.10 -1.39
C TYR A 37 9.17 -1.08 -1.33
N GLN A 38 10.31 -0.94 -2.00
CA GLN A 38 11.31 -1.99 -2.02
C GLN A 38 11.67 -2.43 -0.61
N LYS A 39 12.14 -1.48 0.20
CA LYS A 39 12.51 -1.78 1.59
C LYS A 39 11.35 -2.40 2.34
N LEU A 40 10.14 -2.23 1.81
CA LEU A 40 8.95 -2.77 2.43
C LEU A 40 8.48 -4.04 1.72
N ILE A 41 9.38 -4.64 0.95
CA ILE A 41 9.07 -5.86 0.22
C ILE A 41 9.81 -7.06 0.80
N LEU A 42 10.93 -6.78 1.46
CA LEU A 42 11.74 -7.84 2.06
C LEU A 42 11.53 -7.89 3.56
N LEU A 43 10.75 -6.95 4.08
CA LEU A 43 10.46 -6.89 5.51
C LEU A 43 9.27 -7.77 5.87
N TYR A 44 8.43 -8.03 4.88
CA TYR A 44 7.24 -8.86 5.09
C TYR A 44 7.25 -10.07 4.16
N HIS A 45 8.28 -10.15 3.31
CA HIS A 45 8.40 -11.25 2.38
C HIS A 45 8.30 -12.60 3.09
N PRO A 46 7.59 -13.55 2.45
CA PRO A 46 7.40 -14.89 3.01
C PRO A 46 8.69 -15.71 3.03
N ASP A 47 9.45 -15.64 1.94
CA ASP A 47 10.70 -16.37 1.84
C ASP A 47 11.73 -15.83 2.83
N LYS A 48 11.81 -14.51 2.94
CA LYS A 48 12.75 -13.88 3.85
C LYS A 48 12.53 -14.35 5.28
N GLN A 49 11.29 -14.74 5.59
CA GLN A 49 10.95 -15.22 6.92
C GLN A 49 11.99 -16.20 7.42
N SER A 50 11.89 -16.58 8.70
CA SER A 50 12.82 -17.51 9.30
C SER A 50 12.20 -18.18 10.53
N ALA A 51 12.67 -19.39 10.85
CA ALA A 51 12.17 -20.13 11.99
C ALA A 51 12.06 -19.24 13.22
N ASP A 52 12.80 -18.14 13.21
CA ASP A 52 12.80 -17.21 14.33
C ASP A 52 11.38 -16.75 14.64
N VAL A 53 10.71 -16.18 13.65
CA VAL A 53 9.33 -15.70 13.82
C VAL A 53 8.37 -16.86 14.05
N PRO A 54 7.43 -16.67 14.99
CA PRO A 54 6.44 -17.69 15.33
C PRO A 54 5.42 -17.89 14.21
N ALA A 55 4.31 -18.55 14.54
CA ALA A 55 3.26 -18.82 13.56
C ALA A 55 2.27 -17.66 13.52
N GLY A 56 1.98 -17.09 14.67
CA GLY A 56 1.04 -15.98 14.75
C GLY A 56 1.49 -14.78 13.94
N THR A 57 2.78 -14.46 14.04
CA THR A 57 3.35 -13.33 13.33
C THR A 57 3.22 -13.52 11.81
N MET A 58 3.42 -14.75 11.36
CA MET A 58 3.33 -15.06 9.93
C MET A 58 2.02 -14.54 9.35
N GLU A 59 0.92 -14.78 10.06
CA GLU A 59 -0.39 -14.33 9.60
C GLU A 59 -0.37 -12.84 9.25
N GLU A 60 0.08 -12.03 10.20
CA GLU A 60 0.15 -10.58 9.99
C GLU A 60 1.12 -10.24 8.86
N CYS A 61 2.23 -10.99 8.80
CA CYS A 61 3.24 -10.76 7.77
C CYS A 61 2.63 -10.85 6.38
N MET A 62 1.76 -11.84 6.18
CA MET A 62 1.12 -12.04 4.89
C MET A 62 0.37 -10.78 4.46
N GLN A 63 -0.73 -10.48 5.14
CA GLN A 63 -1.52 -9.31 4.83
C GLN A 63 -0.63 -8.11 4.50
N LYS A 64 0.39 -7.89 5.32
CA LYS A 64 1.32 -6.79 5.11
C LYS A 64 1.92 -6.84 3.71
N PHE A 65 2.49 -7.99 3.36
CA PHE A 65 3.10 -8.15 2.04
C PHE A 65 2.10 -7.83 0.94
N ILE A 66 1.05 -8.63 0.83
CA ILE A 66 0.03 -8.43 -0.18
C ILE A 66 -0.31 -6.95 -0.33
N GLU A 67 -0.48 -6.27 0.81
CA GLU A 67 -0.80 -4.85 0.80
C GLU A 67 0.30 -4.03 0.13
N ILE A 68 1.54 -4.28 0.55
CA ILE A 68 2.69 -3.58 -0.01
C ILE A 68 2.79 -3.79 -1.51
N ASP A 69 2.63 -5.05 -1.94
CA ASP A 69 2.71 -5.38 -3.36
C ASP A 69 1.57 -4.71 -4.14
N GLN A 70 0.64 -4.10 -3.41
CA GLN A 70 -0.49 -3.41 -4.03
C GLN A 70 -0.27 -1.91 -4.04
N ALA A 71 0.25 -1.38 -2.93
CA ALA A 71 0.51 0.05 -2.82
C ALA A 71 1.36 0.55 -3.97
N TRP A 72 2.04 -0.37 -4.65
CA TRP A 72 2.89 -0.03 -5.78
C TRP A 72 2.08 0.09 -7.06
N LYS A 73 1.19 -0.86 -7.28
CA LYS A 73 0.34 -0.86 -8.47
C LYS A 73 -0.25 0.53 -8.71
N ILE A 74 -0.35 1.31 -7.65
CA ILE A 74 -0.89 2.66 -7.76
C ILE A 74 0.20 3.71 -7.61
N LEU A 75 0.93 3.67 -6.50
CA LEU A 75 2.00 4.62 -6.26
C LEU A 75 3.31 4.11 -6.84
N GLY A 76 3.22 3.29 -7.89
CA GLY A 76 4.40 2.76 -8.53
C GLY A 76 4.70 3.44 -9.84
N ASN A 77 3.80 4.30 -10.28
CA ASN A 77 3.97 5.02 -11.55
C ASN A 77 3.60 6.50 -11.38
N GLU A 78 4.12 7.32 -12.28
CA GLU A 78 3.84 8.76 -12.24
C GLU A 78 2.37 9.04 -12.52
N GLU A 79 1.84 8.39 -13.55
CA GLU A 79 0.44 8.57 -13.94
C GLU A 79 -0.50 8.12 -12.81
N THR A 80 -0.54 6.82 -12.57
CA THR A 80 -1.40 6.26 -11.53
C THR A 80 -1.26 7.06 -10.23
N LYS A 81 -0.02 7.35 -9.85
CA LYS A 81 0.24 8.11 -8.63
C LYS A 81 -0.47 9.45 -8.67
N LYS A 82 -0.61 10.02 -9.87
CA LYS A 82 -1.28 11.30 -10.03
C LYS A 82 -2.79 11.15 -9.98
N LYS A 83 -3.32 10.25 -10.80
CA LYS A 83 -4.76 10.00 -10.84
C LYS A 83 -5.29 9.61 -9.46
N TYR A 84 -4.49 8.85 -8.72
CA TYR A 84 -4.87 8.41 -7.39
C TYR A 84 -5.09 9.61 -6.47
N ASP A 85 -4.09 10.49 -6.41
CA ASP A 85 -4.17 11.68 -5.57
C ASP A 85 -5.48 12.43 -5.81
N LEU A 86 -5.92 12.45 -7.06
CA LEU A 86 -7.15 13.13 -7.43
C LEU A 86 -8.37 12.39 -6.90
N GLN A 87 -8.38 11.07 -7.08
CA GLN A 87 -9.48 10.24 -6.62
C GLN A 87 -9.74 10.46 -5.13
N ARG A 88 -8.66 10.62 -4.36
CA ARG A 88 -8.77 10.83 -2.92
C ARG A 88 -9.89 11.82 -2.61
N SER A 89 -10.39 11.76 -1.37
CA SER A 89 -11.47 12.64 -0.95
C SER A 89 -10.91 13.94 -0.37
N GLY A 90 -9.88 13.81 0.46
CA GLY A 90 -9.27 14.98 1.07
C GLY A 90 -8.68 14.69 2.43
N PRO A 91 -7.69 15.49 2.84
CA PRO A 91 -7.03 15.34 4.14
C PRO A 91 -7.94 15.69 5.31
N SER A 92 -8.68 16.79 5.15
CA SER A 92 -9.60 17.24 6.20
C SER A 92 -10.79 16.30 6.32
N SER A 93 -10.82 15.53 7.40
CA SER A 93 -11.91 14.58 7.63
C SER A 93 -12.93 15.16 8.62
N GLY A 94 -14.10 14.54 8.68
CA GLY A 94 -15.14 15.00 9.58
C GLY A 94 -15.43 14.01 10.68
N GLY A 1 -34.23 11.79 3.84
CA GLY A 1 -33.14 11.53 4.76
C GLY A 1 -32.33 10.31 4.37
N SER A 2 -31.84 10.31 3.13
CA SER A 2 -31.05 9.19 2.63
C SER A 2 -29.75 9.04 3.42
N SER A 3 -29.16 7.86 3.36
CA SER A 3 -27.91 7.58 4.07
C SER A 3 -27.06 6.57 3.32
N GLY A 4 -25.75 6.64 3.51
CA GLY A 4 -24.84 5.73 2.84
C GLY A 4 -23.91 5.02 3.81
N SER A 5 -22.65 5.44 3.83
CA SER A 5 -21.66 4.83 4.72
C SER A 5 -21.47 3.36 4.37
N SER A 6 -21.72 3.01 3.12
CA SER A 6 -21.57 1.63 2.67
C SER A 6 -20.14 1.14 2.86
N GLY A 7 -19.98 -0.15 3.11
CA GLY A 7 -18.66 -0.72 3.33
C GLY A 7 -18.23 -1.60 2.16
N MET A 8 -19.15 -2.38 1.62
CA MET A 8 -18.86 -3.26 0.50
C MET A 8 -18.84 -2.49 -0.81
N ALA A 9 -17.65 -2.23 -1.33
CA ALA A 9 -17.52 -1.51 -2.59
C ALA A 9 -16.98 -2.42 -3.69
N LEU A 10 -17.17 -1.99 -4.94
CA LEU A 10 -16.71 -2.78 -6.08
C LEU A 10 -15.23 -2.56 -6.34
N GLU A 11 -14.83 -1.30 -6.47
CA GLU A 11 -13.44 -0.96 -6.72
C GLU A 11 -12.56 -1.38 -5.54
N GLN A 12 -12.82 -0.79 -4.38
CA GLN A 12 -12.06 -1.10 -3.18
C GLN A 12 -10.56 -0.94 -3.43
N THR A 13 -10.17 0.22 -3.95
CA THR A 13 -8.77 0.50 -4.24
C THR A 13 -8.36 1.87 -3.72
N LEU A 14 -9.16 2.88 -4.05
CA LEU A 14 -8.87 4.24 -3.62
C LEU A 14 -9.13 4.41 -2.12
N LYS A 15 -10.33 4.04 -1.69
CA LYS A 15 -10.71 4.14 -0.29
C LYS A 15 -9.54 3.77 0.61
N LYS A 16 -8.67 2.88 0.13
CA LYS A 16 -7.51 2.44 0.89
C LYS A 16 -6.36 3.42 0.72
N ASP A 17 -5.65 3.68 1.81
CA ASP A 17 -4.51 4.60 1.78
C ASP A 17 -3.22 3.87 1.44
N TRP A 18 -2.52 4.37 0.44
CA TRP A 18 -1.26 3.76 0.00
C TRP A 18 -0.07 4.48 0.61
N TYR A 19 -0.11 5.80 0.58
CA TYR A 19 0.97 6.62 1.12
C TYR A 19 1.23 6.27 2.59
N SER A 20 0.31 5.53 3.18
CA SER A 20 0.43 5.13 4.59
C SER A 20 0.99 3.72 4.69
N ILE A 21 0.56 2.84 3.80
CA ILE A 21 1.01 1.46 3.79
C ILE A 21 2.49 1.37 3.44
N LEU A 22 2.95 2.27 2.58
CA LEU A 22 4.34 2.30 2.15
C LEU A 22 5.15 3.27 3.01
N GLY A 23 4.55 3.71 4.12
CA GLY A 23 5.23 4.63 5.01
C GLY A 23 5.88 5.79 4.26
N ALA A 24 5.14 6.37 3.32
CA ALA A 24 5.65 7.48 2.53
C ALA A 24 4.70 8.66 2.58
N ASP A 25 5.07 9.74 1.89
CA ASP A 25 4.24 10.95 1.85
C ASP A 25 3.63 11.15 0.46
N PRO A 26 2.53 11.91 0.40
CA PRO A 26 1.84 12.20 -0.85
C PRO A 26 2.64 13.12 -1.75
N SER A 27 3.65 13.76 -1.19
CA SER A 27 4.50 14.68 -1.95
C SER A 27 5.66 13.93 -2.60
N ALA A 28 5.88 12.70 -2.17
CA ALA A 28 6.95 11.87 -2.72
C ALA A 28 6.72 11.58 -4.19
N ASN A 29 7.70 10.94 -4.83
CA ASN A 29 7.60 10.60 -6.25
C ASN A 29 7.93 9.13 -6.48
N MET A 30 7.98 8.73 -7.75
CA MET A 30 8.30 7.35 -8.10
C MET A 30 9.55 6.87 -7.38
N SER A 31 10.64 7.62 -7.57
CA SER A 31 11.92 7.26 -6.94
C SER A 31 11.74 7.04 -5.43
N ASP A 32 11.46 8.13 -4.71
CA ASP A 32 11.27 8.05 -3.27
C ASP A 32 10.31 6.93 -2.91
N LEU A 33 9.09 7.00 -3.41
CA LEU A 33 8.07 5.99 -3.14
C LEU A 33 8.65 4.60 -3.32
N LYS A 34 9.41 4.40 -4.41
CA LYS A 34 10.01 3.11 -4.70
C LYS A 34 10.93 2.67 -3.57
N GLN A 35 11.76 3.58 -3.09
CA GLN A 35 12.69 3.29 -2.00
C GLN A 35 11.95 2.70 -0.80
N LYS A 36 10.81 3.30 -0.46
CA LYS A 36 10.01 2.84 0.66
C LYS A 36 9.38 1.48 0.36
N TYR A 37 8.80 1.37 -0.84
CA TYR A 37 8.15 0.13 -1.25
C TYR A 37 9.13 -1.04 -1.20
N GLN A 38 10.28 -0.87 -1.85
CA GLN A 38 11.30 -1.91 -1.87
C GLN A 38 11.62 -2.40 -0.45
N LYS A 39 12.09 -1.48 0.38
CA LYS A 39 12.44 -1.81 1.76
C LYS A 39 11.26 -2.49 2.47
N LEU A 40 10.07 -2.33 1.91
CA LEU A 40 8.87 -2.93 2.48
C LEU A 40 8.46 -4.18 1.71
N ILE A 41 9.43 -4.77 1.01
CA ILE A 41 9.17 -5.98 0.23
C ILE A 41 9.95 -7.16 0.79
N LEU A 42 11.08 -6.88 1.42
CA LEU A 42 11.93 -7.92 1.99
C LEU A 42 11.69 -8.04 3.49
N LEU A 43 10.91 -7.12 4.04
CA LEU A 43 10.60 -7.12 5.47
C LEU A 43 9.43 -8.05 5.76
N TYR A 44 8.61 -8.30 4.75
CA TYR A 44 7.45 -9.17 4.91
C TYR A 44 7.48 -10.31 3.89
N HIS A 45 8.59 -10.42 3.18
CA HIS A 45 8.74 -11.47 2.16
C HIS A 45 8.64 -12.85 2.79
N PRO A 46 7.97 -13.77 2.09
CA PRO A 46 7.78 -15.15 2.57
C PRO A 46 9.09 -15.94 2.54
N ASP A 47 9.85 -15.80 1.45
CA ASP A 47 11.11 -16.50 1.30
C ASP A 47 12.12 -16.04 2.35
N LYS A 48 12.01 -14.77 2.74
CA LYS A 48 12.92 -14.20 3.73
C LYS A 48 12.37 -14.41 5.14
N GLN A 49 11.93 -15.62 5.43
CA GLN A 49 11.40 -15.95 6.75
C GLN A 49 12.22 -17.04 7.42
N SER A 50 11.80 -17.45 8.61
CA SER A 50 12.50 -18.49 9.36
C SER A 50 11.60 -19.08 10.44
N ALA A 51 11.67 -20.41 10.59
CA ALA A 51 10.86 -21.10 11.58
C ALA A 51 10.88 -20.36 12.92
N ASP A 52 11.98 -19.66 13.19
CA ASP A 52 12.12 -18.91 14.43
C ASP A 52 10.86 -18.09 14.72
N VAL A 53 10.29 -17.51 13.67
CA VAL A 53 9.08 -16.71 13.82
C VAL A 53 7.86 -17.58 14.09
N PRO A 54 7.00 -17.13 15.00
CA PRO A 54 5.77 -17.85 15.37
C PRO A 54 4.75 -17.86 14.23
N ALA A 55 3.67 -18.63 14.43
CA ALA A 55 2.61 -18.72 13.44
C ALA A 55 1.85 -17.40 13.32
N GLY A 56 1.51 -16.83 14.47
CA GLY A 56 0.78 -15.57 14.48
C GLY A 56 1.48 -14.48 13.69
N THR A 57 2.81 -14.44 13.82
CA THR A 57 3.60 -13.43 13.12
C THR A 57 3.51 -13.61 11.61
N MET A 58 3.49 -14.87 11.17
CA MET A 58 3.41 -15.17 9.74
C MET A 58 2.15 -14.55 9.13
N GLU A 59 1.01 -14.80 9.76
CA GLU A 59 -0.26 -14.25 9.27
C GLU A 59 -0.18 -12.75 9.10
N GLU A 60 0.36 -12.06 10.11
CA GLU A 60 0.50 -10.62 10.07
C GLU A 60 1.51 -10.19 9.01
N CYS A 61 2.60 -10.94 8.90
CA CYS A 61 3.64 -10.64 7.93
C CYS A 61 3.07 -10.60 6.51
N MET A 62 2.25 -11.59 6.19
CA MET A 62 1.63 -11.67 4.86
C MET A 62 0.72 -10.47 4.61
N GLN A 63 -0.34 -10.35 5.42
CA GLN A 63 -1.28 -9.25 5.28
C GLN A 63 -0.56 -7.98 4.84
N LYS A 64 0.65 -7.78 5.33
CA LYS A 64 1.43 -6.60 4.99
C LYS A 64 1.97 -6.70 3.56
N PHE A 65 2.67 -7.79 3.28
CA PHE A 65 3.23 -8.00 1.94
C PHE A 65 2.19 -7.73 0.86
N ILE A 66 1.10 -8.48 0.88
CA ILE A 66 0.04 -8.32 -0.09
C ILE A 66 -0.23 -6.85 -0.37
N GLU A 67 -0.54 -6.10 0.68
CA GLU A 67 -0.83 -4.67 0.55
C GLU A 67 0.33 -3.96 -0.14
N ILE A 68 1.54 -4.15 0.39
CA ILE A 68 2.73 -3.52 -0.17
C ILE A 68 2.79 -3.71 -1.69
N ASP A 69 2.59 -4.94 -2.12
CA ASP A 69 2.61 -5.26 -3.55
C ASP A 69 1.52 -4.51 -4.30
N GLN A 70 0.51 -4.06 -3.56
CA GLN A 70 -0.59 -3.32 -4.15
C GLN A 70 -0.31 -1.82 -4.18
N ALA A 71 -0.04 -1.26 -3.01
CA ALA A 71 0.26 0.16 -2.90
C ALA A 71 1.19 0.62 -4.01
N TRP A 72 1.94 -0.32 -4.57
CA TRP A 72 2.87 -0.01 -5.65
C TRP A 72 2.15 0.04 -6.99
N LYS A 73 1.17 -0.85 -7.18
CA LYS A 73 0.40 -0.90 -8.41
C LYS A 73 -0.10 0.48 -8.80
N ILE A 74 -0.41 1.29 -7.80
CA ILE A 74 -0.90 2.65 -8.03
C ILE A 74 0.24 3.66 -8.00
N LEU A 75 1.05 3.59 -6.95
CA LEU A 75 2.18 4.50 -6.81
C LEU A 75 3.39 4.01 -7.61
N GLY A 76 3.14 3.13 -8.57
CA GLY A 76 4.21 2.60 -9.39
C GLY A 76 4.35 3.33 -10.71
N ASN A 77 3.22 3.67 -11.32
CA ASN A 77 3.23 4.37 -12.59
C ASN A 77 3.03 5.87 -12.39
N GLU A 78 3.28 6.65 -13.44
CA GLU A 78 3.14 8.09 -13.36
C GLU A 78 1.67 8.50 -13.55
N GLU A 79 0.92 7.68 -14.28
CA GLU A 79 -0.48 7.95 -14.54
C GLU A 79 -1.33 7.63 -13.32
N THR A 80 -1.29 6.37 -12.88
CA THR A 80 -2.05 5.93 -11.73
C THR A 80 -1.74 6.78 -10.51
N LYS A 81 -0.46 7.10 -10.33
CA LYS A 81 -0.03 7.92 -9.20
C LYS A 81 -0.68 9.30 -9.24
N LYS A 82 -0.87 9.82 -10.45
CA LYS A 82 -1.48 11.13 -10.62
C LYS A 82 -2.97 11.09 -10.28
N LYS A 83 -3.66 10.10 -10.83
CA LYS A 83 -5.10 9.94 -10.58
C LYS A 83 -5.38 9.84 -9.08
N TYR A 84 -4.71 8.90 -8.42
CA TYR A 84 -4.89 8.70 -6.98
C TYR A 84 -4.83 10.03 -6.24
N ASP A 85 -3.83 10.84 -6.57
CA ASP A 85 -3.66 12.13 -5.94
C ASP A 85 -4.93 12.96 -6.03
N LEU A 86 -5.51 13.03 -7.23
CA LEU A 86 -6.73 13.80 -7.45
C LEU A 86 -7.88 13.21 -6.67
N GLN A 87 -7.91 11.88 -6.56
CA GLN A 87 -8.97 11.19 -5.82
C GLN A 87 -8.90 11.52 -4.34
N ARG A 88 -7.76 11.23 -3.72
CA ARG A 88 -7.57 11.50 -2.30
C ARG A 88 -7.86 12.95 -1.97
N SER A 89 -8.33 13.20 -0.75
CA SER A 89 -8.66 14.55 -0.32
C SER A 89 -7.74 14.99 0.81
N GLY A 90 -7.84 16.26 1.20
CA GLY A 90 -7.02 16.79 2.26
C GLY A 90 -6.79 18.28 2.15
N PRO A 91 -6.41 18.92 3.25
CA PRO A 91 -6.15 20.36 3.29
C PRO A 91 -4.89 20.75 2.53
N SER A 92 -3.81 20.02 2.77
CA SER A 92 -2.55 20.28 2.09
C SER A 92 -1.55 19.14 2.33
N SER A 93 -0.66 18.93 1.37
CA SER A 93 0.34 17.87 1.48
C SER A 93 1.40 18.23 2.51
N GLY A 94 2.12 19.32 2.26
CA GLY A 94 3.16 19.75 3.18
C GLY A 94 2.82 21.07 3.87
N GLY A 1 -31.79 2.32 0.30
CA GLY A 1 -31.00 2.70 -0.86
C GLY A 1 -29.92 1.69 -1.20
N SER A 2 -28.74 2.18 -1.52
CA SER A 2 -27.61 1.31 -1.87
C SER A 2 -27.07 0.61 -0.62
N SER A 3 -27.19 -0.71 -0.60
CA SER A 3 -26.72 -1.50 0.53
C SER A 3 -25.45 -2.26 0.17
N GLY A 4 -24.51 -1.55 -0.47
CA GLY A 4 -23.25 -2.18 -0.86
C GLY A 4 -22.64 -1.50 -2.07
N SER A 5 -22.43 -0.18 -1.96
CA SER A 5 -21.83 0.58 -3.06
C SER A 5 -22.34 0.08 -4.41
N SER A 6 -23.65 -0.09 -4.52
CA SER A 6 -24.26 -0.57 -5.76
C SER A 6 -23.63 -1.90 -6.19
N GLY A 7 -23.53 -2.84 -5.25
CA GLY A 7 -22.96 -4.12 -5.55
C GLY A 7 -21.44 -4.14 -5.40
N MET A 8 -20.83 -5.29 -5.68
CA MET A 8 -19.39 -5.42 -5.57
C MET A 8 -18.70 -5.02 -6.87
N ALA A 9 -17.39 -4.80 -6.80
CA ALA A 9 -16.62 -4.41 -7.98
C ALA A 9 -15.35 -5.23 -8.10
N LEU A 10 -14.95 -5.52 -9.33
CA LEU A 10 -13.76 -6.30 -9.60
C LEU A 10 -12.50 -5.43 -9.55
N GLU A 11 -12.57 -4.28 -10.21
CA GLU A 11 -11.44 -3.36 -10.23
C GLU A 11 -11.50 -2.39 -9.06
N GLN A 12 -11.70 -2.95 -7.86
CA GLN A 12 -11.77 -2.14 -6.65
C GLN A 12 -10.39 -1.60 -6.27
N THR A 13 -10.06 -0.42 -6.78
CA THR A 13 -8.78 0.19 -6.49
C THR A 13 -8.92 1.70 -6.29
N LEU A 14 -7.82 2.36 -5.93
CA LEU A 14 -7.83 3.80 -5.71
C LEU A 14 -8.71 4.16 -4.53
N LYS A 15 -8.79 3.26 -3.55
CA LYS A 15 -9.61 3.49 -2.36
C LYS A 15 -8.76 3.42 -1.10
N LYS A 16 -7.98 2.35 -0.98
CA LYS A 16 -7.12 2.15 0.19
C LYS A 16 -5.93 3.11 0.15
N ASP A 17 -5.60 3.67 1.31
CA ASP A 17 -4.49 4.61 1.41
C ASP A 17 -3.17 3.90 1.15
N TRP A 18 -2.48 4.33 0.09
CA TRP A 18 -1.20 3.74 -0.28
C TRP A 18 -0.04 4.55 0.32
N TYR A 19 -0.20 5.85 0.36
CA TYR A 19 0.82 6.74 0.90
C TYR A 19 1.08 6.44 2.38
N SER A 20 0.18 5.67 2.98
CA SER A 20 0.31 5.32 4.38
C SER A 20 0.92 3.93 4.54
N ILE A 21 0.53 3.01 3.66
CA ILE A 21 1.04 1.65 3.71
C ILE A 21 2.54 1.62 3.44
N LEU A 22 3.00 2.46 2.52
CA LEU A 22 4.40 2.54 2.17
C LEU A 22 5.12 3.61 2.99
N GLY A 23 4.46 4.05 4.06
CA GLY A 23 5.05 5.07 4.92
C GLY A 23 5.65 6.22 4.14
N ALA A 24 4.94 6.67 3.11
CA ALA A 24 5.41 7.77 2.27
C ALA A 24 4.44 8.95 2.31
N ASP A 25 4.73 9.98 1.52
CA ASP A 25 3.89 11.16 1.47
C ASP A 25 3.38 11.40 0.05
N PRO A 26 2.23 12.08 -0.07
CA PRO A 26 1.62 12.39 -1.36
C PRO A 26 2.42 13.42 -2.15
N SER A 27 3.49 13.92 -1.55
CA SER A 27 4.34 14.91 -2.19
C SER A 27 5.64 14.28 -2.67
N ALA A 28 5.85 13.02 -2.33
CA ALA A 28 7.05 12.29 -2.72
C ALA A 28 7.07 12.03 -4.22
N ASN A 29 8.12 11.38 -4.70
CA ASN A 29 8.26 11.07 -6.11
C ASN A 29 8.44 9.56 -6.33
N MET A 30 8.42 9.15 -7.59
CA MET A 30 8.59 7.73 -7.93
C MET A 30 9.83 7.16 -7.28
N SER A 31 10.93 7.91 -7.33
CA SER A 31 12.19 7.48 -6.74
C SER A 31 12.02 7.17 -5.26
N ASP A 32 11.67 8.20 -4.50
CA ASP A 32 11.48 8.04 -3.05
C ASP A 32 10.61 6.83 -2.75
N LEU A 33 9.35 6.89 -3.17
CA LEU A 33 8.41 5.79 -2.96
C LEU A 33 9.07 4.45 -3.22
N LYS A 34 9.49 4.24 -4.46
CA LYS A 34 10.14 2.99 -4.86
C LYS A 34 11.06 2.49 -3.75
N GLN A 35 11.86 3.39 -3.19
CA GLN A 35 12.78 3.04 -2.12
C GLN A 35 12.03 2.51 -0.90
N LYS A 36 10.96 3.22 -0.53
CA LYS A 36 10.14 2.83 0.62
C LYS A 36 9.46 1.48 0.37
N TYR A 37 8.92 1.31 -0.83
CA TYR A 37 8.24 0.07 -1.20
C TYR A 37 9.19 -1.12 -1.08
N GLN A 38 10.34 -1.03 -1.75
CA GLN A 38 11.32 -2.10 -1.73
C GLN A 38 11.64 -2.52 -0.30
N LYS A 39 12.12 -1.58 0.50
CA LYS A 39 12.45 -1.84 1.89
C LYS A 39 11.27 -2.46 2.63
N LEU A 40 10.07 -2.25 2.10
CA LEU A 40 8.86 -2.78 2.71
C LEU A 40 8.39 -4.04 1.98
N ILE A 41 9.31 -4.67 1.26
CA ILE A 41 9.00 -5.89 0.52
C ILE A 41 9.74 -7.10 1.09
N LEU A 42 11.00 -6.88 1.46
CA LEU A 42 11.82 -7.95 2.02
C LEU A 42 11.59 -8.07 3.53
N LEU A 43 10.87 -7.11 4.09
CA LEU A 43 10.58 -7.11 5.52
C LEU A 43 9.41 -8.03 5.84
N TYR A 44 8.57 -8.28 4.84
CA TYR A 44 7.41 -9.15 5.01
C TYR A 44 7.40 -10.25 3.95
N HIS A 45 8.56 -10.51 3.36
CA HIS A 45 8.67 -11.54 2.33
C HIS A 45 8.58 -12.93 2.95
N PRO A 46 7.88 -13.84 2.27
CA PRO A 46 7.69 -15.22 2.73
C PRO A 46 8.98 -16.03 2.67
N ASP A 47 9.70 -15.91 1.56
CA ASP A 47 10.96 -16.63 1.39
C ASP A 47 12.02 -16.11 2.34
N LYS A 48 12.07 -14.78 2.50
CA LYS A 48 13.05 -14.16 3.39
C LYS A 48 12.62 -14.29 4.84
N GLN A 49 12.22 -15.49 5.23
CA GLN A 49 11.78 -15.74 6.60
C GLN A 49 12.77 -16.64 7.32
N SER A 50 12.46 -16.97 8.58
CA SER A 50 13.33 -17.82 9.38
C SER A 50 12.58 -18.39 10.58
N ALA A 51 12.74 -19.68 10.82
CA ALA A 51 12.08 -20.35 11.93
C ALA A 51 11.99 -19.43 13.14
N ASP A 52 13.04 -18.65 13.37
CA ASP A 52 13.09 -17.72 14.50
C ASP A 52 11.72 -17.08 14.72
N VAL A 53 11.15 -16.53 13.65
CA VAL A 53 9.85 -15.88 13.73
C VAL A 53 8.75 -16.89 14.07
N PRO A 54 7.83 -16.49 14.96
CA PRO A 54 6.71 -17.34 15.38
C PRO A 54 5.69 -17.56 14.27
N ALA A 55 4.56 -18.15 14.63
CA ALA A 55 3.50 -18.41 13.66
C ALA A 55 2.59 -17.20 13.50
N GLY A 56 2.33 -16.51 14.62
CA GLY A 56 1.47 -15.34 14.58
C GLY A 56 1.97 -14.28 13.62
N THR A 57 3.29 -14.07 13.62
CA THR A 57 3.89 -13.07 12.74
C THR A 57 3.73 -13.46 11.27
N MET A 58 3.81 -14.75 11.00
CA MET A 58 3.67 -15.25 9.63
C MET A 58 2.31 -14.87 9.05
N GLU A 59 1.26 -15.08 9.85
CA GLU A 59 -0.09 -14.77 9.42
C GLU A 59 -0.23 -13.29 9.08
N GLU A 60 0.21 -12.43 10.00
CA GLU A 60 0.14 -10.99 9.80
C GLU A 60 1.04 -10.55 8.66
N CYS A 61 2.21 -11.19 8.55
CA CYS A 61 3.17 -10.87 7.50
C CYS A 61 2.49 -10.87 6.13
N MET A 62 1.71 -11.91 5.87
CA MET A 62 1.02 -12.04 4.59
C MET A 62 0.19 -10.79 4.30
N GLN A 63 -0.63 -10.39 5.27
CA GLN A 63 -1.48 -9.21 5.12
C GLN A 63 -0.67 -8.03 4.59
N LYS A 64 0.38 -7.66 5.31
CA LYS A 64 1.24 -6.55 4.92
C LYS A 64 1.72 -6.71 3.48
N PHE A 65 2.60 -7.68 3.26
CA PHE A 65 3.13 -7.93 1.93
C PHE A 65 2.07 -7.69 0.86
N ILE A 66 0.89 -8.28 1.06
CA ILE A 66 -0.21 -8.13 0.12
C ILE A 66 -0.50 -6.66 -0.16
N GLU A 67 -0.77 -5.90 0.90
CA GLU A 67 -1.06 -4.48 0.77
C GLU A 67 0.09 -3.75 0.10
N ILE A 68 1.31 -4.08 0.51
CA ILE A 68 2.50 -3.44 -0.05
C ILE A 68 2.56 -3.64 -1.57
N ASP A 69 2.22 -4.84 -2.01
CA ASP A 69 2.23 -5.15 -3.44
C ASP A 69 1.11 -4.41 -4.17
N GLN A 70 0.15 -3.90 -3.39
CA GLN A 70 -0.97 -3.17 -3.97
C GLN A 70 -0.71 -1.67 -3.99
N ALA A 71 -0.02 -1.19 -2.95
CA ALA A 71 0.29 0.23 -2.86
C ALA A 71 1.27 0.66 -3.95
N TRP A 72 1.96 -0.32 -4.53
CA TRP A 72 2.92 -0.05 -5.59
C TRP A 72 2.26 -0.13 -6.96
N LYS A 73 1.23 -0.96 -7.07
CA LYS A 73 0.50 -1.14 -8.33
C LYS A 73 -0.06 0.20 -8.80
N ILE A 74 -0.42 1.06 -7.86
CA ILE A 74 -0.97 2.37 -8.18
C ILE A 74 0.11 3.45 -8.15
N LEU A 75 1.00 3.36 -7.17
CA LEU A 75 2.07 4.33 -7.02
C LEU A 75 3.34 3.84 -7.73
N GLY A 76 3.17 2.90 -8.65
CA GLY A 76 4.31 2.37 -9.38
C GLY A 76 4.51 3.06 -10.72
N ASN A 77 3.46 3.11 -11.52
CA ASN A 77 3.53 3.75 -12.83
C ASN A 77 3.24 5.25 -12.72
N GLU A 78 3.62 6.00 -13.75
CA GLU A 78 3.40 7.44 -13.77
C GLU A 78 1.93 7.76 -14.04
N GLU A 79 1.27 6.88 -14.78
CA GLU A 79 -0.14 7.07 -15.11
C GLU A 79 -1.03 6.76 -13.90
N THR A 80 -0.81 5.60 -13.30
CA THR A 80 -1.60 5.19 -12.14
C THR A 80 -1.36 6.13 -10.96
N LYS A 81 -0.12 6.53 -10.76
CA LYS A 81 0.24 7.43 -9.67
C LYS A 81 -0.33 8.83 -9.91
N LYS A 82 -0.43 9.21 -11.18
CA LYS A 82 -0.96 10.51 -11.55
C LYS A 82 -2.46 10.60 -11.27
N LYS A 83 -3.18 9.52 -11.61
CA LYS A 83 -4.62 9.48 -11.39
C LYS A 83 -4.94 9.50 -9.90
N TYR A 84 -4.41 8.54 -9.16
CA TYR A 84 -4.63 8.45 -7.73
C TYR A 84 -4.63 9.83 -7.09
N ASP A 85 -3.52 10.53 -7.21
CA ASP A 85 -3.38 11.87 -6.65
C ASP A 85 -4.69 12.64 -6.77
N LEU A 86 -5.26 12.64 -7.97
CA LEU A 86 -6.52 13.34 -8.21
C LEU A 86 -7.64 12.77 -7.37
N GLN A 87 -7.69 11.44 -7.27
CA GLN A 87 -8.71 10.76 -6.49
C GLN A 87 -8.63 11.17 -5.02
N ARG A 88 -7.48 10.95 -4.41
CA ARG A 88 -7.28 11.29 -3.01
C ARG A 88 -7.50 12.78 -2.78
N SER A 89 -8.19 13.11 -1.69
CA SER A 89 -8.47 14.50 -1.35
C SER A 89 -7.17 15.27 -1.08
N GLY A 90 -6.96 16.34 -1.85
CA GLY A 90 -5.76 17.13 -1.67
C GLY A 90 -6.03 18.62 -1.83
N PRO A 91 -4.95 19.40 -1.98
CA PRO A 91 -5.05 20.86 -2.13
C PRO A 91 -5.65 21.26 -3.48
N SER A 92 -5.34 20.48 -4.52
CA SER A 92 -5.85 20.75 -5.86
C SER A 92 -7.34 21.00 -5.83
N SER A 93 -7.83 21.77 -6.80
CA SER A 93 -9.25 22.10 -6.89
C SER A 93 -9.86 21.51 -8.16
N GLY A 94 -10.35 20.28 -8.06
CA GLY A 94 -10.95 19.63 -9.21
C GLY A 94 -12.12 20.42 -9.78
N GLY A 1 -21.38 -1.31 -16.38
CA GLY A 1 -22.45 -1.28 -17.35
C GLY A 1 -23.21 0.04 -17.35
N SER A 2 -24.49 -0.03 -17.66
CA SER A 2 -25.33 1.17 -17.69
C SER A 2 -26.15 1.29 -16.41
N SER A 3 -25.54 0.96 -15.29
CA SER A 3 -26.22 1.03 -14.00
C SER A 3 -25.75 2.24 -13.20
N GLY A 4 -26.54 2.62 -12.19
CA GLY A 4 -26.19 3.77 -11.37
C GLY A 4 -26.02 3.40 -9.91
N SER A 5 -24.90 2.75 -9.59
CA SER A 5 -24.61 2.34 -8.23
C SER A 5 -25.63 1.31 -7.75
N SER A 6 -25.89 0.31 -8.59
CA SER A 6 -26.84 -0.75 -8.26
C SER A 6 -26.17 -2.11 -8.25
N GLY A 7 -25.48 -2.41 -7.16
CA GLY A 7 -24.79 -3.68 -7.04
C GLY A 7 -23.43 -3.56 -6.38
N MET A 8 -22.79 -4.69 -6.13
CA MET A 8 -21.47 -4.70 -5.50
C MET A 8 -20.56 -3.65 -6.13
N ALA A 9 -19.45 -3.37 -5.46
CA ALA A 9 -18.50 -2.39 -5.96
C ALA A 9 -17.82 -2.86 -7.24
N LEU A 10 -17.81 -2.01 -8.25
CA LEU A 10 -17.20 -2.34 -9.53
C LEU A 10 -15.69 -2.12 -9.49
N GLU A 11 -15.28 -0.97 -8.99
CA GLU A 11 -13.87 -0.64 -8.89
C GLU A 11 -13.40 -0.65 -7.43
N GLN A 12 -12.45 -1.53 -7.12
CA GLN A 12 -11.94 -1.64 -5.77
C GLN A 12 -10.53 -1.06 -5.68
N THR A 13 -10.34 0.11 -6.27
CA THR A 13 -9.04 0.79 -6.27
C THR A 13 -9.19 2.27 -5.94
N LEU A 14 -8.06 2.96 -5.85
CA LEU A 14 -8.06 4.38 -5.55
C LEU A 14 -8.93 4.68 -4.33
N LYS A 15 -8.83 3.83 -3.32
CA LYS A 15 -9.60 3.99 -2.10
C LYS A 15 -8.70 3.87 -0.87
N LYS A 16 -7.91 2.81 -0.83
CA LYS A 16 -6.99 2.58 0.29
C LYS A 16 -5.83 3.56 0.26
N ASP A 17 -5.40 4.00 1.44
CA ASP A 17 -4.30 4.95 1.55
C ASP A 17 -2.96 4.25 1.29
N TRP A 18 -2.47 4.37 0.07
CA TRP A 18 -1.20 3.75 -0.31
C TRP A 18 -0.02 4.56 0.23
N TYR A 19 -0.20 5.88 0.30
CA TYR A 19 0.85 6.76 0.79
C TYR A 19 1.17 6.46 2.26
N SER A 20 0.29 5.71 2.90
CA SER A 20 0.47 5.35 4.30
C SER A 20 1.04 3.94 4.44
N ILE A 21 0.54 3.02 3.64
CA ILE A 21 1.00 1.64 3.67
C ILE A 21 2.51 1.56 3.41
N LEU A 22 2.99 2.44 2.53
CA LEU A 22 4.41 2.47 2.19
C LEU A 22 5.15 3.49 3.05
N GLY A 23 4.42 4.15 3.95
CA GLY A 23 5.02 5.14 4.82
C GLY A 23 5.64 6.29 4.05
N ALA A 24 4.94 6.76 3.02
CA ALA A 24 5.43 7.86 2.21
C ALA A 24 4.46 9.03 2.23
N ASP A 25 4.78 10.08 1.47
CA ASP A 25 3.93 11.27 1.40
C ASP A 25 3.21 11.35 0.06
N PRO A 26 2.02 11.97 0.07
CA PRO A 26 1.21 12.14 -1.15
C PRO A 26 1.84 13.11 -2.14
N SER A 27 2.97 13.69 -1.75
CA SER A 27 3.66 14.65 -2.61
C SER A 27 5.09 14.19 -2.90
N ALA A 28 5.31 12.89 -2.77
CA ALA A 28 6.63 12.31 -3.03
C ALA A 28 6.81 12.00 -4.50
N ASN A 29 8.00 11.51 -4.86
CA ASN A 29 8.31 11.17 -6.24
C ASN A 29 8.44 9.66 -6.42
N MET A 30 8.80 9.23 -7.63
CA MET A 30 8.95 7.82 -7.93
C MET A 30 10.12 7.23 -7.12
N SER A 31 11.29 7.82 -7.26
CA SER A 31 12.48 7.35 -6.55
C SER A 31 12.17 7.11 -5.07
N ASP A 32 11.59 8.11 -4.44
CA ASP A 32 11.24 8.00 -3.02
C ASP A 32 10.30 6.82 -2.78
N LEU A 33 9.06 6.96 -3.23
CA LEU A 33 8.07 5.89 -3.06
C LEU A 33 8.68 4.53 -3.31
N LYS A 34 9.42 4.41 -4.42
CA LYS A 34 10.07 3.16 -4.77
C LYS A 34 11.01 2.69 -3.66
N GLN A 35 11.95 3.56 -3.29
CA GLN A 35 12.91 3.25 -2.24
C GLN A 35 12.23 2.58 -1.06
N LYS A 36 11.18 3.20 -0.56
CA LYS A 36 10.43 2.67 0.57
C LYS A 36 9.85 1.30 0.24
N TYR A 37 9.03 1.24 -0.79
CA TYR A 37 8.41 -0.01 -1.22
C TYR A 37 9.40 -1.16 -1.14
N GLN A 38 10.50 -1.03 -1.87
CA GLN A 38 11.53 -2.07 -1.90
C GLN A 38 11.94 -2.45 -0.47
N LYS A 39 12.02 -1.46 0.40
CA LYS A 39 12.40 -1.69 1.79
C LYS A 39 11.28 -2.39 2.55
N LEU A 40 10.07 -2.30 2.02
CA LEU A 40 8.90 -2.93 2.65
C LEU A 40 8.53 -4.22 1.94
N ILE A 41 9.40 -4.67 1.04
CA ILE A 41 9.16 -5.90 0.29
C ILE A 41 10.00 -7.05 0.84
N LEU A 42 11.08 -6.70 1.54
CA LEU A 42 11.95 -7.72 2.13
C LEU A 42 11.73 -7.83 3.63
N LEU A 43 10.87 -6.97 4.15
CA LEU A 43 10.56 -6.97 5.59
C LEU A 43 9.42 -7.93 5.90
N TYR A 44 8.60 -8.21 4.89
CA TYR A 44 7.47 -9.12 5.04
C TYR A 44 7.53 -10.26 4.04
N HIS A 45 8.61 -10.29 3.26
CA HIS A 45 8.79 -11.33 2.26
C HIS A 45 8.72 -12.72 2.89
N PRO A 46 8.07 -13.66 2.18
CA PRO A 46 7.92 -15.04 2.66
C PRO A 46 9.24 -15.80 2.67
N ASP A 47 9.96 -15.74 1.55
CA ASP A 47 11.24 -16.41 1.43
C ASP A 47 12.23 -15.91 2.47
N LYS A 48 12.23 -14.60 2.69
CA LYS A 48 13.14 -13.99 3.65
C LYS A 48 12.62 -14.19 5.08
N GLN A 49 12.27 -15.43 5.41
CA GLN A 49 11.77 -15.76 6.73
C GLN A 49 12.62 -16.85 7.38
N SER A 50 12.20 -17.29 8.57
CA SER A 50 12.92 -18.33 9.29
C SER A 50 12.15 -18.74 10.54
N ALA A 51 12.37 -19.98 10.98
CA ALA A 51 11.71 -20.50 12.17
C ALA A 51 11.78 -19.50 13.33
N ASP A 52 12.80 -18.65 13.30
CA ASP A 52 12.99 -17.66 14.34
C ASP A 52 11.68 -16.93 14.64
N VAL A 53 11.01 -16.46 13.59
CA VAL A 53 9.74 -15.75 13.73
C VAL A 53 8.61 -16.72 14.08
N PRO A 54 7.75 -16.29 15.01
CA PRO A 54 6.61 -17.10 15.45
C PRO A 54 5.54 -17.22 14.37
N ALA A 55 4.60 -18.14 14.58
CA ALA A 55 3.51 -18.35 13.63
C ALA A 55 2.63 -17.12 13.52
N GLY A 56 2.28 -16.53 14.67
CA GLY A 56 1.44 -15.35 14.67
C GLY A 56 1.95 -14.27 13.75
N THR A 57 3.28 -14.16 13.65
CA THR A 57 3.89 -13.15 12.79
C THR A 57 3.74 -13.51 11.32
N MET A 58 3.74 -14.81 11.02
CA MET A 58 3.60 -15.29 9.65
C MET A 58 2.24 -14.86 9.07
N GLU A 59 1.18 -15.15 9.81
CA GLU A 59 -0.16 -14.80 9.37
C GLU A 59 -0.26 -13.30 9.04
N GLU A 60 0.13 -12.47 9.98
CA GLU A 60 0.10 -11.02 9.78
C GLU A 60 1.03 -10.60 8.66
N CYS A 61 2.19 -11.23 8.60
CA CYS A 61 3.18 -10.91 7.56
C CYS A 61 2.53 -10.91 6.18
N MET A 62 1.62 -11.85 5.96
CA MET A 62 0.93 -11.95 4.67
C MET A 62 0.12 -10.70 4.39
N GLN A 63 -0.90 -10.46 5.21
CA GLN A 63 -1.77 -9.30 5.05
C GLN A 63 -0.95 -8.09 4.59
N LYS A 64 0.15 -7.82 5.28
CA LYS A 64 1.02 -6.70 4.94
C LYS A 64 1.58 -6.85 3.54
N PHE A 65 2.45 -7.84 3.36
CA PHE A 65 3.06 -8.10 2.06
C PHE A 65 2.06 -7.89 0.92
N ILE A 66 0.84 -8.36 1.13
CA ILE A 66 -0.22 -8.23 0.14
C ILE A 66 -0.51 -6.77 -0.15
N GLU A 67 -0.84 -6.01 0.90
CA GLU A 67 -1.15 -4.59 0.74
C GLU A 67 0.02 -3.85 0.10
N ILE A 68 1.23 -4.11 0.58
CA ILE A 68 2.42 -3.47 0.05
C ILE A 68 2.54 -3.70 -1.46
N ASP A 69 2.19 -4.90 -1.89
CA ASP A 69 2.26 -5.24 -3.31
C ASP A 69 1.22 -4.47 -4.11
N GLN A 70 0.26 -3.89 -3.40
CA GLN A 70 -0.81 -3.11 -4.05
C GLN A 70 -0.44 -1.64 -4.09
N ALA A 71 0.06 -1.13 -2.97
CA ALA A 71 0.44 0.28 -2.88
C ALA A 71 1.34 0.69 -4.04
N TRP A 72 2.12 -0.26 -4.53
CA TRP A 72 3.02 -0.01 -5.65
C TRP A 72 2.29 -0.10 -6.97
N LYS A 73 1.27 -0.95 -7.03
CA LYS A 73 0.49 -1.13 -8.25
C LYS A 73 -0.21 0.17 -8.64
N ILE A 74 -0.58 0.96 -7.65
CA ILE A 74 -1.25 2.23 -7.89
C ILE A 74 -0.24 3.37 -8.01
N LEU A 75 0.65 3.46 -7.03
CA LEU A 75 1.67 4.51 -7.02
C LEU A 75 2.78 4.19 -8.02
N GLY A 76 3.35 3.00 -7.91
CA GLY A 76 4.42 2.60 -8.80
C GLY A 76 4.13 2.97 -10.25
N ASN A 77 2.86 2.96 -10.61
CA ASN A 77 2.45 3.29 -11.97
C ASN A 77 2.53 4.80 -12.21
N GLU A 78 2.13 5.23 -13.39
CA GLU A 78 2.16 6.65 -13.75
C GLU A 78 0.74 7.18 -13.99
N GLU A 79 -0.10 6.34 -14.59
CA GLU A 79 -1.47 6.73 -14.89
C GLU A 79 -2.33 6.69 -13.62
N THR A 80 -2.27 5.57 -12.91
CA THR A 80 -3.04 5.41 -11.68
C THR A 80 -2.45 6.24 -10.55
N LYS A 81 -1.17 6.58 -10.67
CA LYS A 81 -0.48 7.37 -9.66
C LYS A 81 -0.85 8.85 -9.78
N LYS A 82 -1.00 9.31 -11.01
CA LYS A 82 -1.35 10.70 -11.26
C LYS A 82 -2.82 10.96 -10.93
N LYS A 83 -3.68 10.01 -11.27
CA LYS A 83 -5.11 10.14 -11.00
C LYS A 83 -5.39 10.03 -9.51
N TYR A 84 -4.73 9.08 -8.85
CA TYR A 84 -4.91 8.88 -7.42
C TYR A 84 -4.84 10.20 -6.66
N ASP A 85 -3.71 10.89 -6.80
CA ASP A 85 -3.53 12.17 -6.13
C ASP A 85 -4.78 13.03 -6.23
N LEU A 86 -5.40 13.04 -7.41
CA LEU A 86 -6.61 13.82 -7.63
C LEU A 86 -7.80 13.20 -6.90
N GLN A 87 -7.90 11.88 -6.95
CA GLN A 87 -8.99 11.17 -6.28
C GLN A 87 -9.03 11.52 -4.79
N ARG A 88 -7.85 11.56 -4.17
CA ARG A 88 -7.75 11.87 -2.76
C ARG A 88 -8.01 13.35 -2.50
N SER A 89 -8.30 14.09 -3.57
CA SER A 89 -8.57 15.52 -3.46
C SER A 89 -9.88 15.88 -4.17
N GLY A 90 -10.79 16.49 -3.42
CA GLY A 90 -12.07 16.89 -3.99
C GLY A 90 -12.10 18.36 -4.37
N PRO A 91 -12.83 18.67 -5.45
CA PRO A 91 -12.97 20.04 -5.95
C PRO A 91 -13.80 20.91 -5.01
N SER A 92 -14.86 20.34 -4.46
CA SER A 92 -15.74 21.07 -3.55
C SER A 92 -15.62 20.52 -2.12
N SER A 93 -16.00 21.34 -1.15
CA SER A 93 -15.94 20.95 0.25
C SER A 93 -16.62 19.60 0.47
N GLY A 94 -15.82 18.57 0.74
CA GLY A 94 -16.37 17.25 0.97
C GLY A 94 -16.16 16.33 -0.23
N GLY A 1 -31.24 16.26 10.43
CA GLY A 1 -30.67 15.30 9.51
C GLY A 1 -29.83 14.24 10.21
N SER A 2 -30.34 13.00 10.24
CA SER A 2 -29.64 11.91 10.89
C SER A 2 -28.25 11.71 10.29
N SER A 3 -27.24 11.75 11.14
CA SER A 3 -25.85 11.58 10.68
C SER A 3 -25.47 10.11 10.68
N GLY A 4 -24.92 9.65 9.56
CA GLY A 4 -24.51 8.27 9.45
C GLY A 4 -23.07 8.12 9.00
N SER A 5 -22.75 6.99 8.38
CA SER A 5 -21.39 6.73 7.91
C SER A 5 -21.13 7.44 6.58
N SER A 6 -19.93 7.97 6.43
CA SER A 6 -19.56 8.68 5.21
C SER A 6 -18.80 7.75 4.26
N GLY A 7 -17.79 7.06 4.78
CA GLY A 7 -17.01 6.15 3.98
C GLY A 7 -17.74 4.85 3.69
N MET A 8 -17.37 3.80 4.43
CA MET A 8 -18.00 2.50 4.25
C MET A 8 -18.03 2.10 2.77
N ALA A 9 -16.89 2.24 2.11
CA ALA A 9 -16.77 1.90 0.70
C ALA A 9 -16.19 0.50 0.52
N LEU A 10 -16.62 -0.42 1.37
CA LEU A 10 -16.14 -1.80 1.30
C LEU A 10 -14.63 -1.84 1.09
N GLU A 11 -13.92 -0.89 1.68
CA GLU A 11 -12.47 -0.83 1.56
C GLU A 11 -12.06 -0.82 0.08
N GLN A 12 -12.60 0.12 -0.67
CA GLN A 12 -12.29 0.23 -2.09
C GLN A 12 -10.82 0.53 -2.30
N THR A 13 -10.28 0.10 -3.45
CA THR A 13 -8.88 0.32 -3.77
C THR A 13 -8.48 1.77 -3.52
N LEU A 14 -9.45 2.67 -3.63
CA LEU A 14 -9.20 4.09 -3.41
C LEU A 14 -9.31 4.45 -1.93
N LYS A 15 -10.44 4.14 -1.33
CA LYS A 15 -10.66 4.42 0.08
C LYS A 15 -9.41 4.11 0.90
N LYS A 16 -8.67 3.10 0.47
CA LYS A 16 -7.45 2.70 1.17
C LYS A 16 -6.36 3.75 1.00
N ASP A 17 -5.44 3.80 1.96
CA ASP A 17 -4.35 4.76 1.93
C ASP A 17 -3.03 4.07 1.61
N TRP A 18 -2.58 4.22 0.36
CA TRP A 18 -1.32 3.62 -0.07
C TRP A 18 -0.12 4.39 0.47
N TYR A 19 -0.22 5.71 0.43
CA TYR A 19 0.86 6.57 0.91
C TYR A 19 1.17 6.29 2.37
N SER A 20 0.27 5.57 3.04
CA SER A 20 0.43 5.23 4.45
C SER A 20 1.01 3.83 4.60
N ILE A 21 0.59 2.92 3.72
CA ILE A 21 1.07 1.55 3.76
C ILE A 21 2.55 1.47 3.44
N LEU A 22 2.99 2.28 2.47
CA LEU A 22 4.38 2.30 2.07
C LEU A 22 5.17 3.32 2.89
N GLY A 23 4.54 3.85 3.94
CA GLY A 23 5.21 4.83 4.78
C GLY A 23 5.81 5.97 3.99
N ALA A 24 5.07 6.46 3.00
CA ALA A 24 5.53 7.56 2.17
C ALA A 24 4.58 8.74 2.23
N ASP A 25 4.87 9.77 1.45
CA ASP A 25 4.03 10.97 1.42
C ASP A 25 3.29 11.08 0.09
N PRO A 26 2.12 11.75 0.11
CA PRO A 26 1.30 11.94 -1.08
C PRO A 26 1.94 12.89 -2.08
N SER A 27 2.97 13.61 -1.64
CA SER A 27 3.66 14.56 -2.50
C SER A 27 5.11 14.13 -2.73
N ALA A 28 5.33 12.82 -2.72
CA ALA A 28 6.67 12.27 -2.93
C ALA A 28 6.95 12.06 -4.42
N ASN A 29 8.12 11.50 -4.72
CA ASN A 29 8.51 11.24 -6.10
C ASN A 29 8.59 9.74 -6.37
N MET A 30 8.53 9.37 -7.64
CA MET A 30 8.61 7.97 -8.04
C MET A 30 9.73 7.25 -7.28
N SER A 31 10.93 7.79 -7.37
CA SER A 31 12.08 7.21 -6.70
C SER A 31 11.81 7.02 -5.22
N ASP A 32 11.62 8.12 -4.51
CA ASP A 32 11.35 8.08 -3.08
C ASP A 32 10.38 6.94 -2.74
N LEU A 33 9.21 6.98 -3.36
CA LEU A 33 8.19 5.94 -3.13
C LEU A 33 8.77 4.56 -3.35
N LYS A 34 9.41 4.35 -4.49
CA LYS A 34 10.02 3.06 -4.82
C LYS A 34 10.98 2.62 -3.71
N GLN A 35 11.80 3.55 -3.25
CA GLN A 35 12.77 3.25 -2.19
C GLN A 35 12.08 2.61 -0.99
N LYS A 36 10.97 3.22 -0.56
CA LYS A 36 10.22 2.71 0.58
C LYS A 36 9.56 1.37 0.26
N TYR A 37 9.13 1.23 -0.99
CA TYR A 37 8.50 -0.01 -1.43
C TYR A 37 9.45 -1.19 -1.34
N GLN A 38 10.65 -1.01 -1.88
CA GLN A 38 11.66 -2.06 -1.86
C GLN A 38 12.00 -2.47 -0.42
N LYS A 39 12.38 -1.49 0.39
CA LYS A 39 12.72 -1.76 1.78
C LYS A 39 11.55 -2.37 2.53
N LEU A 40 10.37 -2.33 1.90
CA LEU A 40 9.16 -2.90 2.51
C LEU A 40 8.79 -4.21 1.85
N ILE A 41 9.70 -4.75 1.04
CA ILE A 41 9.46 -6.01 0.35
C ILE A 41 10.27 -7.14 0.99
N LEU A 42 11.34 -6.78 1.69
CA LEU A 42 12.19 -7.76 2.34
C LEU A 42 11.89 -7.83 3.83
N LEU A 43 11.06 -6.91 4.31
CA LEU A 43 10.69 -6.87 5.72
C LEU A 43 9.51 -7.78 6.00
N TYR A 44 8.73 -8.08 4.97
CA TYR A 44 7.56 -8.94 5.11
C TYR A 44 7.66 -10.13 4.15
N HIS A 45 8.78 -10.23 3.44
CA HIS A 45 9.00 -11.31 2.49
C HIS A 45 8.84 -12.67 3.18
N PRO A 46 8.20 -13.63 2.47
CA PRO A 46 7.98 -14.97 2.99
C PRO A 46 9.27 -15.78 3.10
N ASP A 47 10.07 -15.75 2.04
CA ASP A 47 11.33 -16.48 2.02
C ASP A 47 12.25 -16.00 3.12
N LYS A 48 12.18 -14.70 3.43
CA LYS A 48 13.01 -14.11 4.46
C LYS A 48 12.40 -14.32 5.84
N GLN A 49 12.09 -15.58 6.16
CA GLN A 49 11.49 -15.91 7.45
C GLN A 49 12.20 -17.11 8.08
N SER A 50 11.76 -17.49 9.27
CA SER A 50 12.36 -18.62 9.99
C SER A 50 11.48 -19.05 11.15
N ALA A 51 11.59 -20.32 11.53
CA ALA A 51 10.80 -20.86 12.63
C ALA A 51 10.79 -19.91 13.82
N ASP A 52 11.91 -19.22 14.03
CA ASP A 52 12.03 -18.27 15.13
C ASP A 52 10.72 -17.54 15.36
N VAL A 53 10.19 -16.92 14.30
CA VAL A 53 8.94 -16.18 14.39
C VAL A 53 7.78 -17.11 14.70
N PRO A 54 6.86 -16.65 15.56
CA PRO A 54 5.68 -17.42 15.95
C PRO A 54 4.67 -17.57 14.82
N ALA A 55 3.67 -18.41 15.02
CA ALA A 55 2.64 -18.64 14.02
C ALA A 55 1.78 -17.40 13.82
N GLY A 56 1.79 -16.51 14.82
CA GLY A 56 1.01 -15.30 14.73
C GLY A 56 1.67 -14.23 13.87
N THR A 57 2.99 -14.30 13.78
CA THR A 57 3.74 -13.33 12.99
C THR A 57 3.57 -13.58 11.51
N MET A 58 3.59 -14.85 11.12
CA MET A 58 3.42 -15.22 9.71
C MET A 58 2.16 -14.61 9.13
N GLU A 59 1.02 -14.88 9.76
CA GLU A 59 -0.25 -14.36 9.30
C GLU A 59 -0.14 -12.90 8.91
N GLU A 60 0.19 -12.05 9.89
CA GLU A 60 0.34 -10.62 9.64
C GLU A 60 1.33 -10.37 8.51
N CYS A 61 2.39 -11.15 8.48
CA CYS A 61 3.42 -11.00 7.45
C CYS A 61 2.80 -10.99 6.06
N MET A 62 1.81 -11.85 5.85
CA MET A 62 1.13 -11.93 4.56
C MET A 62 0.30 -10.67 4.30
N GLN A 63 -0.62 -10.39 5.21
CA GLN A 63 -1.49 -9.22 5.07
C GLN A 63 -0.68 -8.00 4.62
N LYS A 64 0.50 -7.83 5.20
CA LYS A 64 1.36 -6.71 4.85
C LYS A 64 1.92 -6.87 3.45
N PHE A 65 2.76 -7.87 3.25
CA PHE A 65 3.36 -8.14 1.95
C PHE A 65 2.34 -7.94 0.83
N ILE A 66 1.15 -8.49 1.02
CA ILE A 66 0.10 -8.38 0.02
C ILE A 66 -0.23 -6.92 -0.26
N GLU A 67 -0.61 -6.19 0.77
CA GLU A 67 -0.94 -4.77 0.64
C GLU A 67 0.17 -4.02 -0.07
N ILE A 68 1.40 -4.23 0.36
CA ILE A 68 2.56 -3.56 -0.23
C ILE A 68 2.58 -3.78 -1.75
N ASP A 69 2.34 -5.01 -2.16
CA ASP A 69 2.33 -5.35 -3.59
C ASP A 69 1.20 -4.64 -4.31
N GLN A 70 0.31 -4.02 -3.54
CA GLN A 70 -0.83 -3.30 -4.10
C GLN A 70 -0.57 -1.80 -4.12
N ALA A 71 -0.16 -1.27 -2.96
CA ALA A 71 0.11 0.16 -2.83
C ALA A 71 0.99 0.65 -3.97
N TRP A 72 1.78 -0.26 -4.54
CA TRP A 72 2.67 0.09 -5.64
C TRP A 72 1.94 0.06 -6.97
N LYS A 73 0.89 -0.75 -7.04
CA LYS A 73 0.09 -0.87 -8.26
C LYS A 73 -0.61 0.45 -8.58
N ILE A 74 -0.68 1.33 -7.59
CA ILE A 74 -1.32 2.62 -7.77
C ILE A 74 -0.30 3.75 -7.81
N LEU A 75 0.72 3.64 -6.96
CA LEU A 75 1.78 4.65 -6.91
C LEU A 75 2.99 4.23 -7.72
N GLY A 76 2.84 3.12 -8.46
CA GLY A 76 3.93 2.62 -9.27
C GLY A 76 4.09 3.40 -10.56
N ASN A 77 2.98 3.64 -11.25
CA ASN A 77 3.01 4.38 -12.51
C ASN A 77 2.71 5.85 -12.28
N GLU A 78 3.25 6.71 -13.15
CA GLU A 78 3.04 8.15 -13.04
C GLU A 78 1.56 8.50 -13.24
N GLU A 79 0.90 7.76 -14.13
CA GLU A 79 -0.51 7.99 -14.42
C GLU A 79 -1.38 7.63 -13.21
N THR A 80 -1.25 6.39 -12.76
CA THR A 80 -2.03 5.91 -11.61
C THR A 80 -1.75 6.77 -10.38
N LYS A 81 -0.52 7.27 -10.27
CA LYS A 81 -0.14 8.10 -9.14
C LYS A 81 -0.83 9.46 -9.19
N LYS A 82 -0.93 10.02 -10.40
CA LYS A 82 -1.57 11.31 -10.58
C LYS A 82 -3.08 11.20 -10.42
N LYS A 83 -3.62 10.01 -10.71
CA LYS A 83 -5.05 9.77 -10.60
C LYS A 83 -5.46 9.61 -9.13
N TYR A 84 -4.65 8.86 -8.38
CA TYR A 84 -4.94 8.62 -6.98
C TYR A 84 -4.84 9.92 -6.17
N ASP A 85 -3.77 10.66 -6.41
CA ASP A 85 -3.55 11.93 -5.71
C ASP A 85 -4.75 12.87 -5.90
N LEU A 86 -5.46 12.70 -7.02
CA LEU A 86 -6.61 13.53 -7.31
C LEU A 86 -7.82 13.07 -6.51
N GLN A 87 -7.88 11.79 -6.21
CA GLN A 87 -8.99 11.22 -5.44
C GLN A 87 -8.90 11.63 -3.97
N ARG A 88 -7.69 11.52 -3.40
CA ARG A 88 -7.48 11.87 -2.01
C ARG A 88 -8.21 13.17 -1.65
N SER A 89 -8.95 13.14 -0.54
CA SER A 89 -9.70 14.30 -0.10
C SER A 89 -8.77 15.48 0.19
N GLY A 90 -7.70 15.21 0.94
CA GLY A 90 -6.76 16.25 1.27
C GLY A 90 -6.71 16.54 2.76
N PRO A 91 -5.68 17.28 3.19
CA PRO A 91 -5.49 17.64 4.60
C PRO A 91 -6.54 18.64 5.08
N SER A 92 -7.58 18.13 5.74
CA SER A 92 -8.65 18.98 6.25
C SER A 92 -9.35 18.32 7.43
N SER A 93 -10.16 19.10 8.15
CA SER A 93 -10.88 18.59 9.31
C SER A 93 -12.10 17.78 8.88
N GLY A 94 -12.00 16.46 9.01
CA GLY A 94 -13.09 15.60 8.63
C GLY A 94 -13.14 14.32 9.45
N GLY A 1 -16.38 -19.57 7.63
CA GLY A 1 -16.38 -18.39 8.48
C GLY A 1 -17.43 -17.38 8.07
N SER A 2 -17.62 -16.36 8.89
CA SER A 2 -18.61 -15.32 8.61
C SER A 2 -18.13 -14.41 7.48
N SER A 3 -16.98 -13.76 7.69
CA SER A 3 -16.42 -12.85 6.70
C SER A 3 -15.76 -13.64 5.57
N GLY A 4 -15.39 -12.93 4.51
CA GLY A 4 -14.75 -13.58 3.37
C GLY A 4 -15.34 -13.16 2.05
N SER A 5 -14.83 -12.07 1.48
CA SER A 5 -15.32 -11.56 0.21
C SER A 5 -14.26 -10.74 -0.50
N SER A 6 -13.85 -11.19 -1.68
CA SER A 6 -12.83 -10.50 -2.46
C SER A 6 -13.18 -9.03 -2.62
N GLY A 7 -14.38 -8.76 -3.14
CA GLY A 7 -14.81 -7.38 -3.33
C GLY A 7 -13.89 -6.61 -4.25
N MET A 8 -14.23 -6.57 -5.54
CA MET A 8 -13.43 -5.85 -6.52
C MET A 8 -14.15 -4.60 -7.00
N ALA A 9 -13.58 -3.44 -6.67
CA ALA A 9 -14.17 -2.16 -7.06
C ALA A 9 -13.14 -1.03 -6.94
N LEU A 10 -13.47 0.12 -7.52
CA LEU A 10 -12.58 1.27 -7.48
C LEU A 10 -12.63 1.95 -6.11
N GLU A 11 -13.72 1.72 -5.39
CA GLU A 11 -13.88 2.31 -4.07
C GLU A 11 -12.81 1.80 -3.10
N GLN A 12 -12.49 0.51 -3.20
CA GLN A 12 -11.48 -0.10 -2.34
C GLN A 12 -10.09 0.40 -2.72
N THR A 13 -9.66 0.05 -3.94
CA THR A 13 -8.35 0.44 -4.42
C THR A 13 -7.96 1.83 -3.91
N LEU A 14 -8.84 2.81 -4.11
CA LEU A 14 -8.59 4.17 -3.66
C LEU A 14 -8.55 4.24 -2.13
N LYS A 15 -9.66 3.89 -1.50
CA LYS A 15 -9.76 3.91 -0.05
C LYS A 15 -8.45 3.44 0.58
N LYS A 16 -7.86 2.40 0.01
CA LYS A 16 -6.61 1.86 0.51
C LYS A 16 -5.50 2.91 0.50
N ASP A 17 -5.20 3.46 1.67
CA ASP A 17 -4.17 4.48 1.79
C ASP A 17 -2.80 3.90 1.48
N TRP A 18 -2.44 3.90 0.20
CA TRP A 18 -1.15 3.37 -0.24
C TRP A 18 0.00 4.20 0.34
N TYR A 19 -0.19 5.51 0.39
CA TYR A 19 0.83 6.40 0.91
C TYR A 19 1.12 6.10 2.38
N SER A 20 0.22 5.34 3.00
CA SER A 20 0.38 4.98 4.41
C SER A 20 0.96 3.58 4.55
N ILE A 21 0.50 2.67 3.70
CA ILE A 21 0.98 1.29 3.73
C ILE A 21 2.46 1.21 3.42
N LEU A 22 2.91 2.08 2.50
CA LEU A 22 4.32 2.11 2.10
C LEU A 22 5.10 3.09 2.97
N GLY A 23 4.43 3.68 3.95
CA GLY A 23 5.07 4.62 4.84
C GLY A 23 5.70 5.79 4.08
N ALA A 24 5.01 6.27 3.05
CA ALA A 24 5.50 7.37 2.25
C ALA A 24 4.53 8.55 2.29
N ASP A 25 4.87 9.61 1.55
CA ASP A 25 4.02 10.80 1.49
C ASP A 25 3.36 10.93 0.12
N PRO A 26 2.20 11.60 0.10
CA PRO A 26 1.44 11.81 -1.15
C PRO A 26 2.13 12.79 -2.09
N SER A 27 3.17 13.45 -1.59
CA SER A 27 3.91 14.41 -2.39
C SER A 27 5.20 13.78 -2.94
N ALA A 28 5.48 12.56 -2.51
CA ALA A 28 6.67 11.85 -2.96
C ALA A 28 6.57 11.48 -4.43
N ASN A 29 7.65 10.91 -4.97
CA ASN A 29 7.67 10.53 -6.38
C ASN A 29 8.09 9.07 -6.52
N MET A 30 8.04 8.56 -7.75
CA MET A 30 8.41 7.18 -8.02
C MET A 30 9.74 6.83 -7.36
N SER A 31 10.72 7.71 -7.51
CA SER A 31 12.05 7.49 -6.93
C SER A 31 11.94 7.19 -5.44
N ASP A 32 11.37 8.13 -4.69
CA ASP A 32 11.21 7.97 -3.25
C ASP A 32 10.31 6.78 -2.94
N LEU A 33 9.04 6.87 -3.30
CA LEU A 33 8.08 5.80 -3.06
C LEU A 33 8.72 4.44 -3.32
N LYS A 34 9.44 4.33 -4.42
CA LYS A 34 10.11 3.09 -4.80
C LYS A 34 11.00 2.59 -3.65
N GLN A 35 11.84 3.48 -3.14
CA GLN A 35 12.74 3.13 -2.05
C GLN A 35 11.97 2.59 -0.85
N LYS A 36 10.90 3.30 -0.47
CA LYS A 36 10.07 2.88 0.65
C LYS A 36 9.40 1.54 0.38
N TYR A 37 9.02 1.32 -0.88
CA TYR A 37 8.37 0.08 -1.27
C TYR A 37 9.33 -1.10 -1.17
N GLN A 38 10.46 -0.99 -1.87
CA GLN A 38 11.47 -2.04 -1.86
C GLN A 38 11.80 -2.47 -0.43
N LYS A 39 12.19 -1.49 0.40
CA LYS A 39 12.53 -1.77 1.79
C LYS A 39 11.37 -2.41 2.52
N LEU A 40 10.16 -2.21 2.00
CA LEU A 40 8.96 -2.78 2.61
C LEU A 40 8.50 -4.02 1.85
N ILE A 41 9.42 -4.62 1.10
CA ILE A 41 9.11 -5.82 0.34
C ILE A 41 9.83 -7.04 0.91
N LEU A 42 11.03 -6.83 1.41
CA LEU A 42 11.83 -7.91 1.99
C LEU A 42 11.59 -8.01 3.49
N LEU A 43 10.83 -7.06 4.03
CA LEU A 43 10.53 -7.05 5.46
C LEU A 43 9.31 -7.94 5.76
N TYR A 44 8.49 -8.18 4.74
CA TYR A 44 7.31 -9.01 4.90
C TYR A 44 7.30 -10.16 3.90
N HIS A 45 8.37 -10.25 3.11
CA HIS A 45 8.50 -11.30 2.11
C HIS A 45 8.34 -12.68 2.74
N PRO A 46 7.64 -13.58 2.04
CA PRO A 46 7.40 -14.95 2.52
C PRO A 46 8.67 -15.79 2.52
N ASP A 47 9.49 -15.62 1.49
CA ASP A 47 10.73 -16.37 1.37
C ASP A 47 11.73 -15.93 2.44
N LYS A 48 11.89 -14.62 2.58
CA LYS A 48 12.82 -14.06 3.57
C LYS A 48 12.54 -14.64 4.95
N GLN A 49 11.28 -14.96 5.22
CA GLN A 49 10.89 -15.52 6.51
C GLN A 49 11.91 -16.56 6.98
N SER A 50 11.86 -16.87 8.27
CA SER A 50 12.78 -17.85 8.85
C SER A 50 12.16 -18.53 10.07
N ALA A 51 12.48 -19.80 10.25
CA ALA A 51 11.95 -20.57 11.38
C ALA A 51 11.94 -19.72 12.65
N ASP A 52 12.81 -18.72 12.71
CA ASP A 52 12.90 -17.85 13.87
C ASP A 52 11.52 -17.30 14.24
N VAL A 53 10.85 -16.68 13.28
CA VAL A 53 9.53 -16.12 13.51
C VAL A 53 8.50 -17.21 13.75
N PRO A 54 7.60 -16.98 14.71
CA PRO A 54 6.55 -17.95 15.06
C PRO A 54 5.48 -18.06 13.97
N ALA A 55 4.34 -18.64 14.33
CA ALA A 55 3.25 -18.81 13.38
C ALA A 55 2.30 -17.63 13.40
N GLY A 56 2.16 -17.02 14.58
CA GLY A 56 1.29 -15.87 14.71
C GLY A 56 1.74 -14.68 13.89
N THR A 57 3.03 -14.36 13.98
CA THR A 57 3.59 -13.24 13.23
C THR A 57 3.35 -13.41 11.73
N MET A 58 3.54 -14.62 11.24
CA MET A 58 3.34 -14.91 9.82
C MET A 58 2.05 -14.27 9.31
N GLU A 59 0.93 -14.66 9.91
CA GLU A 59 -0.36 -14.12 9.51
C GLU A 59 -0.26 -12.65 9.15
N GLU A 60 0.22 -11.85 10.10
CA GLU A 60 0.38 -10.41 9.89
C GLU A 60 1.34 -10.13 8.74
N CYS A 61 2.48 -10.83 8.76
CA CYS A 61 3.50 -10.65 7.73
C CYS A 61 2.88 -10.74 6.34
N MET A 62 1.87 -11.60 6.20
CA MET A 62 1.20 -11.78 4.92
C MET A 62 0.39 -10.53 4.55
N GLN A 63 -0.70 -10.30 5.27
CA GLN A 63 -1.56 -9.15 5.03
C GLN A 63 -0.73 -7.93 4.63
N LYS A 64 0.48 -7.84 5.16
CA LYS A 64 1.38 -6.73 4.86
C LYS A 64 1.87 -6.81 3.41
N PHE A 65 2.59 -7.88 3.10
CA PHE A 65 3.13 -8.07 1.75
C PHE A 65 2.07 -7.76 0.69
N ILE A 66 0.93 -8.46 0.78
CA ILE A 66 -0.16 -8.25 -0.17
C ILE A 66 -0.46 -6.77 -0.36
N GLU A 67 -0.71 -6.08 0.75
CA GLU A 67 -1.01 -4.65 0.70
C GLU A 67 0.10 -3.88 -0.02
N ILE A 68 1.34 -4.11 0.42
CA ILE A 68 2.49 -3.44 -0.18
C ILE A 68 2.50 -3.64 -1.70
N ASP A 69 2.60 -4.90 -2.12
CA ASP A 69 2.62 -5.23 -3.54
C ASP A 69 1.58 -4.43 -4.31
N GLN A 70 0.52 -4.03 -3.60
CA GLN A 70 -0.55 -3.25 -4.22
C GLN A 70 -0.24 -1.77 -4.19
N ALA A 71 0.04 -1.25 -2.99
CA ALA A 71 0.36 0.17 -2.83
C ALA A 71 1.27 0.66 -3.94
N TRP A 72 2.04 -0.27 -4.52
CA TRP A 72 2.95 0.08 -5.60
C TRP A 72 2.21 0.19 -6.93
N LYS A 73 1.25 -0.70 -7.15
CA LYS A 73 0.46 -0.71 -8.38
C LYS A 73 -0.04 0.69 -8.70
N ILE A 74 -0.40 1.44 -7.67
CA ILE A 74 -0.91 2.79 -7.85
C ILE A 74 0.22 3.82 -7.72
N LEU A 75 1.00 3.71 -6.65
CA LEU A 75 2.11 4.61 -6.41
C LEU A 75 3.37 4.15 -7.14
N GLY A 76 3.17 3.40 -8.22
CA GLY A 76 4.30 2.89 -8.99
C GLY A 76 4.30 3.40 -10.41
N ASN A 77 3.11 3.53 -11.00
CA ASN A 77 2.98 4.00 -12.37
C ASN A 77 2.48 5.44 -12.40
N GLU A 78 3.33 6.35 -12.85
CA GLU A 78 2.98 7.76 -12.93
C GLU A 78 1.51 7.93 -13.28
N GLU A 79 1.06 7.20 -14.31
CA GLU A 79 -0.34 7.28 -14.74
C GLU A 79 -1.29 7.09 -13.55
N THR A 80 -1.21 5.93 -12.92
CA THR A 80 -2.06 5.63 -11.78
C THR A 80 -1.83 6.63 -10.65
N LYS A 81 -0.59 6.73 -10.19
CA LYS A 81 -0.24 7.65 -9.11
C LYS A 81 -0.96 8.99 -9.28
N LYS A 82 -0.97 9.50 -10.51
CA LYS A 82 -1.62 10.76 -10.81
C LYS A 82 -3.11 10.70 -10.51
N LYS A 83 -3.79 9.76 -11.18
CA LYS A 83 -5.23 9.59 -10.98
C LYS A 83 -5.57 9.51 -9.50
N TYR A 84 -4.77 8.76 -8.76
CA TYR A 84 -4.99 8.59 -7.32
C TYR A 84 -4.99 9.94 -6.60
N ASP A 85 -3.87 10.66 -6.71
CA ASP A 85 -3.73 11.97 -6.09
C ASP A 85 -4.98 12.81 -6.31
N LEU A 86 -5.59 12.67 -7.48
CA LEU A 86 -6.80 13.41 -7.82
C LEU A 86 -8.01 12.85 -7.08
N GLN A 87 -8.27 11.55 -7.30
CA GLN A 87 -9.41 10.90 -6.66
C GLN A 87 -9.43 11.18 -5.16
N ARG A 88 -8.25 11.17 -4.55
CA ARG A 88 -8.13 11.42 -3.12
C ARG A 88 -9.11 12.50 -2.67
N SER A 89 -8.99 13.68 -3.27
CA SER A 89 -9.86 14.80 -2.94
C SER A 89 -11.25 14.61 -3.54
N GLY A 90 -12.25 15.20 -2.91
CA GLY A 90 -13.62 15.08 -3.39
C GLY A 90 -14.64 15.13 -2.27
N PRO A 91 -15.90 14.84 -2.60
CA PRO A 91 -17.00 14.84 -1.63
C PRO A 91 -16.89 13.71 -0.62
N SER A 92 -16.95 14.05 0.66
CA SER A 92 -16.85 13.05 1.72
C SER A 92 -18.18 12.31 1.89
N SER A 93 -18.37 11.29 1.06
CA SER A 93 -19.60 10.49 1.12
C SER A 93 -19.33 9.05 0.69
N GLY A 94 -20.37 8.22 0.76
CA GLY A 94 -20.22 6.83 0.39
C GLY A 94 -21.36 6.34 -0.50
N GLY A 1 -21.15 14.92 4.19
CA GLY A 1 -21.52 14.36 5.46
C GLY A 1 -21.53 12.85 5.46
N SER A 2 -20.39 12.24 5.74
CA SER A 2 -20.27 10.79 5.75
C SER A 2 -20.05 10.27 7.18
N SER A 3 -21.15 10.06 7.89
CA SER A 3 -21.07 9.58 9.27
C SER A 3 -21.85 8.27 9.43
N GLY A 4 -21.40 7.43 10.36
CA GLY A 4 -22.06 6.16 10.60
C GLY A 4 -22.13 5.30 9.35
N SER A 5 -21.13 4.43 9.18
CA SER A 5 -21.07 3.55 8.03
C SER A 5 -20.53 2.18 8.42
N SER A 6 -21.39 1.17 8.34
CA SER A 6 -20.99 -0.20 8.69
C SER A 6 -20.25 -0.86 7.52
N GLY A 7 -19.36 -0.10 6.89
CA GLY A 7 -18.60 -0.63 5.77
C GLY A 7 -17.93 -1.95 6.11
N MET A 8 -16.75 -1.88 6.70
CA MET A 8 -16.00 -3.08 7.07
C MET A 8 -15.62 -3.89 5.84
N ALA A 9 -15.04 -3.21 4.85
CA ALA A 9 -14.63 -3.88 3.62
C ALA A 9 -13.10 -3.99 3.53
N LEU A 10 -12.62 -5.22 3.53
CA LEU A 10 -11.18 -5.47 3.46
C LEU A 10 -10.66 -5.25 2.05
N GLU A 11 -11.46 -5.63 1.06
CA GLU A 11 -11.08 -5.48 -0.34
C GLU A 11 -11.45 -4.08 -0.85
N GLN A 12 -10.43 -3.26 -1.09
CA GLN A 12 -10.65 -1.90 -1.57
C GLN A 12 -9.50 -1.45 -2.47
N THR A 13 -9.65 -0.29 -3.09
CA THR A 13 -8.63 0.25 -3.97
C THR A 13 -8.27 1.68 -3.59
N LEU A 14 -9.27 2.56 -3.58
CA LEU A 14 -9.05 3.96 -3.23
C LEU A 14 -9.03 4.14 -1.71
N LYS A 15 -10.13 3.77 -1.06
CA LYS A 15 -10.24 3.89 0.39
C LYS A 15 -8.96 3.43 1.07
N LYS A 16 -8.41 2.32 0.60
CA LYS A 16 -7.17 1.78 1.16
C LYS A 16 -6.00 2.71 0.88
N ASP A 17 -5.74 3.62 1.81
CA ASP A 17 -4.63 4.57 1.66
C ASP A 17 -3.34 3.84 1.34
N TRP A 18 -2.64 4.31 0.32
CA TRP A 18 -1.37 3.71 -0.09
C TRP A 18 -0.19 4.47 0.48
N TYR A 19 -0.27 5.80 0.44
CA TYR A 19 0.80 6.65 0.96
C TYR A 19 1.09 6.33 2.43
N SER A 20 0.19 5.57 3.04
CA SER A 20 0.34 5.20 4.44
C SER A 20 0.92 3.79 4.58
N ILE A 21 0.47 2.89 3.71
CA ILE A 21 0.94 1.52 3.72
C ILE A 21 2.44 1.45 3.42
N LEU A 22 2.90 2.34 2.55
CA LEU A 22 4.31 2.38 2.19
C LEU A 22 5.07 3.37 3.05
N GLY A 23 4.40 3.91 4.06
CA GLY A 23 5.03 4.87 4.95
C GLY A 23 5.66 6.02 4.21
N ALA A 24 4.94 6.54 3.22
CA ALA A 24 5.43 7.67 2.42
C ALA A 24 4.47 8.84 2.47
N ASP A 25 4.79 9.90 1.72
CA ASP A 25 3.95 11.09 1.67
C ASP A 25 3.25 11.21 0.32
N PRO A 26 2.10 11.89 0.31
CA PRO A 26 1.31 12.09 -0.91
C PRO A 26 2.00 13.06 -1.87
N SER A 27 3.16 13.57 -1.47
CA SER A 27 3.91 14.51 -2.30
C SER A 27 5.34 14.02 -2.51
N ALA A 28 5.51 12.71 -2.52
CA ALA A 28 6.83 12.11 -2.71
C ALA A 28 7.15 11.97 -4.19
N ASN A 29 8.40 11.60 -4.49
CA ASN A 29 8.84 11.42 -5.87
C ASN A 29 8.93 9.95 -6.23
N MET A 30 8.73 9.64 -7.51
CA MET A 30 8.80 8.27 -7.99
C MET A 30 9.88 7.48 -7.24
N SER A 31 11.09 8.03 -7.23
CA SER A 31 12.22 7.38 -6.56
C SER A 31 11.87 7.08 -5.10
N ASP A 32 11.74 8.13 -4.29
CA ASP A 32 11.41 7.98 -2.88
C ASP A 32 10.46 6.82 -2.67
N LEU A 33 9.27 6.92 -3.27
CA LEU A 33 8.26 5.87 -3.14
C LEU A 33 8.88 4.49 -3.37
N LYS A 34 9.52 4.31 -4.52
CA LYS A 34 10.15 3.04 -4.85
C LYS A 34 11.07 2.58 -3.73
N GLN A 35 11.98 3.45 -3.32
CA GLN A 35 12.92 3.13 -2.25
C GLN A 35 12.20 2.51 -1.07
N LYS A 36 11.12 3.15 -0.65
CA LYS A 36 10.34 2.66 0.49
C LYS A 36 9.74 1.29 0.18
N TYR A 37 9.01 1.19 -0.92
CA TYR A 37 8.39 -0.06 -1.33
C TYR A 37 9.39 -1.21 -1.29
N GLN A 38 10.46 -1.07 -2.07
CA GLN A 38 11.49 -2.09 -2.13
C GLN A 38 11.98 -2.46 -0.74
N LYS A 39 12.10 -1.46 0.12
CA LYS A 39 12.55 -1.66 1.49
C LYS A 39 11.45 -2.31 2.33
N LEU A 40 10.21 -2.10 1.93
CA LEU A 40 9.08 -2.66 2.65
C LEU A 40 8.60 -3.96 2.00
N ILE A 41 9.46 -4.54 1.16
CA ILE A 41 9.12 -5.78 0.47
C ILE A 41 9.93 -6.94 1.02
N LEU A 42 11.10 -6.64 1.58
CA LEU A 42 11.97 -7.66 2.14
C LEU A 42 11.57 -7.98 3.58
N LEU A 43 11.07 -6.97 4.29
CA LEU A 43 10.65 -7.14 5.67
C LEU A 43 9.47 -8.11 5.77
N TYR A 44 8.50 -7.94 4.88
CA TYR A 44 7.33 -8.81 4.86
C TYR A 44 7.41 -9.82 3.74
N HIS A 45 8.64 -10.24 3.41
CA HIS A 45 8.86 -11.21 2.35
C HIS A 45 8.72 -12.63 2.88
N PRO A 46 8.08 -13.50 2.08
CA PRO A 46 7.86 -14.91 2.44
C PRO A 46 9.16 -15.70 2.45
N ASP A 47 10.00 -15.47 1.45
CA ASP A 47 11.28 -16.17 1.35
C ASP A 47 12.19 -15.82 2.51
N LYS A 48 12.12 -14.57 2.97
CA LYS A 48 12.93 -14.11 4.08
C LYS A 48 12.54 -14.81 5.38
N GLN A 49 11.26 -15.17 5.48
CA GLN A 49 10.75 -15.84 6.67
C GLN A 49 11.69 -16.97 7.10
N SER A 50 11.59 -17.37 8.36
CA SER A 50 12.42 -18.44 8.88
C SER A 50 11.94 -18.89 10.26
N ALA A 51 12.43 -20.03 10.71
CA ALA A 51 12.04 -20.57 12.01
C ALA A 51 12.03 -19.49 13.08
N ASP A 52 12.81 -18.43 12.85
CA ASP A 52 12.88 -17.31 13.78
C ASP A 52 11.48 -16.79 14.13
N VAL A 53 10.79 -16.26 13.12
CA VAL A 53 9.45 -15.72 13.32
C VAL A 53 8.48 -16.83 13.70
N PRO A 54 7.59 -16.53 14.67
CA PRO A 54 6.59 -17.49 15.14
C PRO A 54 5.50 -17.75 14.10
N ALA A 55 4.56 -18.61 14.44
CA ALA A 55 3.46 -18.96 13.54
C ALA A 55 2.50 -17.80 13.39
N GLY A 56 2.24 -17.09 14.48
CA GLY A 56 1.33 -15.96 14.45
C GLY A 56 1.81 -14.86 13.51
N THR A 57 3.00 -14.33 13.77
CA THR A 57 3.57 -13.28 12.95
C THR A 57 3.27 -13.51 11.47
N MET A 58 3.69 -14.67 10.97
CA MET A 58 3.47 -15.02 9.57
C MET A 58 2.13 -14.48 9.08
N GLU A 59 1.06 -14.87 9.76
CA GLU A 59 -0.28 -14.41 9.39
C GLU A 59 -0.33 -12.89 9.24
N GLU A 60 0.31 -12.19 10.18
CA GLU A 60 0.34 -10.74 10.14
C GLU A 60 1.14 -10.24 8.94
N CYS A 61 2.30 -10.86 8.70
CA CYS A 61 3.16 -10.48 7.60
C CYS A 61 2.41 -10.57 6.28
N MET A 62 1.83 -11.73 6.00
CA MET A 62 1.08 -11.95 4.77
C MET A 62 0.21 -10.74 4.44
N GLN A 63 -0.72 -10.43 5.33
CA GLN A 63 -1.62 -9.29 5.14
C GLN A 63 -0.84 -8.06 4.69
N LYS A 64 0.16 -7.68 5.47
CA LYS A 64 0.99 -6.51 5.15
C LYS A 64 1.60 -6.64 3.75
N PHE A 65 2.43 -7.66 3.57
CA PHE A 65 3.08 -7.89 2.29
C PHE A 65 2.09 -7.71 1.14
N ILE A 66 0.89 -8.26 1.30
CA ILE A 66 -0.14 -8.15 0.27
C ILE A 66 -0.44 -6.69 -0.05
N GLU A 67 -0.83 -5.94 0.98
CA GLU A 67 -1.15 -4.52 0.81
C GLU A 67 0.00 -3.78 0.13
N ILE A 68 1.21 -4.02 0.60
CA ILE A 68 2.38 -3.37 0.04
C ILE A 68 2.50 -3.64 -1.45
N ASP A 69 2.40 -4.92 -1.83
CA ASP A 69 2.49 -5.31 -3.23
C ASP A 69 1.42 -4.60 -4.06
N GLN A 70 0.41 -4.07 -3.39
CA GLN A 70 -0.69 -3.38 -4.06
C GLN A 70 -0.37 -1.88 -4.20
N ALA A 71 -0.01 -1.26 -3.08
CA ALA A 71 0.32 0.16 -3.07
C ALA A 71 1.19 0.53 -4.27
N TRP A 72 2.01 -0.42 -4.71
CA TRP A 72 2.89 -0.19 -5.85
C TRP A 72 2.12 -0.24 -7.16
N LYS A 73 1.14 -1.13 -7.23
CA LYS A 73 0.32 -1.28 -8.43
C LYS A 73 -0.20 0.07 -8.91
N ILE A 74 -0.46 0.97 -7.97
CA ILE A 74 -0.95 2.30 -8.30
C ILE A 74 0.19 3.31 -8.35
N LEU A 75 0.73 3.66 -7.19
CA LEU A 75 1.83 4.61 -7.11
C LEU A 75 2.98 4.20 -8.02
N GLY A 76 3.22 2.90 -8.11
CA GLY A 76 4.29 2.40 -8.95
C GLY A 76 4.15 2.84 -10.39
N ASN A 77 2.92 2.85 -10.89
CA ASN A 77 2.65 3.24 -12.26
C ASN A 77 2.63 4.77 -12.39
N GLU A 78 2.46 5.25 -13.62
CA GLU A 78 2.43 6.68 -13.88
C GLU A 78 1.00 7.16 -14.11
N GLU A 79 0.25 6.39 -14.89
CA GLU A 79 -1.13 6.74 -15.21
C GLU A 79 -1.99 6.71 -13.95
N THR A 80 -2.01 5.55 -13.28
CA THR A 80 -2.80 5.40 -12.06
C THR A 80 -2.32 6.35 -10.98
N LYS A 81 -1.04 6.30 -10.67
CA LYS A 81 -0.45 7.17 -9.65
C LYS A 81 -1.08 8.56 -9.69
N LYS A 82 -1.31 9.07 -10.90
CA LYS A 82 -1.91 10.38 -11.07
C LYS A 82 -3.40 10.34 -10.76
N LYS A 83 -4.07 9.32 -11.25
CA LYS A 83 -5.50 9.16 -11.04
C LYS A 83 -5.83 9.14 -9.54
N TYR A 84 -5.06 8.36 -8.79
CA TYR A 84 -5.27 8.25 -7.34
C TYR A 84 -5.28 9.63 -6.69
N ASP A 85 -4.16 10.35 -6.83
CA ASP A 85 -4.05 11.68 -6.26
C ASP A 85 -5.35 12.47 -6.43
N LEU A 86 -5.87 12.48 -7.64
CA LEU A 86 -7.11 13.19 -7.94
C LEU A 86 -8.28 12.59 -7.16
N GLN A 87 -8.27 11.28 -7.02
CA GLN A 87 -9.33 10.58 -6.30
C GLN A 87 -9.33 10.96 -4.83
N ARG A 88 -8.20 10.72 -4.16
CA ARG A 88 -8.08 11.04 -2.74
C ARG A 88 -8.48 12.48 -2.47
N SER A 89 -9.40 12.68 -1.53
CA SER A 89 -9.87 14.01 -1.18
C SER A 89 -8.89 14.70 -0.23
N GLY A 90 -7.91 13.95 0.26
CA GLY A 90 -6.93 14.50 1.17
C GLY A 90 -6.95 13.84 2.53
N PRO A 91 -5.82 13.91 3.24
CA PRO A 91 -5.70 13.31 4.58
C PRO A 91 -6.52 14.05 5.63
N SER A 92 -7.14 15.16 5.22
CA SER A 92 -7.95 15.96 6.12
C SER A 92 -8.85 15.08 6.97
N SER A 93 -9.00 15.43 8.25
CA SER A 93 -9.82 14.66 9.16
C SER A 93 -9.61 13.17 8.97
N GLY A 94 -8.35 12.78 8.79
CA GLY A 94 -8.02 11.37 8.60
C GLY A 94 -7.80 11.02 7.15
N GLY A 1 -19.29 15.53 14.37
CA GLY A 1 -18.81 15.78 13.02
C GLY A 1 -17.75 14.78 12.60
N SER A 2 -17.34 14.85 11.33
CA SER A 2 -16.32 13.95 10.80
C SER A 2 -16.88 12.54 10.66
N SER A 3 -18.11 12.45 10.15
CA SER A 3 -18.76 11.16 9.95
C SER A 3 -18.14 10.42 8.77
N GLY A 4 -17.56 9.25 9.05
CA GLY A 4 -16.95 8.46 7.99
C GLY A 4 -17.27 6.98 8.11
N SER A 5 -18.54 6.64 7.91
CA SER A 5 -18.98 5.25 8.00
C SER A 5 -19.51 4.76 6.66
N SER A 6 -19.11 3.55 6.28
CA SER A 6 -19.55 2.96 5.01
C SER A 6 -19.10 1.51 4.91
N GLY A 7 -19.82 0.73 4.09
CA GLY A 7 -19.49 -0.67 3.92
C GLY A 7 -18.98 -0.97 2.53
N MET A 8 -19.75 -1.74 1.77
CA MET A 8 -19.37 -2.10 0.41
C MET A 8 -18.98 -0.86 -0.39
N ALA A 9 -17.97 -1.01 -1.25
CA ALA A 9 -17.51 0.09 -2.07
C ALA A 9 -17.16 -0.39 -3.48
N LEU A 10 -17.10 0.55 -4.42
CA LEU A 10 -16.77 0.23 -5.80
C LEU A 10 -15.29 0.51 -6.10
N GLU A 11 -14.84 1.69 -5.70
CA GLU A 11 -13.44 2.08 -5.91
C GLU A 11 -12.60 1.76 -4.70
N GLN A 12 -12.85 0.61 -4.09
CA GLN A 12 -12.10 0.18 -2.91
C GLN A 12 -10.62 0.50 -3.06
N THR A 13 -10.01 -0.02 -4.12
CA THR A 13 -8.59 0.20 -4.38
C THR A 13 -8.18 1.60 -3.94
N LEU A 14 -8.70 2.61 -4.62
CA LEU A 14 -8.39 4.00 -4.30
C LEU A 14 -8.70 4.32 -2.85
N LYS A 15 -9.92 3.98 -2.42
CA LYS A 15 -10.35 4.22 -1.05
C LYS A 15 -9.25 3.84 -0.07
N LYS A 16 -8.52 2.77 -0.37
CA LYS A 16 -7.44 2.31 0.49
C LYS A 16 -6.21 3.19 0.33
N ASP A 17 -5.84 3.89 1.41
CA ASP A 17 -4.67 4.77 1.40
C ASP A 17 -3.41 3.99 1.07
N TRP A 18 -2.65 4.50 0.10
CA TRP A 18 -1.41 3.85 -0.31
C TRP A 18 -0.19 4.58 0.25
N TYR A 19 -0.28 5.90 0.27
CA TYR A 19 0.82 6.73 0.78
C TYR A 19 1.06 6.45 2.26
N SER A 20 0.12 5.76 2.89
CA SER A 20 0.23 5.43 4.31
C SER A 20 0.77 4.01 4.50
N ILE A 21 0.36 3.11 3.61
CA ILE A 21 0.80 1.72 3.68
C ILE A 21 2.31 1.61 3.46
N LEU A 22 2.82 2.43 2.55
CA LEU A 22 4.25 2.43 2.24
C LEU A 22 4.99 3.45 3.10
N GLY A 23 4.26 4.10 3.99
CA GLY A 23 4.86 5.09 4.86
C GLY A 23 5.51 6.23 4.08
N ALA A 24 4.81 6.72 3.06
CA ALA A 24 5.33 7.80 2.24
C ALA A 24 4.37 8.99 2.25
N ASP A 25 4.74 10.04 1.53
CA ASP A 25 3.91 11.24 1.45
C ASP A 25 3.25 11.36 0.08
N PRO A 26 2.09 12.05 0.04
CA PRO A 26 1.33 12.25 -1.20
C PRO A 26 2.04 13.19 -2.16
N SER A 27 3.21 13.68 -1.75
CA SER A 27 3.98 14.60 -2.58
C SER A 27 5.38 14.05 -2.83
N ALA A 28 5.52 12.74 -2.78
CA ALA A 28 6.81 12.09 -3.00
C ALA A 28 7.05 11.84 -4.47
N ASN A 29 8.27 11.43 -4.81
CA ASN A 29 8.64 11.14 -6.20
C ASN A 29 8.78 9.65 -6.43
N MET A 30 8.67 9.24 -7.68
CA MET A 30 8.79 7.83 -8.05
C MET A 30 9.93 7.17 -7.29
N SER A 31 11.11 7.79 -7.34
CA SER A 31 12.29 7.26 -6.66
C SER A 31 12.00 7.05 -5.17
N ASP A 32 11.56 8.11 -4.50
CA ASP A 32 11.25 8.04 -3.08
C ASP A 32 10.33 6.86 -2.78
N LEU A 33 9.13 6.88 -3.36
CA LEU A 33 8.17 5.81 -3.15
C LEU A 33 8.82 4.44 -3.31
N LYS A 34 9.55 4.27 -4.41
CA LYS A 34 10.24 3.01 -4.68
C LYS A 34 11.07 2.57 -3.49
N GLN A 35 12.00 3.43 -3.07
CA GLN A 35 12.87 3.13 -1.93
C GLN A 35 12.06 2.53 -0.79
N LYS A 36 10.94 3.16 -0.46
CA LYS A 36 10.08 2.69 0.62
C LYS A 36 9.48 1.33 0.29
N TYR A 37 8.96 1.20 -0.92
CA TYR A 37 8.36 -0.06 -1.37
C TYR A 37 9.33 -1.22 -1.21
N GLN A 38 10.47 -1.13 -1.88
CA GLN A 38 11.49 -2.17 -1.82
C GLN A 38 11.72 -2.60 -0.37
N LYS A 39 12.16 -1.67 0.46
CA LYS A 39 12.42 -1.95 1.86
C LYS A 39 11.20 -2.55 2.54
N LEU A 40 10.03 -2.31 1.95
CA LEU A 40 8.77 -2.83 2.49
C LEU A 40 8.32 -4.06 1.72
N ILE A 41 9.25 -4.69 1.00
CA ILE A 41 8.93 -5.88 0.22
C ILE A 41 9.57 -7.12 0.84
N LEU A 42 10.73 -6.94 1.45
CA LEU A 42 11.45 -8.05 2.09
C LEU A 42 11.12 -8.13 3.57
N LEU A 43 10.42 -7.12 4.07
CA LEU A 43 10.04 -7.08 5.47
C LEU A 43 8.82 -7.94 5.74
N TYR A 44 8.04 -8.20 4.69
CA TYR A 44 6.83 -9.01 4.80
C TYR A 44 6.86 -10.17 3.81
N HIS A 45 8.04 -10.41 3.23
CA HIS A 45 8.20 -11.49 2.25
C HIS A 45 8.23 -12.85 2.95
N PRO A 46 7.60 -13.85 2.32
CA PRO A 46 7.54 -15.21 2.86
C PRO A 46 8.90 -15.91 2.81
N ASP A 47 9.62 -15.72 1.71
CA ASP A 47 10.93 -16.33 1.55
C ASP A 47 11.94 -15.74 2.53
N LYS A 48 11.90 -14.41 2.69
CA LYS A 48 12.80 -13.72 3.59
C LYS A 48 12.37 -13.91 5.04
N GLN A 49 12.11 -15.16 5.41
CA GLN A 49 11.69 -15.48 6.77
C GLN A 49 12.68 -16.42 7.45
N SER A 50 12.39 -16.79 8.69
CA SER A 50 13.26 -17.69 9.44
C SER A 50 12.50 -18.33 10.60
N ALA A 51 12.78 -19.61 10.84
CA ALA A 51 12.14 -20.34 11.92
C ALA A 51 12.09 -19.50 13.20
N ASP A 52 12.98 -18.53 13.29
CA ASP A 52 13.04 -17.66 14.47
C ASP A 52 11.68 -17.04 14.76
N VAL A 53 11.11 -16.40 13.74
CA VAL A 53 9.80 -15.76 13.88
C VAL A 53 8.72 -16.79 14.20
N PRO A 54 7.79 -16.41 15.10
CA PRO A 54 6.69 -17.28 15.52
C PRO A 54 5.67 -17.47 14.40
N ALA A 55 4.70 -18.36 14.65
CA ALA A 55 3.66 -18.64 13.67
C ALA A 55 2.65 -17.50 13.60
N GLY A 56 2.51 -16.77 14.70
CA GLY A 56 1.58 -15.65 14.75
C GLY A 56 2.02 -14.50 13.87
N THR A 57 3.33 -14.34 13.71
CA THR A 57 3.88 -13.26 12.89
C THR A 57 3.66 -13.53 11.42
N MET A 58 4.07 -14.72 10.96
CA MET A 58 3.93 -15.10 9.57
C MET A 58 2.59 -14.63 9.01
N GLU A 59 1.51 -14.97 9.73
CA GLU A 59 0.17 -14.58 9.30
C GLU A 59 0.09 -13.08 9.08
N GLU A 60 0.53 -12.31 10.06
CA GLU A 60 0.49 -10.85 9.98
C GLU A 60 1.30 -10.37 8.78
N CYS A 61 2.44 -11.02 8.54
CA CYS A 61 3.30 -10.65 7.42
C CYS A 61 2.54 -10.68 6.10
N MET A 62 1.87 -11.80 5.84
CA MET A 62 1.10 -11.94 4.61
C MET A 62 0.19 -10.74 4.38
N GLN A 63 -0.72 -10.49 5.32
CA GLN A 63 -1.63 -9.36 5.22
C GLN A 63 -0.92 -8.12 4.68
N LYS A 64 0.10 -7.68 5.40
CA LYS A 64 0.87 -6.51 5.01
C LYS A 64 1.44 -6.67 3.60
N PHE A 65 2.38 -7.60 3.46
CA PHE A 65 3.00 -7.86 2.16
C PHE A 65 1.99 -7.69 1.04
N ILE A 66 0.78 -8.20 1.24
CA ILE A 66 -0.28 -8.11 0.25
C ILE A 66 -0.62 -6.65 -0.05
N GLU A 67 -0.89 -5.89 1.00
CA GLU A 67 -1.23 -4.48 0.84
C GLU A 67 -0.11 -3.72 0.15
N ILE A 68 1.12 -4.02 0.53
CA ILE A 68 2.29 -3.36 -0.07
C ILE A 68 2.35 -3.61 -1.56
N ASP A 69 2.43 -4.87 -1.95
CA ASP A 69 2.50 -5.24 -3.37
C ASP A 69 1.44 -4.49 -4.17
N GLN A 70 0.40 -4.04 -3.49
CA GLN A 70 -0.68 -3.31 -4.14
C GLN A 70 -0.34 -1.83 -4.27
N ALA A 71 -0.03 -1.20 -3.14
CA ALA A 71 0.32 0.22 -3.13
C ALA A 71 1.22 0.57 -4.30
N TRP A 72 2.10 -0.37 -4.66
CA TRP A 72 3.03 -0.16 -5.78
C TRP A 72 2.28 -0.08 -7.10
N LYS A 73 1.31 -0.98 -7.28
CA LYS A 73 0.52 -1.00 -8.51
C LYS A 73 0.07 0.39 -8.91
N ILE A 74 -0.18 1.24 -7.92
CA ILE A 74 -0.62 2.61 -8.17
C ILE A 74 0.53 3.59 -7.95
N LEU A 75 1.10 3.57 -6.75
CA LEU A 75 2.21 4.46 -6.42
C LEU A 75 3.54 3.87 -6.87
N GLY A 76 3.51 3.15 -7.98
CA GLY A 76 4.71 2.54 -8.51
C GLY A 76 5.10 3.08 -9.87
N ASN A 77 4.10 3.43 -10.66
CA ASN A 77 4.32 3.96 -12.00
C ASN A 77 4.14 5.48 -12.02
N GLU A 78 4.83 6.14 -12.94
CA GLU A 78 4.74 7.59 -13.07
C GLU A 78 3.34 8.01 -13.51
N GLU A 79 2.63 7.08 -14.14
CA GLU A 79 1.28 7.36 -14.61
C GLU A 79 0.25 7.14 -13.49
N THR A 80 -0.01 5.88 -13.18
CA THR A 80 -0.97 5.54 -12.14
C THR A 80 -0.76 6.40 -10.89
N LYS A 81 0.48 6.51 -10.46
CA LYS A 81 0.82 7.31 -9.29
C LYS A 81 0.17 8.69 -9.37
N LYS A 82 0.27 9.32 -10.53
CA LYS A 82 -0.31 10.64 -10.73
C LYS A 82 -1.83 10.59 -10.60
N LYS A 83 -2.45 9.62 -11.25
CA LYS A 83 -3.90 9.47 -11.21
C LYS A 83 -4.40 9.50 -9.77
N TYR A 84 -3.86 8.61 -8.93
CA TYR A 84 -4.25 8.54 -7.54
C TYR A 84 -4.43 9.94 -6.95
N ASP A 85 -3.37 10.72 -6.98
CA ASP A 85 -3.41 12.07 -6.44
C ASP A 85 -4.72 12.77 -6.81
N LEU A 86 -4.97 12.91 -8.10
CA LEU A 86 -6.18 13.56 -8.58
C LEU A 86 -7.42 12.87 -8.01
N GLN A 87 -7.45 11.55 -8.10
CA GLN A 87 -8.57 10.77 -7.59
C GLN A 87 -8.95 11.21 -6.18
N ARG A 88 -7.98 11.14 -5.27
CA ARG A 88 -8.21 11.53 -3.89
C ARG A 88 -9.17 12.71 -3.80
N SER A 89 -10.20 12.58 -2.95
CA SER A 89 -11.19 13.63 -2.79
C SER A 89 -11.41 13.93 -1.30
N GLY A 90 -11.13 15.18 -0.92
CA GLY A 90 -11.30 15.58 0.46
C GLY A 90 -12.22 16.78 0.61
N PRO A 91 -12.09 17.50 1.73
CA PRO A 91 -12.91 18.68 2.02
C PRO A 91 -12.57 19.85 1.10
N SER A 92 -11.65 19.63 0.18
CA SER A 92 -11.22 20.67 -0.75
C SER A 92 -10.36 20.09 -1.87
N SER A 93 -10.93 19.97 -3.06
CA SER A 93 -10.21 19.43 -4.20
C SER A 93 -8.78 19.97 -4.25
N GLY A 94 -7.82 19.08 -4.41
CA GLY A 94 -6.42 19.49 -4.47
C GLY A 94 -5.98 20.21 -3.22
N GLY A 1 -20.97 15.31 4.37
CA GLY A 1 -20.11 14.13 4.46
C GLY A 1 -19.75 13.59 3.09
N SER A 2 -19.12 14.41 2.27
CA SER A 2 -18.73 14.00 0.93
C SER A 2 -17.58 12.99 0.99
N SER A 3 -17.93 11.70 1.02
CA SER A 3 -16.93 10.65 1.08
C SER A 3 -17.54 9.30 0.70
N GLY A 4 -16.77 8.48 0.00
CA GLY A 4 -17.25 7.18 -0.42
C GLY A 4 -17.29 6.19 0.72
N SER A 5 -18.27 6.33 1.61
CA SER A 5 -18.40 5.44 2.76
C SER A 5 -18.03 4.01 2.38
N SER A 6 -17.22 3.38 3.21
CA SER A 6 -16.78 2.00 2.96
C SER A 6 -17.88 1.01 3.35
N GLY A 7 -18.40 0.31 2.34
CA GLY A 7 -19.45 -0.66 2.58
C GLY A 7 -19.59 -1.66 1.46
N MET A 8 -19.17 -2.90 1.70
CA MET A 8 -19.25 -3.95 0.69
C MET A 8 -19.01 -3.38 -0.71
N ALA A 9 -17.98 -2.56 -0.84
CA ALA A 9 -17.65 -1.94 -2.13
C ALA A 9 -17.08 -2.98 -3.10
N LEU A 10 -17.35 -2.78 -4.38
CA LEU A 10 -16.87 -3.70 -5.41
C LEU A 10 -15.37 -3.48 -5.68
N GLU A 11 -14.90 -2.28 -5.37
CA GLU A 11 -13.49 -1.94 -5.57
C GLU A 11 -12.91 -1.25 -4.34
N GLN A 12 -11.85 -1.84 -3.80
CA GLN A 12 -11.20 -1.28 -2.61
C GLN A 12 -9.75 -0.93 -2.90
N THR A 13 -9.52 -0.29 -4.03
CA THR A 13 -8.16 0.10 -4.43
C THR A 13 -7.90 1.56 -4.10
N LEU A 14 -8.85 2.42 -4.44
CA LEU A 14 -8.72 3.86 -4.18
C LEU A 14 -8.94 4.16 -2.70
N LYS A 15 -10.04 3.65 -2.16
CA LYS A 15 -10.37 3.87 -0.76
C LYS A 15 -9.15 3.66 0.13
N LYS A 16 -8.42 2.59 -0.13
CA LYS A 16 -7.22 2.27 0.64
C LYS A 16 -6.17 3.37 0.47
N ASP A 17 -5.40 3.62 1.52
CA ASP A 17 -4.36 4.64 1.49
C ASP A 17 -3.00 4.00 1.22
N TRP A 18 -2.53 4.11 -0.02
CA TRP A 18 -1.25 3.55 -0.41
C TRP A 18 -0.10 4.40 0.12
N TYR A 19 -0.33 5.70 0.23
CA TYR A 19 0.68 6.62 0.71
C TYR A 19 0.98 6.38 2.19
N SER A 20 0.10 5.61 2.85
CA SER A 20 0.26 5.31 4.26
C SER A 20 0.89 3.93 4.44
N ILE A 21 0.50 2.99 3.59
CA ILE A 21 1.02 1.63 3.66
C ILE A 21 2.50 1.59 3.32
N LEU A 22 2.93 2.47 2.43
CA LEU A 22 4.33 2.54 2.02
C LEU A 22 5.06 3.64 2.78
N GLY A 23 4.39 4.22 3.77
CA GLY A 23 4.99 5.27 4.56
C GLY A 23 5.56 6.39 3.71
N ALA A 24 4.83 6.76 2.67
CA ALA A 24 5.26 7.82 1.77
C ALA A 24 4.26 8.97 1.76
N ASP A 25 4.60 10.04 1.04
CA ASP A 25 3.74 11.22 0.95
C ASP A 25 3.09 11.29 -0.43
N PRO A 26 1.93 11.98 -0.49
CA PRO A 26 1.18 12.15 -1.73
C PRO A 26 1.89 13.07 -2.71
N SER A 27 3.02 13.63 -2.30
CA SER A 27 3.80 14.52 -3.14
C SER A 27 5.23 14.02 -3.31
N ALA A 28 5.50 12.85 -2.75
CA ALA A 28 6.83 12.25 -2.83
C ALA A 28 7.25 12.05 -4.28
N ASN A 29 8.53 11.76 -4.50
CA ASN A 29 9.06 11.55 -5.84
C ASN A 29 9.14 10.06 -6.16
N MET A 30 9.03 9.74 -7.44
CA MET A 30 9.09 8.35 -7.89
C MET A 30 10.21 7.60 -7.17
N SER A 31 11.41 8.16 -7.21
CA SER A 31 12.56 7.54 -6.57
C SER A 31 12.27 7.21 -5.12
N ASP A 32 11.78 8.21 -4.38
CA ASP A 32 11.44 8.03 -2.97
C ASP A 32 10.51 6.84 -2.78
N LEU A 33 9.29 6.96 -3.32
CA LEU A 33 8.30 5.89 -3.20
C LEU A 33 8.96 4.53 -3.38
N LYS A 34 9.51 4.28 -4.57
CA LYS A 34 10.17 3.02 -4.86
C LYS A 34 11.09 2.59 -3.72
N GLN A 35 12.05 3.45 -3.40
CA GLN A 35 12.98 3.17 -2.32
C GLN A 35 12.26 2.61 -1.10
N LYS A 36 11.15 3.22 -0.74
CA LYS A 36 10.36 2.79 0.41
C LYS A 36 9.70 1.44 0.14
N TYR A 37 8.99 1.35 -0.98
CA TYR A 37 8.30 0.12 -1.35
C TYR A 37 9.26 -1.07 -1.28
N GLN A 38 10.39 -0.96 -1.96
CA GLN A 38 11.39 -2.02 -1.98
C GLN A 38 11.79 -2.40 -0.55
N LYS A 39 11.95 -1.40 0.30
CA LYS A 39 12.33 -1.64 1.69
C LYS A 39 11.20 -2.29 2.47
N LEU A 40 10.00 -2.25 1.90
CA LEU A 40 8.83 -2.85 2.54
C LEU A 40 8.44 -4.15 1.86
N ILE A 41 9.29 -4.62 0.95
CA ILE A 41 9.04 -5.86 0.23
C ILE A 41 9.87 -7.01 0.80
N LEU A 42 10.96 -6.66 1.48
CA LEU A 42 11.84 -7.66 2.08
C LEU A 42 11.63 -7.74 3.59
N LEU A 43 10.76 -6.87 4.10
CA LEU A 43 10.47 -6.85 5.53
C LEU A 43 9.33 -7.81 5.89
N TYR A 44 8.51 -8.12 4.89
CA TYR A 44 7.38 -9.02 5.09
C TYR A 44 7.44 -10.19 4.11
N HIS A 45 8.47 -10.19 3.26
CA HIS A 45 8.65 -11.25 2.28
C HIS A 45 8.55 -12.62 2.93
N PRO A 46 7.90 -13.56 2.24
CA PRO A 46 7.72 -14.94 2.74
C PRO A 46 9.03 -15.72 2.76
N ASP A 47 9.81 -15.59 1.69
CA ASP A 47 11.09 -16.28 1.58
C ASP A 47 12.08 -15.74 2.61
N LYS A 48 12.17 -14.42 2.69
CA LYS A 48 13.08 -13.77 3.62
C LYS A 48 12.86 -14.27 5.05
N GLN A 49 11.64 -14.73 5.32
CA GLN A 49 11.29 -15.23 6.64
C GLN A 49 12.37 -16.18 7.16
N SER A 50 12.25 -16.58 8.42
CA SER A 50 13.21 -17.47 9.04
C SER A 50 12.64 -18.08 10.32
N ALA A 51 13.15 -19.26 10.69
CA ALA A 51 12.69 -19.95 11.88
C ALA A 51 12.55 -18.98 13.06
N ASP A 52 13.32 -17.89 13.02
CA ASP A 52 13.28 -16.88 14.07
C ASP A 52 11.84 -16.49 14.40
N VAL A 53 11.14 -15.95 13.41
CA VAL A 53 9.76 -15.52 13.59
C VAL A 53 8.85 -16.73 13.85
N PRO A 54 7.90 -16.56 14.77
CA PRO A 54 6.95 -17.62 15.14
C PRO A 54 5.96 -17.91 14.02
N ALA A 55 4.89 -18.63 14.36
CA ALA A 55 3.86 -18.98 13.38
C ALA A 55 2.76 -17.92 13.34
N GLY A 56 2.53 -17.27 14.49
CA GLY A 56 1.50 -16.25 14.56
C GLY A 56 1.86 -15.01 13.76
N THR A 57 3.06 -14.48 14.01
CA THR A 57 3.52 -13.28 13.30
C THR A 57 3.41 -13.46 11.79
N MET A 58 3.68 -14.66 11.31
CA MET A 58 3.61 -14.96 9.89
C MET A 58 2.28 -14.51 9.31
N GLU A 59 1.20 -14.96 9.92
CA GLU A 59 -0.15 -14.60 9.46
C GLU A 59 -0.25 -13.11 9.19
N GLU A 60 0.27 -12.30 10.11
CA GLU A 60 0.24 -10.85 9.96
C GLU A 60 1.18 -10.40 8.85
N CYS A 61 2.17 -11.23 8.54
CA CYS A 61 3.13 -10.92 7.49
C CYS A 61 2.46 -10.89 6.12
N MET A 62 1.53 -11.81 5.91
CA MET A 62 0.81 -11.89 4.63
C MET A 62 -0.01 -10.63 4.39
N GLN A 63 -0.88 -10.30 5.34
CA GLN A 63 -1.72 -9.11 5.22
C GLN A 63 -0.90 -7.90 4.78
N LYS A 64 0.13 -7.57 5.56
CA LYS A 64 0.99 -6.44 5.26
C LYS A 64 1.56 -6.55 3.84
N PHE A 65 2.28 -7.63 3.57
CA PHE A 65 2.86 -7.86 2.26
C PHE A 65 1.84 -7.59 1.15
N ILE A 66 0.72 -8.29 1.22
CA ILE A 66 -0.34 -8.13 0.23
C ILE A 66 -0.62 -6.66 -0.05
N GLU A 67 -0.75 -5.87 1.02
CA GLU A 67 -1.02 -4.45 0.89
C GLU A 67 0.14 -3.74 0.19
N ILE A 68 1.36 -4.11 0.57
CA ILE A 68 2.56 -3.52 -0.02
C ILE A 68 2.60 -3.75 -1.52
N ASP A 69 2.30 -4.97 -1.94
CA ASP A 69 2.31 -5.31 -3.35
C ASP A 69 1.19 -4.59 -4.10
N GLN A 70 0.23 -4.04 -3.35
CA GLN A 70 -0.88 -3.32 -3.93
C GLN A 70 -0.59 -1.82 -4.00
N ALA A 71 0.10 -1.32 -2.97
CA ALA A 71 0.44 0.09 -2.92
C ALA A 71 1.42 0.47 -4.03
N TRP A 72 1.94 -0.54 -4.72
CA TRP A 72 2.89 -0.31 -5.79
C TRP A 72 2.19 -0.34 -7.15
N LYS A 73 1.07 -1.05 -7.21
CA LYS A 73 0.30 -1.16 -8.45
C LYS A 73 -0.30 0.18 -8.83
N ILE A 74 -0.40 1.08 -7.85
CA ILE A 74 -0.96 2.40 -8.08
C ILE A 74 0.12 3.48 -8.06
N LEU A 75 0.97 3.41 -7.04
CA LEU A 75 2.06 4.37 -6.90
C LEU A 75 3.34 3.85 -7.54
N GLY A 76 3.19 2.99 -8.54
CA GLY A 76 4.34 2.43 -9.23
C GLY A 76 4.37 2.81 -10.69
N ASN A 77 3.20 3.06 -11.27
CA ASN A 77 3.11 3.43 -12.67
C ASN A 77 2.80 4.92 -12.83
N GLU A 78 3.69 5.63 -13.53
CA GLU A 78 3.52 7.07 -13.74
C GLU A 78 2.06 7.39 -14.09
N GLU A 79 1.43 6.49 -14.83
CA GLU A 79 0.04 6.68 -15.23
C GLU A 79 -0.90 6.63 -14.03
N THR A 80 -0.94 5.47 -13.37
CA THR A 80 -1.79 5.29 -12.20
C THR A 80 -1.49 6.34 -11.12
N LYS A 81 -0.25 6.32 -10.62
CA LYS A 81 0.17 7.25 -9.60
C LYS A 81 -0.40 8.64 -9.86
N LYS A 82 -0.51 9.01 -11.13
CA LYS A 82 -1.05 10.31 -11.52
C LYS A 82 -2.55 10.36 -11.31
N LYS A 83 -3.25 9.35 -11.82
CA LYS A 83 -4.71 9.28 -11.66
C LYS A 83 -5.11 9.25 -10.20
N TYR A 84 -4.40 8.43 -9.41
CA TYR A 84 -4.69 8.31 -7.99
C TYR A 84 -4.81 9.68 -7.33
N ASP A 85 -3.69 10.40 -7.27
CA ASP A 85 -3.66 11.72 -6.67
C ASP A 85 -4.96 12.48 -6.97
N LEU A 86 -5.36 12.47 -8.23
CA LEU A 86 -6.58 13.16 -8.64
C LEU A 86 -7.81 12.52 -8.00
N GLN A 87 -7.91 11.20 -8.13
CA GLN A 87 -9.05 10.47 -7.55
C GLN A 87 -9.21 10.79 -6.07
N ARG A 88 -8.11 10.75 -5.33
CA ARG A 88 -8.13 11.04 -3.91
C ARG A 88 -9.08 12.20 -3.61
N SER A 89 -10.06 11.95 -2.73
CA SER A 89 -11.03 12.97 -2.36
C SER A 89 -10.82 13.42 -0.93
N GLY A 90 -10.90 12.48 0.00
CA GLY A 90 -10.71 12.80 1.41
C GLY A 90 -10.21 11.62 2.21
N PRO A 91 -9.97 11.84 3.51
CA PRO A 91 -9.48 10.80 4.43
C PRO A 91 -10.53 9.73 4.70
N SER A 92 -10.08 8.49 4.90
CA SER A 92 -10.98 7.37 5.17
C SER A 92 -10.49 6.55 6.35
N SER A 93 -11.42 6.06 7.15
CA SER A 93 -11.09 5.25 8.32
C SER A 93 -12.30 4.47 8.81
N GLY A 94 -12.05 3.30 9.37
CA GLY A 94 -13.12 2.46 9.87
C GLY A 94 -12.71 1.64 11.07
N GLY A 1 -4.74 14.79 9.68
CA GLY A 1 -4.82 14.52 11.10
C GLY A 1 -6.21 14.11 11.53
N SER A 2 -6.39 12.81 11.79
CA SER A 2 -7.68 12.28 12.21
C SER A 2 -7.53 10.88 12.80
N SER A 3 -8.63 10.33 13.31
CA SER A 3 -8.62 9.01 13.91
C SER A 3 -10.03 8.57 14.27
N GLY A 4 -10.45 7.43 13.73
CA GLY A 4 -11.78 6.92 14.01
C GLY A 4 -12.58 6.67 12.74
N SER A 5 -12.39 5.50 12.15
CA SER A 5 -13.10 5.15 10.92
C SER A 5 -14.14 4.06 11.19
N SER A 6 -15.33 4.22 10.61
CA SER A 6 -16.40 3.25 10.79
C SER A 6 -16.64 2.46 9.50
N GLY A 7 -16.00 1.30 9.40
CA GLY A 7 -16.15 0.46 8.23
C GLY A 7 -14.89 0.38 7.41
N MET A 8 -14.29 -0.81 7.36
CA MET A 8 -13.06 -1.02 6.61
C MET A 8 -13.27 -2.04 5.50
N ALA A 9 -12.77 -1.71 4.30
CA ALA A 9 -12.91 -2.60 3.16
C ALA A 9 -11.70 -3.53 3.03
N LEU A 10 -11.81 -4.53 2.15
CA LEU A 10 -10.72 -5.47 1.93
C LEU A 10 -10.30 -5.49 0.47
N GLU A 11 -11.18 -5.00 -0.40
CA GLU A 11 -10.89 -4.97 -1.83
C GLU A 11 -11.14 -3.56 -2.39
N GLN A 12 -10.23 -2.64 -2.11
CA GLN A 12 -10.35 -1.27 -2.59
C GLN A 12 -9.09 -0.83 -3.31
N THR A 13 -9.20 0.25 -4.08
CA THR A 13 -8.05 0.78 -4.81
C THR A 13 -7.80 2.24 -4.46
N LEU A 14 -8.85 2.93 -4.03
CA LEU A 14 -8.74 4.34 -3.66
C LEU A 14 -8.83 4.52 -2.15
N LYS A 15 -9.83 3.89 -1.54
CA LYS A 15 -10.03 3.96 -0.10
C LYS A 15 -8.75 3.59 0.65
N LYS A 16 -8.09 2.55 0.17
CA LYS A 16 -6.85 2.09 0.79
C LYS A 16 -5.86 3.24 0.96
N ASP A 17 -4.92 3.09 1.88
CA ASP A 17 -3.92 4.11 2.15
C ASP A 17 -2.53 3.62 1.75
N TRP A 18 -2.18 3.80 0.49
CA TRP A 18 -0.88 3.38 -0.01
C TRP A 18 0.25 4.18 0.65
N TYR A 19 0.03 5.48 0.79
CA TYR A 19 1.02 6.35 1.41
C TYR A 19 1.34 5.91 2.84
N SER A 20 0.48 5.04 3.38
CA SER A 20 0.65 4.55 4.74
C SER A 20 1.25 3.14 4.72
N ILE A 21 0.78 2.31 3.80
CA ILE A 21 1.27 0.95 3.69
C ILE A 21 2.73 0.92 3.26
N LEU A 22 3.18 2.01 2.65
CA LEU A 22 4.57 2.11 2.19
C LEU A 22 5.35 3.07 3.07
N GLY A 23 4.77 3.46 4.20
CA GLY A 23 5.43 4.37 5.11
C GLY A 23 6.03 5.57 4.39
N ALA A 24 5.27 6.13 3.46
CA ALA A 24 5.73 7.29 2.70
C ALA A 24 4.79 8.47 2.86
N ASP A 25 5.08 9.56 2.18
CA ASP A 25 4.24 10.76 2.24
C ASP A 25 3.51 10.98 0.92
N PRO A 26 2.38 11.71 0.99
CA PRO A 26 1.57 12.01 -0.20
C PRO A 26 2.26 12.98 -1.14
N SER A 27 3.42 13.47 -0.73
CA SER A 27 4.18 14.42 -1.54
C SER A 27 5.56 13.86 -1.88
N ALA A 28 5.65 12.55 -1.95
CA ALA A 28 6.92 11.88 -2.27
C ALA A 28 7.06 11.67 -3.76
N ASN A 29 8.26 11.25 -4.19
CA ASN A 29 8.52 11.00 -5.60
C ASN A 29 8.69 9.51 -5.87
N MET A 30 8.39 9.09 -7.09
CA MET A 30 8.51 7.69 -7.47
C MET A 30 9.78 7.08 -6.89
N SER A 31 10.90 7.76 -7.07
CA SER A 31 12.19 7.29 -6.58
C SER A 31 12.10 6.94 -5.09
N ASP A 32 11.58 7.88 -4.30
CA ASP A 32 11.44 7.67 -2.86
C ASP A 32 10.41 6.59 -2.57
N LEU A 33 9.18 6.82 -3.01
CA LEU A 33 8.10 5.86 -2.79
C LEU A 33 8.56 4.45 -3.13
N LYS A 34 9.30 4.31 -4.21
CA LYS A 34 9.81 3.01 -4.64
C LYS A 34 10.79 2.45 -3.62
N GLN A 35 11.70 3.29 -3.15
CA GLN A 35 12.69 2.88 -2.17
C GLN A 35 12.02 2.32 -0.92
N LYS A 36 11.02 3.03 -0.43
CA LYS A 36 10.29 2.61 0.76
C LYS A 36 9.54 1.30 0.51
N TYR A 37 9.00 1.16 -0.69
CA TYR A 37 8.25 -0.04 -1.06
C TYR A 37 9.17 -1.26 -1.11
N GLN A 38 10.16 -1.21 -2.00
CA GLN A 38 11.12 -2.30 -2.16
C GLN A 38 11.73 -2.67 -0.81
N LYS A 39 11.84 -1.69 0.08
CA LYS A 39 12.41 -1.93 1.39
C LYS A 39 11.38 -2.50 2.35
N LEU A 40 10.10 -2.24 2.06
CA LEU A 40 9.01 -2.74 2.90
C LEU A 40 8.45 -4.03 2.32
N ILE A 41 9.19 -4.66 1.43
CA ILE A 41 8.77 -5.91 0.81
C ILE A 41 9.54 -7.10 1.36
N LEU A 42 10.81 -6.86 1.70
CA LEU A 42 11.66 -7.91 2.25
C LEU A 42 11.31 -8.20 3.69
N LEU A 43 10.84 -7.18 4.40
CA LEU A 43 10.46 -7.32 5.80
C LEU A 43 9.23 -8.22 5.94
N TYR A 44 8.43 -8.27 4.89
CA TYR A 44 7.22 -9.09 4.88
C TYR A 44 7.40 -10.34 4.02
N HIS A 45 8.28 -10.24 3.03
CA HIS A 45 8.55 -11.36 2.13
C HIS A 45 8.54 -12.68 2.89
N PRO A 46 7.97 -13.72 2.28
CA PRO A 46 7.89 -15.06 2.88
C PRO A 46 9.26 -15.74 2.96
N ASP A 47 10.03 -15.63 1.89
CA ASP A 47 11.36 -16.24 1.84
C ASP A 47 12.33 -15.49 2.76
N LYS A 48 12.05 -14.21 2.98
CA LYS A 48 12.90 -13.38 3.84
C LYS A 48 12.47 -13.50 5.29
N GLN A 49 12.24 -14.73 5.74
CA GLN A 49 11.82 -14.98 7.12
C GLN A 49 12.75 -15.98 7.80
N SER A 50 12.55 -16.19 9.10
CA SER A 50 13.38 -17.10 9.86
C SER A 50 12.65 -17.56 11.12
N ALA A 51 13.01 -18.74 11.61
CA ALA A 51 12.40 -19.29 12.82
C ALA A 51 12.30 -18.23 13.91
N ASP A 52 13.18 -17.23 13.84
CA ASP A 52 13.19 -16.16 14.83
C ASP A 52 11.79 -15.57 15.02
N VAL A 53 11.19 -15.12 13.92
CA VAL A 53 9.86 -14.55 13.97
C VAL A 53 8.82 -15.58 14.37
N PRO A 54 7.88 -15.17 15.23
CA PRO A 54 6.81 -16.05 15.71
C PRO A 54 5.80 -16.41 14.62
N ALA A 55 4.85 -17.27 14.96
CA ALA A 55 3.82 -17.68 14.01
C ALA A 55 2.89 -16.52 13.66
N GLY A 56 2.60 -15.69 14.65
CA GLY A 56 1.73 -14.55 14.43
C GLY A 56 2.29 -13.58 13.41
N THR A 57 3.56 -13.24 13.56
CA THR A 57 4.21 -12.30 12.65
C THR A 57 4.01 -12.72 11.19
N MET A 58 4.01 -14.03 10.96
CA MET A 58 3.83 -14.55 9.61
C MET A 58 2.42 -14.24 9.09
N GLU A 59 1.42 -14.84 9.72
CA GLU A 59 0.03 -14.62 9.33
C GLU A 59 -0.20 -13.16 8.93
N GLU A 60 0.36 -12.26 9.71
CA GLU A 60 0.21 -10.83 9.44
C GLU A 60 1.06 -10.41 8.25
N CYS A 61 2.27 -10.95 8.18
CA CYS A 61 3.18 -10.62 7.08
C CYS A 61 2.49 -10.80 5.73
N MET A 62 1.51 -11.68 5.69
CA MET A 62 0.77 -11.94 4.45
C MET A 62 -0.14 -10.76 4.11
N GLN A 63 -1.10 -10.48 4.98
CA GLN A 63 -2.04 -9.38 4.77
C GLN A 63 -1.29 -8.11 4.37
N LYS A 64 -0.13 -7.89 4.97
CA LYS A 64 0.68 -6.71 4.68
C LYS A 64 1.37 -6.86 3.33
N PHE A 65 2.17 -7.91 3.19
CA PHE A 65 2.89 -8.16 1.94
C PHE A 65 1.98 -7.96 0.73
N ILE A 66 0.75 -8.43 0.85
CA ILE A 66 -0.22 -8.31 -0.24
C ILE A 66 -0.58 -6.85 -0.48
N GLU A 67 -0.82 -6.12 0.60
CA GLU A 67 -1.18 -4.70 0.50
C GLU A 67 -0.02 -3.89 -0.08
N ILE A 68 1.20 -4.24 0.32
CA ILE A 68 2.38 -3.54 -0.16
C ILE A 68 2.53 -3.68 -1.67
N ASP A 69 2.43 -4.92 -2.16
CA ASP A 69 2.56 -5.19 -3.58
C ASP A 69 1.55 -4.37 -4.38
N GLN A 70 0.52 -3.88 -3.69
CA GLN A 70 -0.52 -3.09 -4.34
C GLN A 70 -0.20 -1.60 -4.24
N ALA A 71 0.10 -1.14 -3.03
CA ALA A 71 0.43 0.26 -2.80
C ALA A 71 1.39 0.79 -3.87
N TRP A 72 2.17 -0.12 -4.45
CA TRP A 72 3.13 0.25 -5.48
C TRP A 72 2.50 0.17 -6.87
N LYS A 73 1.51 -0.70 -7.00
CA LYS A 73 0.83 -0.89 -8.28
C LYS A 73 0.19 0.41 -8.75
N ILE A 74 -0.50 1.10 -7.84
CA ILE A 74 -1.15 2.36 -8.16
C ILE A 74 -0.16 3.51 -8.12
N LEU A 75 0.64 3.58 -7.05
CA LEU A 75 1.63 4.63 -6.90
C LEU A 75 2.60 4.64 -8.08
N GLY A 76 3.32 3.54 -8.26
CA GLY A 76 4.27 3.45 -9.36
C GLY A 76 3.70 3.96 -10.67
N ASN A 77 2.43 3.65 -10.92
CA ASN A 77 1.78 4.08 -12.14
C ASN A 77 1.42 5.56 -12.08
N GLU A 78 1.93 6.33 -13.04
CA GLU A 78 1.67 7.76 -13.08
C GLU A 78 0.22 8.04 -13.49
N GLU A 79 -0.38 7.08 -14.19
CA GLU A 79 -1.76 7.22 -14.64
C GLU A 79 -2.73 7.16 -13.47
N THR A 80 -2.69 6.05 -12.73
CA THR A 80 -3.57 5.87 -11.58
C THR A 80 -3.13 6.75 -10.41
N LYS A 81 -1.84 6.74 -10.13
CA LYS A 81 -1.29 7.54 -9.04
C LYS A 81 -1.82 8.97 -9.09
N LYS A 82 -2.15 9.43 -10.29
CA LYS A 82 -2.68 10.78 -10.47
C LYS A 82 -4.10 10.89 -9.93
N LYS A 83 -4.95 9.94 -10.31
CA LYS A 83 -6.33 9.93 -9.85
C LYS A 83 -6.41 9.66 -8.35
N TYR A 84 -5.51 8.81 -7.86
CA TYR A 84 -5.48 8.47 -6.44
C TYR A 84 -5.23 9.70 -5.59
N ASP A 85 -4.05 10.30 -5.76
CA ASP A 85 -3.68 11.49 -5.00
C ASP A 85 -4.85 12.47 -4.92
N LEU A 86 -5.41 12.81 -6.07
CA LEU A 86 -6.53 13.74 -6.13
C LEU A 86 -7.68 13.24 -5.27
N GLN A 87 -7.99 11.95 -5.39
CA GLN A 87 -9.08 11.36 -4.63
C GLN A 87 -8.90 11.60 -3.14
N ARG A 88 -7.69 11.35 -2.64
CA ARG A 88 -7.39 11.54 -1.23
C ARG A 88 -8.14 12.74 -0.67
N SER A 89 -7.96 13.90 -1.31
CA SER A 89 -8.62 15.13 -0.88
C SER A 89 -10.09 15.10 -1.24
N GLY A 90 -10.94 14.82 -0.25
CA GLY A 90 -12.37 14.77 -0.48
C GLY A 90 -12.83 15.79 -1.51
N PRO A 91 -13.83 15.42 -2.31
CA PRO A 91 -14.38 16.30 -3.35
C PRO A 91 -15.14 17.47 -2.77
N SER A 92 -15.04 18.63 -3.42
CA SER A 92 -15.73 19.83 -2.96
C SER A 92 -16.22 20.66 -4.15
N SER A 93 -17.54 20.75 -4.29
CA SER A 93 -18.14 21.51 -5.38
C SER A 93 -18.73 22.82 -4.88
N GLY A 94 -17.95 23.89 -4.98
CA GLY A 94 -18.41 25.19 -4.52
C GLY A 94 -18.13 25.42 -3.05
N GLY A 1 -26.11 22.30 7.07
CA GLY A 1 -25.56 21.72 5.86
C GLY A 1 -25.89 20.24 5.73
N SER A 2 -26.46 19.87 4.58
CA SER A 2 -26.84 18.48 4.34
C SER A 2 -25.96 17.88 3.24
N SER A 3 -25.21 16.85 3.59
CA SER A 3 -24.33 16.17 2.64
C SER A 3 -25.14 15.35 1.64
N GLY A 4 -25.96 14.44 2.15
CA GLY A 4 -26.78 13.61 1.29
C GLY A 4 -26.60 12.13 1.57
N SER A 5 -27.37 11.30 0.88
CA SER A 5 -27.29 9.86 1.07
C SER A 5 -26.01 9.29 0.47
N SER A 6 -25.65 8.09 0.89
CA SER A 6 -24.43 7.44 0.41
C SER A 6 -24.42 5.96 0.80
N GLY A 7 -23.71 5.16 0.02
CA GLY A 7 -23.62 3.73 0.30
C GLY A 7 -22.59 3.42 1.36
N MET A 8 -21.89 2.30 1.19
CA MET A 8 -20.87 1.88 2.15
C MET A 8 -19.98 0.79 1.56
N ALA A 9 -18.67 1.01 1.63
CA ALA A 9 -17.71 0.04 1.09
C ALA A 9 -16.90 -0.60 2.22
N LEU A 10 -16.32 -1.75 1.93
CA LEU A 10 -15.52 -2.47 2.92
C LEU A 10 -14.04 -2.43 2.55
N GLU A 11 -13.75 -2.58 1.26
CA GLU A 11 -12.38 -2.56 0.78
C GLU A 11 -12.32 -2.13 -0.69
N GLN A 12 -11.64 -1.02 -0.94
CA GLN A 12 -11.51 -0.49 -2.30
C GLN A 12 -10.09 -0.03 -2.57
N THR A 13 -9.74 0.10 -3.85
CA THR A 13 -8.41 0.53 -4.25
C THR A 13 -8.21 2.02 -3.97
N LEU A 14 -9.29 2.79 -4.11
CA LEU A 14 -9.23 4.23 -3.88
C LEU A 14 -9.47 4.56 -2.41
N LYS A 15 -10.51 3.96 -1.84
CA LYS A 15 -10.84 4.18 -0.44
C LYS A 15 -9.65 3.89 0.46
N LYS A 16 -8.78 2.99 0.01
CA LYS A 16 -7.60 2.62 0.78
C LYS A 16 -6.47 3.61 0.55
N ASP A 17 -5.59 3.74 1.54
CA ASP A 17 -4.46 4.66 1.45
C ASP A 17 -3.16 3.91 1.15
N TRP A 18 -2.43 4.37 0.15
CA TRP A 18 -1.17 3.74 -0.23
C TRP A 18 0.01 4.52 0.32
N TYR A 19 -0.10 5.84 0.31
CA TYR A 19 0.97 6.71 0.82
C TYR A 19 1.26 6.40 2.29
N SER A 20 0.36 5.67 2.92
CA SER A 20 0.52 5.31 4.33
C SER A 20 1.08 3.90 4.48
N ILE A 21 0.63 3.00 3.61
CA ILE A 21 1.08 1.61 3.65
C ILE A 21 2.58 1.52 3.33
N LEU A 22 3.03 2.35 2.41
CA LEU A 22 4.43 2.37 2.02
C LEU A 22 5.22 3.38 2.84
N GLY A 23 4.58 3.95 3.85
CA GLY A 23 5.23 4.92 4.70
C GLY A 23 5.89 6.04 3.91
N ALA A 24 5.19 6.53 2.89
CA ALA A 24 5.71 7.60 2.05
C ALA A 24 4.82 8.84 2.12
N ASP A 25 5.15 9.84 1.32
CA ASP A 25 4.37 11.08 1.28
C ASP A 25 3.62 11.22 -0.05
N PRO A 26 2.47 11.91 -0.01
CA PRO A 26 1.65 12.12 -1.19
C PRO A 26 2.30 13.09 -2.19
N SER A 27 3.49 13.57 -1.84
CA SER A 27 4.21 14.49 -2.70
C SER A 27 5.65 14.03 -2.90
N ALA A 28 5.88 12.73 -2.77
CA ALA A 28 7.21 12.16 -2.93
C ALA A 28 7.49 11.86 -4.41
N ASN A 29 8.76 11.65 -4.73
CA ASN A 29 9.18 11.36 -6.09
C ASN A 29 9.13 9.85 -6.36
N MET A 30 8.73 9.49 -7.57
CA MET A 30 8.64 8.08 -7.96
C MET A 30 9.80 7.29 -7.36
N SER A 31 11.00 7.83 -7.47
CA SER A 31 12.19 7.17 -6.94
C SER A 31 12.05 6.91 -5.44
N ASP A 32 11.73 7.96 -4.69
CA ASP A 32 11.56 7.84 -3.24
C ASP A 32 10.58 6.73 -2.91
N LEU A 33 9.36 6.85 -3.42
CA LEU A 33 8.33 5.85 -3.17
C LEU A 33 8.85 4.44 -3.40
N LYS A 34 9.61 4.27 -4.48
CA LYS A 34 10.17 2.98 -4.83
C LYS A 34 11.11 2.48 -3.73
N GLN A 35 11.95 3.38 -3.22
CA GLN A 35 12.89 3.03 -2.17
C GLN A 35 12.15 2.47 -0.95
N LYS A 36 11.10 3.15 -0.52
CA LYS A 36 10.31 2.71 0.62
C LYS A 36 9.67 1.36 0.35
N TYR A 37 9.03 1.23 -0.81
CA TYR A 37 8.37 -0.02 -1.19
C TYR A 37 9.33 -1.20 -1.06
N GLN A 38 10.40 -1.18 -1.85
CA GLN A 38 11.39 -2.25 -1.83
C GLN A 38 11.83 -2.55 -0.39
N LYS A 39 12.10 -1.51 0.37
CA LYS A 39 12.52 -1.66 1.76
C LYS A 39 11.40 -2.22 2.62
N LEU A 40 10.16 -1.96 2.21
CA LEU A 40 9.00 -2.45 2.94
C LEU A 40 8.46 -3.74 2.31
N ILE A 41 9.27 -4.36 1.49
CA ILE A 41 8.88 -5.60 0.83
C ILE A 41 9.62 -6.80 1.43
N LEU A 42 10.82 -6.56 1.93
CA LEU A 42 11.62 -7.61 2.54
C LEU A 42 11.15 -7.90 3.96
N LEU A 43 10.66 -6.87 4.64
CA LEU A 43 10.18 -7.01 6.00
C LEU A 43 8.96 -7.92 6.06
N TYR A 44 8.11 -7.84 5.04
CA TYR A 44 6.90 -8.66 4.97
C TYR A 44 7.01 -9.69 3.85
N HIS A 45 8.23 -10.17 3.62
CA HIS A 45 8.47 -11.16 2.58
C HIS A 45 8.43 -12.57 3.15
N PRO A 46 7.84 -13.51 2.40
CA PRO A 46 7.73 -14.91 2.81
C PRO A 46 9.07 -15.63 2.82
N ASP A 47 9.83 -15.44 1.75
CA ASP A 47 11.14 -16.07 1.62
C ASP A 47 12.12 -15.49 2.64
N LYS A 48 12.15 -14.16 2.73
CA LYS A 48 13.04 -13.48 3.67
C LYS A 48 12.77 -13.92 5.10
N GLN A 49 11.66 -14.64 5.30
CA GLN A 49 11.29 -15.12 6.62
C GLN A 49 12.45 -15.88 7.27
N SER A 50 12.20 -16.45 8.43
CA SER A 50 13.22 -17.20 9.16
C SER A 50 12.62 -17.92 10.36
N ALA A 51 13.29 -18.97 10.82
CA ALA A 51 12.83 -19.74 11.96
C ALA A 51 12.71 -18.87 13.21
N ASP A 52 13.23 -17.65 13.12
CA ASP A 52 13.18 -16.71 14.23
C ASP A 52 11.75 -16.25 14.50
N VAL A 53 11.01 -15.96 13.43
CA VAL A 53 9.63 -15.51 13.56
C VAL A 53 8.73 -16.66 14.00
N PRO A 54 7.79 -16.35 14.90
CA PRO A 54 6.84 -17.33 15.44
C PRO A 54 5.83 -17.78 14.39
N ALA A 55 4.82 -18.54 14.83
CA ALA A 55 3.78 -19.03 13.93
C ALA A 55 2.65 -18.02 13.81
N GLY A 56 2.75 -16.92 14.55
CA GLY A 56 1.72 -15.90 14.51
C GLY A 56 2.09 -14.74 13.60
N THR A 57 3.35 -14.30 13.68
CA THR A 57 3.82 -13.20 12.85
C THR A 57 3.65 -13.50 11.37
N MET A 58 4.07 -14.69 10.95
CA MET A 58 3.95 -15.08 9.56
C MET A 58 2.60 -14.68 8.99
N GLU A 59 1.53 -15.24 9.55
CA GLU A 59 0.18 -14.94 9.10
C GLU A 59 0.00 -13.44 8.88
N GLU A 60 0.54 -12.64 9.78
CA GLU A 60 0.44 -11.19 9.69
C GLU A 60 1.25 -10.67 8.52
N CYS A 61 2.43 -11.24 8.31
CA CYS A 61 3.30 -10.83 7.22
C CYS A 61 2.58 -10.93 5.88
N MET A 62 1.46 -11.64 5.87
CA MET A 62 0.68 -11.81 4.65
C MET A 62 -0.22 -10.61 4.41
N GLN A 63 -1.05 -10.28 5.39
CA GLN A 63 -1.95 -9.14 5.27
C GLN A 63 -1.19 -7.88 4.90
N LYS A 64 0.07 -7.81 5.33
CA LYS A 64 0.91 -6.64 5.04
C LYS A 64 1.47 -6.71 3.63
N PHE A 65 2.17 -7.81 3.33
CA PHE A 65 2.75 -8.01 2.01
C PHE A 65 1.75 -7.69 0.91
N ILE A 66 0.54 -8.24 1.04
CA ILE A 66 -0.51 -8.01 0.06
C ILE A 66 -0.71 -6.52 -0.20
N GLU A 67 -1.02 -5.78 0.86
CA GLU A 67 -1.24 -4.35 0.75
C GLU A 67 -0.05 -3.66 0.09
N ILE A 68 1.15 -3.95 0.60
CA ILE A 68 2.37 -3.36 0.06
C ILE A 68 2.48 -3.60 -1.44
N ASP A 69 2.10 -4.80 -1.86
CA ASP A 69 2.15 -5.17 -3.28
C ASP A 69 1.09 -4.41 -4.07
N GLN A 70 0.20 -3.73 -3.36
CA GLN A 70 -0.86 -2.96 -4.00
C GLN A 70 -0.52 -1.48 -4.03
N ALA A 71 0.04 -0.98 -2.93
CA ALA A 71 0.41 0.42 -2.82
C ALA A 71 1.38 0.81 -3.93
N TRP A 72 2.00 -0.18 -4.55
CA TRP A 72 2.95 0.06 -5.63
C TRP A 72 2.28 -0.07 -6.99
N LYS A 73 1.39 -1.04 -7.11
CA LYS A 73 0.67 -1.28 -8.36
C LYS A 73 0.11 0.03 -8.92
N ILE A 74 -0.40 0.87 -8.03
CA ILE A 74 -0.96 2.16 -8.44
C ILE A 74 0.11 3.25 -8.46
N LEU A 75 0.80 3.40 -7.34
CA LEU A 75 1.86 4.41 -7.23
C LEU A 75 2.98 4.13 -8.22
N GLY A 76 3.60 2.96 -8.09
CA GLY A 76 4.69 2.59 -8.98
C GLY A 76 4.42 3.02 -10.41
N ASN A 77 3.16 2.99 -10.82
CA ASN A 77 2.78 3.38 -12.17
C ASN A 77 2.81 4.88 -12.34
N GLU A 78 2.50 5.35 -13.54
CA GLU A 78 2.48 6.78 -13.83
C GLU A 78 1.06 7.29 -14.04
N GLU A 79 0.27 6.51 -14.78
CA GLU A 79 -1.12 6.88 -15.06
C GLU A 79 -1.97 6.77 -13.80
N THR A 80 -2.03 5.57 -13.23
CA THR A 80 -2.81 5.33 -12.02
C THR A 80 -2.30 6.18 -10.86
N LYS A 81 -1.01 6.48 -10.88
CA LYS A 81 -0.40 7.28 -9.83
C LYS A 81 -0.76 8.75 -9.99
N LYS A 82 -0.86 9.20 -11.23
CA LYS A 82 -1.19 10.59 -11.52
C LYS A 82 -2.66 10.86 -11.22
N LYS A 83 -3.51 9.86 -11.46
CA LYS A 83 -4.94 10.00 -11.21
C LYS A 83 -5.24 9.91 -9.72
N TYR A 84 -4.73 8.87 -9.07
CA TYR A 84 -4.94 8.67 -7.64
C TYR A 84 -4.56 9.92 -6.85
N ASP A 85 -3.39 10.47 -7.17
CA ASP A 85 -2.90 11.66 -6.49
C ASP A 85 -3.97 12.75 -6.47
N LEU A 86 -4.81 12.76 -7.50
CA LEU A 86 -5.89 13.75 -7.61
C LEU A 86 -7.08 13.36 -6.74
N GLN A 87 -7.37 12.05 -6.71
CA GLN A 87 -8.49 11.55 -5.92
C GLN A 87 -8.39 12.02 -4.48
N ARG A 88 -7.18 12.01 -3.93
CA ARG A 88 -6.96 12.43 -2.55
C ARG A 88 -7.67 13.75 -2.27
N SER A 89 -8.80 13.66 -1.55
CA SER A 89 -9.58 14.83 -1.21
C SER A 89 -9.38 15.22 0.25
N GLY A 90 -9.35 16.51 0.51
CA GLY A 90 -9.16 16.99 1.87
C GLY A 90 -8.97 18.50 1.94
N PRO A 91 -9.26 19.08 3.10
CA PRO A 91 -9.13 20.54 3.32
C PRO A 91 -7.67 20.99 3.35
N SER A 92 -6.76 20.02 3.24
CA SER A 92 -5.33 20.32 3.25
C SER A 92 -5.01 21.50 2.34
N SER A 93 -4.29 22.48 2.88
CA SER A 93 -3.92 23.67 2.11
C SER A 93 -3.57 23.29 0.67
N GLY A 94 -2.52 22.50 0.52
CA GLY A 94 -2.10 22.07 -0.81
C GLY A 94 -2.91 20.91 -1.34
N GLY A 1 -17.80 9.35 13.24
CA GLY A 1 -17.73 7.93 13.53
C GLY A 1 -17.31 7.11 12.32
N SER A 2 -16.18 6.41 12.45
CA SER A 2 -15.66 5.59 11.35
C SER A 2 -16.80 4.82 10.67
N SER A 3 -16.75 4.76 9.35
CA SER A 3 -17.78 4.06 8.59
C SER A 3 -17.40 2.59 8.41
N GLY A 4 -17.69 1.79 9.43
CA GLY A 4 -17.38 0.37 9.38
C GLY A 4 -16.03 0.10 8.73
N SER A 5 -16.00 -0.86 7.81
CA SER A 5 -14.77 -1.22 7.11
C SER A 5 -14.97 -1.21 5.61
N SER A 6 -14.72 -0.06 4.99
CA SER A 6 -14.88 0.08 3.55
C SER A 6 -14.22 -1.07 2.81
N GLY A 7 -14.96 -1.67 1.87
CA GLY A 7 -14.43 -2.77 1.11
C GLY A 7 -15.33 -3.17 -0.04
N MET A 8 -14.92 -4.18 -0.81
CA MET A 8 -15.70 -4.66 -1.93
C MET A 8 -16.37 -3.50 -2.65
N ALA A 9 -15.75 -2.33 -2.59
CA ALA A 9 -16.30 -1.14 -3.25
C ALA A 9 -15.96 -1.12 -4.73
N LEU A 10 -16.67 -0.28 -5.48
CA LEU A 10 -16.44 -0.18 -6.92
C LEU A 10 -14.98 0.19 -7.22
N GLU A 11 -14.44 1.12 -6.43
CA GLU A 11 -13.06 1.55 -6.61
C GLU A 11 -12.25 1.33 -5.34
N GLN A 12 -12.33 0.12 -4.80
CA GLN A 12 -11.61 -0.23 -3.58
C GLN A 12 -10.14 0.14 -3.70
N THR A 13 -9.62 0.09 -4.93
CA THR A 13 -8.22 0.42 -5.18
C THR A 13 -7.89 1.82 -4.70
N LEU A 14 -8.70 2.80 -5.11
CA LEU A 14 -8.49 4.18 -4.72
C LEU A 14 -8.91 4.40 -3.27
N LYS A 15 -10.09 3.91 -2.91
CA LYS A 15 -10.61 4.06 -1.56
C LYS A 15 -9.50 3.82 -0.53
N LYS A 16 -8.77 2.72 -0.70
CA LYS A 16 -7.69 2.37 0.21
C LYS A 16 -6.50 3.31 0.02
N ASP A 17 -5.85 3.65 1.13
CA ASP A 17 -4.69 4.53 1.08
C ASP A 17 -3.42 3.75 0.78
N TRP A 18 -2.54 4.33 -0.02
CA TRP A 18 -1.28 3.69 -0.37
C TRP A 18 -0.08 4.45 0.20
N TYR A 19 -0.11 5.77 0.06
CA TYR A 19 0.96 6.61 0.57
C TYR A 19 1.19 6.38 2.06
N SER A 20 0.24 5.70 2.69
CA SER A 20 0.33 5.42 4.12
C SER A 20 0.87 4.01 4.36
N ILE A 21 0.49 3.08 3.48
CA ILE A 21 0.94 1.70 3.59
C ILE A 21 2.44 1.59 3.39
N LEU A 22 2.97 2.37 2.45
CA LEU A 22 4.40 2.37 2.17
C LEU A 22 5.13 3.38 3.04
N GLY A 23 4.41 3.96 3.99
CA GLY A 23 5.01 4.94 4.89
C GLY A 23 5.68 6.08 4.13
N ALA A 24 4.99 6.59 3.11
CA ALA A 24 5.53 7.68 2.31
C ALA A 24 4.56 8.87 2.32
N ASP A 25 4.91 9.91 1.55
CA ASP A 25 4.08 11.10 1.46
C ASP A 25 3.53 11.28 0.05
N PRO A 26 2.35 11.91 -0.05
CA PRO A 26 1.69 12.15 -1.34
C PRO A 26 2.43 13.18 -2.18
N SER A 27 3.52 13.71 -1.64
CA SER A 27 4.31 14.71 -2.34
C SER A 27 5.66 14.14 -2.76
N ALA A 28 5.88 12.88 -2.44
CA ALA A 28 7.13 12.20 -2.78
C ALA A 28 7.28 12.05 -4.29
N ASN A 29 8.35 11.39 -4.72
CA ASN A 29 8.61 11.18 -6.13
C ASN A 29 8.80 9.69 -6.44
N MET A 30 8.45 9.30 -7.65
CA MET A 30 8.58 7.90 -8.06
C MET A 30 9.85 7.29 -7.49
N SER A 31 10.94 8.06 -7.48
CA SER A 31 12.21 7.60 -6.95
C SER A 31 12.09 7.24 -5.48
N ASP A 32 11.63 8.20 -4.68
CA ASP A 32 11.46 7.99 -3.24
C ASP A 32 10.56 6.79 -2.97
N LEU A 33 9.29 6.93 -3.32
CA LEU A 33 8.31 5.86 -3.11
C LEU A 33 8.96 4.49 -3.29
N LYS A 34 9.56 4.28 -4.46
CA LYS A 34 10.22 3.02 -4.76
C LYS A 34 11.09 2.56 -3.59
N GLN A 35 12.09 3.37 -3.25
CA GLN A 35 13.00 3.04 -2.15
C GLN A 35 12.22 2.53 -0.94
N LYS A 36 11.11 3.21 -0.62
CA LYS A 36 10.27 2.83 0.51
C LYS A 36 9.63 1.46 0.27
N TYR A 37 8.90 1.34 -0.82
CA TYR A 37 8.22 0.10 -1.16
C TYR A 37 9.20 -1.08 -1.11
N GLN A 38 10.33 -0.93 -1.81
CA GLN A 38 11.34 -1.98 -1.85
C GLN A 38 11.69 -2.44 -0.43
N LYS A 39 12.18 -1.51 0.38
CA LYS A 39 12.56 -1.82 1.76
C LYS A 39 11.39 -2.45 2.52
N LEU A 40 10.18 -2.24 2.01
CA LEU A 40 8.98 -2.80 2.63
C LEU A 40 8.57 -4.10 1.96
N ILE A 41 9.50 -4.69 1.21
CA ILE A 41 9.22 -5.95 0.52
C ILE A 41 10.01 -7.10 1.16
N LEU A 42 11.11 -6.76 1.81
CA LEU A 42 11.95 -7.77 2.47
C LEU A 42 11.57 -7.92 3.94
N LEU A 43 11.01 -6.86 4.51
CA LEU A 43 10.61 -6.87 5.91
C LEU A 43 9.40 -7.78 6.12
N TYR A 44 8.51 -7.80 5.13
CA TYR A 44 7.31 -8.62 5.21
C TYR A 44 7.32 -9.70 4.13
N HIS A 45 8.52 -10.18 3.80
CA HIS A 45 8.68 -11.21 2.78
C HIS A 45 8.50 -12.60 3.38
N PRO A 46 7.82 -13.49 2.65
CA PRO A 46 7.57 -14.86 3.09
C PRO A 46 8.85 -15.70 3.12
N ASP A 47 9.64 -15.60 2.06
CA ASP A 47 10.88 -16.34 1.95
C ASP A 47 11.89 -15.88 2.99
N LYS A 48 12.02 -14.55 3.12
CA LYS A 48 12.95 -13.96 4.07
C LYS A 48 12.68 -14.48 5.48
N GLN A 49 11.51 -15.07 5.68
CA GLN A 49 11.13 -15.62 6.98
C GLN A 49 12.16 -16.65 7.45
N SER A 50 12.08 -17.00 8.73
CA SER A 50 12.99 -17.98 9.31
C SER A 50 12.34 -18.70 10.49
N ALA A 51 13.07 -19.67 11.05
CA ALA A 51 12.56 -20.43 12.19
C ALA A 51 12.55 -19.59 13.45
N ASP A 52 13.06 -18.36 13.35
CA ASP A 52 13.11 -17.46 14.49
C ASP A 52 11.73 -16.89 14.79
N VAL A 53 10.92 -16.73 13.75
CA VAL A 53 9.58 -16.21 13.91
C VAL A 53 8.55 -17.32 14.05
N PRO A 54 7.58 -17.12 14.95
CA PRO A 54 6.52 -18.11 15.20
C PRO A 54 5.54 -18.22 14.03
N ALA A 55 4.42 -18.88 14.28
CA ALA A 55 3.40 -19.06 13.24
C ALA A 55 2.45 -17.87 13.20
N GLY A 56 2.20 -17.27 14.36
CA GLY A 56 1.31 -16.13 14.43
C GLY A 56 1.78 -14.96 13.59
N THR A 57 3.04 -14.56 13.80
CA THR A 57 3.62 -13.45 13.06
C THR A 57 3.44 -13.64 11.56
N MET A 58 3.82 -14.80 11.06
CA MET A 58 3.70 -15.11 9.64
C MET A 58 2.39 -14.57 9.08
N GLU A 59 1.27 -15.05 9.63
CA GLU A 59 -0.04 -14.62 9.18
C GLU A 59 -0.10 -13.10 9.02
N GLU A 60 0.40 -12.39 10.03
CA GLU A 60 0.41 -10.93 10.00
C GLU A 60 1.29 -10.42 8.87
N CYS A 61 2.39 -11.12 8.60
CA CYS A 61 3.31 -10.73 7.54
C CYS A 61 2.60 -10.68 6.20
N MET A 62 1.81 -11.72 5.91
CA MET A 62 1.07 -11.79 4.65
C MET A 62 0.16 -10.58 4.48
N GLN A 63 -0.75 -10.40 5.43
CA GLN A 63 -1.68 -9.27 5.38
C GLN A 63 -0.98 -7.99 4.96
N LYS A 64 0.23 -7.79 5.47
CA LYS A 64 1.01 -6.60 5.15
C LYS A 64 1.56 -6.69 3.72
N PHE A 65 2.43 -7.66 3.49
CA PHE A 65 3.02 -7.86 2.17
C PHE A 65 1.99 -7.63 1.07
N ILE A 66 0.79 -8.16 1.28
CA ILE A 66 -0.29 -8.03 0.30
C ILE A 66 -0.58 -6.55 0.02
N GLU A 67 -0.83 -5.80 1.08
CA GLU A 67 -1.12 -4.36 0.94
C GLU A 67 0.02 -3.64 0.22
N ILE A 68 1.24 -3.88 0.68
CA ILE A 68 2.41 -3.25 0.08
C ILE A 68 2.51 -3.57 -1.40
N ASP A 69 2.29 -4.83 -1.75
CA ASP A 69 2.35 -5.26 -3.14
C ASP A 69 1.28 -4.57 -3.97
N GLN A 70 0.33 -3.92 -3.29
CA GLN A 70 -0.75 -3.22 -3.97
C GLN A 70 -0.45 -1.73 -4.08
N ALA A 71 0.03 -1.15 -2.99
CA ALA A 71 0.36 0.28 -2.96
C ALA A 71 1.19 0.66 -4.17
N TRP A 72 1.96 -0.30 -4.69
CA TRP A 72 2.80 -0.05 -5.85
C TRP A 72 2.00 -0.15 -7.14
N LYS A 73 0.93 -0.94 -7.12
CA LYS A 73 0.08 -1.12 -8.28
C LYS A 73 -0.45 0.21 -8.79
N ILE A 74 -0.56 1.18 -7.88
CA ILE A 74 -1.05 2.51 -8.24
C ILE A 74 0.07 3.55 -8.16
N LEU A 75 1.01 3.31 -7.25
CA LEU A 75 2.13 4.23 -7.07
C LEU A 75 3.37 3.72 -7.79
N GLY A 76 3.16 2.95 -8.85
CA GLY A 76 4.27 2.41 -9.61
C GLY A 76 4.28 2.90 -11.05
N ASN A 77 3.11 2.88 -11.70
CA ASN A 77 2.99 3.32 -13.07
C ASN A 77 2.75 4.83 -13.13
N GLU A 78 3.53 5.52 -13.97
CA GLU A 78 3.40 6.96 -14.12
C GLU A 78 1.94 7.35 -14.36
N GLU A 79 1.16 6.41 -14.86
CA GLU A 79 -0.25 6.66 -15.13
C GLU A 79 -1.08 6.56 -13.84
N THR A 80 -1.22 5.34 -13.33
CA THR A 80 -1.99 5.11 -12.11
C THR A 80 -1.57 6.08 -11.01
N LYS A 81 -0.29 6.42 -10.98
CA LYS A 81 0.24 7.35 -9.98
C LYS A 81 -0.29 8.75 -10.21
N LYS A 82 -0.48 9.11 -11.48
CA LYS A 82 -0.99 10.43 -11.84
C LYS A 82 -2.48 10.55 -11.52
N LYS A 83 -3.20 9.45 -11.67
CA LYS A 83 -4.64 9.42 -11.39
C LYS A 83 -4.89 9.52 -9.89
N TYR A 84 -4.34 8.58 -9.13
CA TYR A 84 -4.51 8.56 -7.69
C TYR A 84 -4.31 9.95 -7.09
N ASP A 85 -3.18 10.56 -7.41
CA ASP A 85 -2.86 11.89 -6.91
C ASP A 85 -4.04 12.85 -7.11
N LEU A 86 -4.64 12.79 -8.30
CA LEU A 86 -5.77 13.64 -8.63
C LEU A 86 -6.97 13.31 -7.74
N GLN A 87 -7.33 12.03 -7.68
CA GLN A 87 -8.45 11.59 -6.87
C GLN A 87 -8.31 12.06 -5.43
N ARG A 88 -7.08 11.97 -4.91
CA ARG A 88 -6.81 12.39 -3.54
C ARG A 88 -7.56 13.68 -3.20
N SER A 89 -8.29 13.65 -2.09
CA SER A 89 -9.05 14.82 -1.66
C SER A 89 -8.22 15.71 -0.74
N GLY A 90 -6.97 15.96 -1.14
CA GLY A 90 -6.09 16.79 -0.34
C GLY A 90 -5.04 15.98 0.38
N PRO A 91 -4.48 16.57 1.46
CA PRO A 91 -3.45 15.92 2.27
C PRO A 91 -4.00 14.74 3.07
N SER A 92 -3.17 13.71 3.26
CA SER A 92 -3.58 12.53 4.00
C SER A 92 -3.75 12.85 5.48
N SER A 93 -4.48 11.99 6.18
CA SER A 93 -4.73 12.18 7.61
C SER A 93 -3.51 11.77 8.43
N GLY A 94 -3.47 12.21 9.68
CA GLY A 94 -2.35 11.87 10.55
C GLY A 94 -2.35 12.71 11.82
N GLY A 1 -13.81 -12.69 6.14
CA GLY A 1 -13.88 -11.68 7.18
C GLY A 1 -14.14 -10.29 6.61
N SER A 2 -15.20 -9.66 7.08
CA SER A 2 -15.56 -8.32 6.61
C SER A 2 -16.38 -7.58 7.67
N SER A 3 -15.76 -6.58 8.29
CA SER A 3 -16.43 -5.79 9.33
C SER A 3 -16.48 -4.31 8.93
N GLY A 4 -17.69 -3.77 8.82
CA GLY A 4 -17.85 -2.38 8.45
C GLY A 4 -18.81 -2.18 7.29
N SER A 5 -18.26 -1.94 6.11
CA SER A 5 -19.08 -1.74 4.92
C SER A 5 -20.15 -2.82 4.80
N SER A 6 -21.14 -2.57 3.94
CA SER A 6 -22.23 -3.52 3.74
C SER A 6 -21.77 -4.71 2.90
N GLY A 7 -21.13 -4.41 1.77
CA GLY A 7 -20.66 -5.45 0.89
C GLY A 7 -19.18 -5.32 0.57
N MET A 8 -18.34 -5.41 1.60
CA MET A 8 -16.90 -5.29 1.43
C MET A 8 -16.43 -6.08 0.21
N ALA A 9 -16.15 -5.37 -0.88
CA ALA A 9 -15.69 -5.99 -2.11
C ALA A 9 -14.49 -6.90 -1.85
N LEU A 10 -14.31 -7.90 -2.71
CA LEU A 10 -13.20 -8.83 -2.57
C LEU A 10 -11.86 -8.09 -2.50
N GLU A 11 -11.62 -7.22 -3.48
CA GLU A 11 -10.38 -6.45 -3.53
C GLU A 11 -10.49 -5.32 -4.54
N GLN A 12 -9.67 -4.28 -4.36
CA GLN A 12 -9.68 -3.13 -5.26
C GLN A 12 -8.34 -2.41 -5.22
N THR A 13 -8.22 -1.33 -5.99
CA THR A 13 -6.99 -0.56 -6.04
C THR A 13 -7.20 0.84 -5.46
N LEU A 14 -8.33 1.46 -5.81
CA LEU A 14 -8.65 2.80 -5.31
C LEU A 14 -9.35 2.72 -3.96
N LYS A 15 -9.53 3.87 -3.33
CA LYS A 15 -10.18 3.95 -2.03
C LYS A 15 -9.36 3.22 -0.97
N LYS A 16 -8.04 3.31 -1.07
CA LYS A 16 -7.16 2.65 -0.13
C LYS A 16 -5.87 3.47 0.06
N ASP A 17 -5.63 3.89 1.30
CA ASP A 17 -4.44 4.68 1.61
C ASP A 17 -3.17 3.90 1.28
N TRP A 18 -2.48 4.34 0.23
CA TRP A 18 -1.24 3.68 -0.19
C TRP A 18 -0.02 4.42 0.34
N TYR A 19 -0.10 5.74 0.38
CA TYR A 19 1.01 6.57 0.87
C TYR A 19 1.31 6.25 2.33
N SER A 20 0.39 5.54 2.98
CA SER A 20 0.56 5.18 4.38
C SER A 20 1.10 3.76 4.51
N ILE A 21 0.55 2.85 3.70
CA ILE A 21 0.97 1.45 3.72
C ILE A 21 2.46 1.32 3.42
N LEU A 22 2.96 2.20 2.56
CA LEU A 22 4.37 2.17 2.18
C LEU A 22 5.18 3.13 3.05
N GLY A 23 4.49 4.04 3.73
CA GLY A 23 5.16 4.99 4.59
C GLY A 23 5.81 6.11 3.81
N ALA A 24 5.09 6.66 2.83
CA ALA A 24 5.61 7.75 2.01
C ALA A 24 4.66 8.94 2.03
N ASP A 25 5.11 10.05 1.46
CA ASP A 25 4.31 11.27 1.41
C ASP A 25 3.49 11.32 0.12
N PRO A 26 2.34 11.99 0.18
CA PRO A 26 1.43 12.13 -0.97
C PRO A 26 2.02 13.05 -2.04
N SER A 27 3.20 13.59 -1.77
CA SER A 27 3.86 14.49 -2.72
C SER A 27 5.26 14.01 -3.03
N ALA A 28 5.45 12.70 -3.08
CA ALA A 28 6.74 12.11 -3.37
C ALA A 28 6.82 11.64 -4.81
N ASN A 29 8.02 11.25 -5.24
CA ASN A 29 8.23 10.77 -6.61
C ASN A 29 8.53 9.28 -6.62
N MET A 30 8.70 8.73 -7.82
CA MET A 30 8.99 7.30 -7.98
C MET A 30 10.24 6.92 -7.18
N SER A 31 11.35 7.58 -7.48
CA SER A 31 12.61 7.31 -6.79
C SER A 31 12.39 7.19 -5.28
N ASP A 32 11.51 8.02 -4.76
CA ASP A 32 11.20 8.01 -3.33
C ASP A 32 10.27 6.85 -2.99
N LEU A 33 9.00 7.00 -3.34
CA LEU A 33 8.00 5.97 -3.07
C LEU A 33 8.60 4.57 -3.20
N LYS A 34 9.36 4.36 -4.27
CA LYS A 34 10.00 3.07 -4.50
C LYS A 34 10.90 2.69 -3.33
N GLN A 35 11.86 3.55 -3.01
CA GLN A 35 12.78 3.31 -1.91
C GLN A 35 12.04 2.70 -0.72
N LYS A 36 10.91 3.29 -0.37
CA LYS A 36 10.10 2.82 0.76
C LYS A 36 9.47 1.47 0.44
N TYR A 37 9.01 1.32 -0.80
CA TYR A 37 8.37 0.08 -1.23
C TYR A 37 9.33 -1.10 -1.11
N GLN A 38 10.49 -0.97 -1.74
CA GLN A 38 11.51 -2.03 -1.71
C GLN A 38 11.77 -2.48 -0.28
N LYS A 39 12.19 -1.54 0.57
CA LYS A 39 12.48 -1.84 1.96
C LYS A 39 11.26 -2.45 2.65
N LEU A 40 10.09 -2.29 2.03
CA LEU A 40 8.86 -2.83 2.58
C LEU A 40 8.38 -4.03 1.78
N ILE A 41 9.30 -4.66 1.05
CA ILE A 41 8.98 -5.82 0.24
C ILE A 41 9.64 -7.08 0.80
N LEU A 42 10.68 -6.89 1.59
CA LEU A 42 11.40 -8.01 2.20
C LEU A 42 11.04 -8.16 3.66
N LEU A 43 10.37 -7.15 4.21
CA LEU A 43 9.96 -7.17 5.61
C LEU A 43 8.72 -8.04 5.80
N TYR A 44 7.95 -8.21 4.72
CA TYR A 44 6.74 -9.02 4.77
C TYR A 44 6.77 -10.10 3.71
N HIS A 45 7.96 -10.42 3.22
CA HIS A 45 8.13 -11.45 2.20
C HIS A 45 8.12 -12.84 2.83
N PRO A 46 7.48 -13.80 2.14
CA PRO A 46 7.39 -15.18 2.61
C PRO A 46 8.73 -15.90 2.55
N ASP A 47 9.48 -15.65 1.49
CA ASP A 47 10.78 -16.29 1.31
C ASP A 47 11.83 -15.63 2.21
N LYS A 48 11.68 -14.33 2.43
CA LYS A 48 12.61 -13.59 3.28
C LYS A 48 12.28 -13.79 4.75
N GLN A 49 12.02 -15.03 5.13
CA GLN A 49 11.69 -15.36 6.51
C GLN A 49 12.79 -16.20 7.16
N SER A 50 12.63 -16.50 8.44
CA SER A 50 13.62 -17.28 9.17
C SER A 50 13.06 -17.72 10.52
N ALA A 51 13.50 -18.89 10.98
CA ALA A 51 13.04 -19.43 12.26
C ALA A 51 12.80 -18.31 13.26
N ASP A 52 13.66 -17.30 13.24
CA ASP A 52 13.55 -16.18 14.15
C ASP A 52 12.08 -15.80 14.37
N VAL A 53 11.40 -15.39 13.30
CA VAL A 53 10.00 -15.01 13.38
C VAL A 53 9.12 -16.22 13.66
N PRO A 54 8.19 -16.08 14.61
CA PRO A 54 7.26 -17.15 15.00
C PRO A 54 6.24 -17.44 13.91
N ALA A 55 5.28 -18.31 14.23
CA ALA A 55 4.24 -18.69 13.28
C ALA A 55 3.16 -17.62 13.22
N GLY A 56 2.84 -17.04 14.37
CA GLY A 56 1.82 -16.01 14.42
C GLY A 56 2.18 -14.79 13.61
N THR A 57 3.45 -14.40 13.67
CA THR A 57 3.93 -13.23 12.95
C THR A 57 3.71 -13.39 11.45
N MET A 58 3.99 -14.59 10.94
CA MET A 58 3.83 -14.88 9.52
C MET A 58 2.42 -14.51 9.05
N GLU A 59 1.43 -14.85 9.86
CA GLU A 59 0.04 -14.55 9.52
C GLU A 59 -0.14 -13.08 9.19
N GLU A 60 0.19 -12.21 10.14
CA GLU A 60 0.07 -10.77 9.95
C GLU A 60 0.96 -10.30 8.80
N CYS A 61 2.17 -10.85 8.72
CA CYS A 61 3.11 -10.49 7.68
C CYS A 61 2.45 -10.52 6.31
N MET A 62 1.56 -11.51 6.11
CA MET A 62 0.86 -11.65 4.84
C MET A 62 0.02 -10.40 4.53
N GLN A 63 -1.05 -10.21 5.28
CA GLN A 63 -1.93 -9.06 5.09
C GLN A 63 -1.12 -7.83 4.69
N LYS A 64 0.04 -7.65 5.32
CA LYS A 64 0.91 -6.51 5.04
C LYS A 64 1.47 -6.61 3.62
N PHE A 65 2.18 -7.70 3.33
CA PHE A 65 2.77 -7.91 2.02
C PHE A 65 1.77 -7.58 0.92
N ILE A 66 0.64 -8.28 0.93
CA ILE A 66 -0.40 -8.07 -0.07
C ILE A 66 -0.67 -6.58 -0.28
N GLU A 67 -0.96 -5.88 0.80
CA GLU A 67 -1.22 -4.45 0.74
C GLU A 67 -0.08 -3.71 0.06
N ILE A 68 1.13 -3.94 0.54
CA ILE A 68 2.32 -3.30 -0.02
C ILE A 68 2.42 -3.56 -1.52
N ASP A 69 2.53 -4.84 -1.89
CA ASP A 69 2.64 -5.21 -3.29
C ASP A 69 1.61 -4.48 -4.13
N GLN A 70 0.50 -4.09 -3.51
CA GLN A 70 -0.56 -3.39 -4.20
C GLN A 70 -0.25 -1.90 -4.29
N ALA A 71 0.05 -1.29 -3.14
CA ALA A 71 0.36 0.13 -3.10
C ALA A 71 1.25 0.54 -4.27
N TRP A 72 2.14 -0.36 -4.67
CA TRP A 72 3.04 -0.07 -5.78
C TRP A 72 2.29 -0.08 -7.10
N LYS A 73 1.33 -0.99 -7.23
CA LYS A 73 0.54 -1.10 -8.45
C LYS A 73 -0.03 0.26 -8.86
N ILE A 74 -0.39 1.06 -7.87
CA ILE A 74 -0.93 2.39 -8.13
C ILE A 74 0.15 3.46 -8.05
N LEU A 75 0.94 3.41 -6.98
CA LEU A 75 2.02 4.37 -6.78
C LEU A 75 3.30 3.89 -7.45
N GLY A 76 3.16 3.11 -8.52
CA GLY A 76 4.31 2.60 -9.22
C GLY A 76 4.51 3.27 -10.57
N ASN A 77 3.42 3.47 -11.30
CA ASN A 77 3.47 4.11 -12.62
C ASN A 77 3.03 5.56 -12.53
N GLU A 78 3.48 6.37 -13.48
CA GLU A 78 3.12 7.78 -13.52
C GLU A 78 1.62 7.96 -13.72
N GLU A 79 1.05 7.21 -14.66
CA GLU A 79 -0.37 7.29 -14.95
C GLU A 79 -1.19 6.97 -13.71
N THR A 80 -0.98 5.79 -13.14
CA THR A 80 -1.71 5.37 -11.95
C THR A 80 -1.47 6.34 -10.79
N LYS A 81 -0.21 6.57 -10.46
CA LYS A 81 0.15 7.47 -9.38
C LYS A 81 -0.50 8.84 -9.58
N LYS A 82 -0.45 9.34 -10.81
CA LYS A 82 -1.03 10.64 -11.14
C LYS A 82 -2.54 10.61 -10.95
N LYS A 83 -3.20 9.66 -11.60
CA LYS A 83 -4.65 9.53 -11.51
C LYS A 83 -5.08 9.42 -10.05
N TYR A 84 -4.50 8.47 -9.33
CA TYR A 84 -4.82 8.25 -7.93
C TYR A 84 -4.90 9.58 -7.18
N ASP A 85 -3.78 10.30 -7.14
CA ASP A 85 -3.72 11.58 -6.45
C ASP A 85 -5.02 12.34 -6.61
N LEU A 86 -5.53 12.40 -7.84
CA LEU A 86 -6.77 13.10 -8.13
C LEU A 86 -7.97 12.35 -7.56
N GLN A 87 -7.99 11.04 -7.76
CA GLN A 87 -9.07 10.20 -7.26
C GLN A 87 -9.25 10.39 -5.76
N ARG A 88 -8.14 10.39 -5.03
CA ARG A 88 -8.18 10.56 -3.58
C ARG A 88 -9.22 11.61 -3.18
N SER A 89 -9.06 12.82 -3.71
CA SER A 89 -9.98 13.91 -3.40
C SER A 89 -11.03 14.05 -4.49
N GLY A 90 -12.17 13.38 -4.30
CA GLY A 90 -13.24 13.44 -5.28
C GLY A 90 -12.91 12.69 -6.56
N PRO A 91 -13.94 12.41 -7.36
CA PRO A 91 -13.77 11.70 -8.64
C PRO A 91 -13.07 12.55 -9.68
N SER A 92 -12.66 13.75 -9.30
CA SER A 92 -11.98 14.66 -10.21
C SER A 92 -12.95 15.22 -11.25
N SER A 93 -14.14 15.60 -10.79
CA SER A 93 -15.16 16.15 -11.68
C SER A 93 -14.70 17.48 -12.27
N GLY A 94 -14.30 18.40 -11.39
CA GLY A 94 -13.86 19.71 -11.85
C GLY A 94 -12.78 20.28 -10.95
N GLY A 1 -22.33 -11.83 -26.11
CA GLY A 1 -23.55 -12.61 -26.08
C GLY A 1 -23.98 -12.95 -24.66
N SER A 2 -25.09 -12.37 -24.23
CA SER A 2 -25.59 -12.61 -22.88
C SER A 2 -24.49 -12.44 -21.85
N SER A 3 -23.73 -11.36 -21.96
CA SER A 3 -22.64 -11.09 -21.03
C SER A 3 -22.88 -9.78 -20.27
N GLY A 4 -22.74 -9.84 -18.96
CA GLY A 4 -22.95 -8.66 -18.14
C GLY A 4 -21.65 -8.12 -17.57
N SER A 5 -21.37 -8.48 -16.32
CA SER A 5 -20.15 -8.02 -15.65
C SER A 5 -18.95 -8.86 -16.06
N SER A 6 -17.89 -8.20 -16.50
CA SER A 6 -16.67 -8.89 -16.93
C SER A 6 -15.43 -8.13 -16.47
N GLY A 7 -14.56 -8.83 -15.74
CA GLY A 7 -13.35 -8.20 -15.25
C GLY A 7 -12.96 -8.68 -13.87
N MET A 8 -11.67 -8.86 -13.65
CA MET A 8 -11.17 -9.32 -12.35
C MET A 8 -11.54 -8.34 -11.25
N ALA A 9 -11.80 -7.09 -11.63
CA ALA A 9 -12.17 -6.06 -10.67
C ALA A 9 -12.89 -4.90 -11.36
N LEU A 10 -13.80 -4.26 -10.62
CA LEU A 10 -14.56 -3.14 -11.16
C LEU A 10 -13.83 -1.82 -10.91
N GLU A 11 -12.77 -1.58 -11.67
CA GLU A 11 -11.98 -0.36 -11.53
C GLU A 11 -11.84 0.03 -10.07
N GLN A 12 -11.86 -0.97 -9.19
CA GLN A 12 -11.72 -0.73 -7.76
C GLN A 12 -10.28 -0.41 -7.39
N THR A 13 -9.76 0.67 -7.94
CA THR A 13 -8.38 1.10 -7.67
C THR A 13 -8.31 2.60 -7.40
N LEU A 14 -7.16 3.04 -6.91
CA LEU A 14 -6.96 4.46 -6.61
C LEU A 14 -7.94 4.93 -5.54
N LYS A 15 -8.08 4.13 -4.48
CA LYS A 15 -8.98 4.47 -3.38
C LYS A 15 -8.28 4.29 -2.05
N LYS A 16 -7.61 3.15 -1.87
CA LYS A 16 -6.90 2.87 -0.63
C LYS A 16 -5.75 3.84 -0.43
N ASP A 17 -5.37 4.06 0.83
CA ASP A 17 -4.28 4.98 1.16
C ASP A 17 -2.94 4.28 0.99
N TRP A 18 -2.39 4.35 -0.23
CA TRP A 18 -1.10 3.73 -0.51
C TRP A 18 0.04 4.53 0.12
N TYR A 19 -0.04 5.84 0.02
CA TYR A 19 0.99 6.72 0.58
C TYR A 19 1.18 6.45 2.07
N SER A 20 0.21 5.73 2.66
CA SER A 20 0.26 5.42 4.09
C SER A 20 0.82 4.02 4.31
N ILE A 21 0.42 3.08 3.45
CA ILE A 21 0.87 1.70 3.55
C ILE A 21 2.37 1.60 3.31
N LEU A 22 2.87 2.43 2.41
CA LEU A 22 4.29 2.43 2.07
C LEU A 22 5.03 3.50 2.87
N GLY A 23 4.42 3.96 3.96
CA GLY A 23 5.04 4.97 4.79
C GLY A 23 5.71 6.06 3.98
N ALA A 24 5.06 6.48 2.91
CA ALA A 24 5.60 7.53 2.04
C ALA A 24 4.71 8.76 2.04
N ASP A 25 5.10 9.76 1.27
CA ASP A 25 4.34 11.00 1.18
C ASP A 25 3.60 11.09 -0.15
N PRO A 26 2.47 11.83 -0.16
CA PRO A 26 1.66 12.00 -1.37
C PRO A 26 2.34 12.86 -2.42
N SER A 27 3.30 13.67 -1.97
CA SER A 27 4.03 14.55 -2.88
C SER A 27 5.41 13.97 -3.21
N ALA A 28 5.56 12.67 -2.97
CA ALA A 28 6.82 11.98 -3.25
C ALA A 28 6.99 11.70 -4.73
N ASN A 29 8.13 11.14 -5.10
CA ASN A 29 8.41 10.82 -6.50
C ASN A 29 8.50 9.30 -6.70
N MET A 30 8.72 8.89 -7.94
CA MET A 30 8.82 7.47 -8.26
C MET A 30 9.96 6.82 -7.49
N SER A 31 11.12 7.48 -7.49
CA SER A 31 12.29 6.97 -6.80
C SER A 31 12.03 6.84 -5.30
N ASP A 32 11.71 7.97 -4.67
CA ASP A 32 11.42 7.99 -3.24
C ASP A 32 10.46 6.88 -2.86
N LEU A 33 9.25 6.92 -3.41
CA LEU A 33 8.24 5.91 -3.13
C LEU A 33 8.84 4.50 -3.22
N LYS A 34 9.53 4.23 -4.32
CA LYS A 34 10.15 2.93 -4.52
C LYS A 34 10.99 2.52 -3.30
N GLN A 35 11.94 3.37 -2.95
CA GLN A 35 12.81 3.11 -1.80
C GLN A 35 12.00 2.57 -0.62
N LYS A 36 10.91 3.24 -0.29
CA LYS A 36 10.06 2.83 0.81
C LYS A 36 9.37 1.50 0.50
N TYR A 37 9.02 1.29 -0.77
CA TYR A 37 8.37 0.07 -1.19
C TYR A 37 9.31 -1.12 -1.06
N GLN A 38 10.43 -1.07 -1.77
CA GLN A 38 11.41 -2.15 -1.75
C GLN A 38 11.77 -2.51 -0.31
N LYS A 39 11.91 -1.49 0.53
CA LYS A 39 12.26 -1.70 1.93
C LYS A 39 11.10 -2.34 2.70
N LEU A 40 9.90 -2.23 2.13
CA LEU A 40 8.70 -2.79 2.76
C LEU A 40 8.26 -4.06 2.03
N ILE A 41 9.10 -4.53 1.10
CA ILE A 41 8.80 -5.74 0.35
C ILE A 41 9.57 -6.93 0.88
N LEU A 42 10.65 -6.66 1.61
CA LEU A 42 11.48 -7.71 2.18
C LEU A 42 11.21 -7.86 3.68
N LEU A 43 10.42 -6.95 4.22
CA LEU A 43 10.08 -6.98 5.65
C LEU A 43 8.92 -7.92 5.91
N TYR A 44 8.12 -8.17 4.89
CA TYR A 44 6.96 -9.06 5.01
C TYR A 44 7.02 -10.17 3.98
N HIS A 45 8.17 -10.31 3.33
CA HIS A 45 8.35 -11.34 2.31
C HIS A 45 8.38 -12.73 2.95
N PRO A 46 7.75 -13.70 2.27
CA PRO A 46 7.68 -15.08 2.75
C PRO A 46 9.03 -15.78 2.68
N ASP A 47 9.74 -15.59 1.57
CA ASP A 47 11.05 -16.19 1.39
C ASP A 47 12.05 -15.65 2.39
N LYS A 48 12.11 -14.32 2.50
CA LYS A 48 13.03 -13.66 3.42
C LYS A 48 12.85 -14.20 4.83
N GLN A 49 11.64 -14.67 5.15
CA GLN A 49 11.36 -15.21 6.47
C GLN A 49 12.53 -16.01 7.01
N SER A 50 12.58 -16.17 8.33
CA SER A 50 13.67 -16.91 8.96
C SER A 50 13.21 -17.51 10.29
N ALA A 51 13.78 -18.64 10.65
CA ALA A 51 13.43 -19.31 11.90
C ALA A 51 13.21 -18.30 13.02
N ASP A 52 13.87 -17.15 12.90
CA ASP A 52 13.74 -16.08 13.91
C ASP A 52 12.28 -15.77 14.19
N VAL A 53 11.57 -15.32 13.15
CA VAL A 53 10.15 -14.98 13.28
C VAL A 53 9.33 -16.20 13.65
N PRO A 54 8.39 -16.02 14.59
CA PRO A 54 7.50 -17.09 15.05
C PRO A 54 6.51 -17.52 13.99
N ALA A 55 5.48 -18.26 14.40
CA ALA A 55 4.46 -18.74 13.48
C ALA A 55 3.31 -17.74 13.37
N GLY A 56 2.96 -17.14 14.49
CA GLY A 56 1.87 -16.17 14.50
C GLY A 56 2.16 -14.97 13.62
N THR A 57 3.40 -14.49 13.66
CA THR A 57 3.80 -13.35 12.86
C THR A 57 3.62 -13.62 11.37
N MET A 58 3.89 -14.85 10.96
CA MET A 58 3.75 -15.24 9.57
C MET A 58 2.39 -14.82 9.01
N GLU A 59 1.34 -15.16 9.74
CA GLU A 59 -0.02 -14.81 9.33
C GLU A 59 -0.14 -13.31 9.07
N GLU A 60 0.34 -12.51 10.01
CA GLU A 60 0.27 -11.06 9.89
C GLU A 60 1.10 -10.58 8.71
N CYS A 61 2.30 -11.15 8.55
CA CYS A 61 3.18 -10.79 7.46
C CYS A 61 2.42 -10.69 6.14
N MET A 62 1.65 -11.73 5.84
CA MET A 62 0.87 -11.77 4.60
C MET A 62 0.03 -10.50 4.46
N GLN A 63 -0.82 -10.24 5.44
CA GLN A 63 -1.68 -9.06 5.41
C GLN A 63 -0.92 -7.85 4.89
N LYS A 64 0.20 -7.53 5.54
CA LYS A 64 1.02 -6.39 5.15
C LYS A 64 1.51 -6.55 3.71
N PHE A 65 2.34 -7.56 3.48
CA PHE A 65 2.88 -7.82 2.15
C PHE A 65 1.83 -7.56 1.07
N ILE A 66 0.63 -8.09 1.29
CA ILE A 66 -0.46 -7.91 0.33
C ILE A 66 -0.67 -6.45 0.01
N GLU A 67 -1.03 -5.66 1.02
CA GLU A 67 -1.26 -4.23 0.84
C GLU A 67 -0.09 -3.58 0.10
N ILE A 68 1.12 -3.89 0.55
CA ILE A 68 2.32 -3.33 -0.07
C ILE A 68 2.35 -3.61 -1.57
N ASP A 69 2.25 -4.89 -1.92
CA ASP A 69 2.26 -5.29 -3.32
C ASP A 69 1.22 -4.51 -4.12
N GLN A 70 0.21 -4.00 -3.43
CA GLN A 70 -0.84 -3.23 -4.08
C GLN A 70 -0.45 -1.76 -4.21
N ALA A 71 0.01 -1.18 -3.11
CA ALA A 71 0.43 0.21 -3.10
C ALA A 71 1.29 0.54 -4.31
N TRP A 72 2.15 -0.40 -4.69
CA TRP A 72 3.03 -0.21 -5.84
C TRP A 72 2.23 -0.09 -7.13
N LYS A 73 1.25 -0.97 -7.29
CA LYS A 73 0.41 -0.96 -8.49
C LYS A 73 -0.02 0.46 -8.83
N ILE A 74 -0.26 1.27 -7.82
CA ILE A 74 -0.67 2.66 -8.03
C ILE A 74 0.53 3.60 -7.96
N LEU A 75 1.25 3.56 -6.84
CA LEU A 75 2.42 4.41 -6.65
C LEU A 75 3.67 3.76 -7.24
N GLY A 76 3.49 3.04 -8.35
CA GLY A 76 4.60 2.37 -8.99
C GLY A 76 4.96 2.99 -10.32
N ASN A 77 3.94 3.30 -11.12
CA ASN A 77 4.15 3.89 -12.43
C ASN A 77 3.80 5.39 -12.41
N GLU A 78 4.38 6.13 -13.35
CA GLU A 78 4.12 7.57 -13.44
C GLU A 78 2.66 7.84 -13.79
N GLU A 79 2.12 7.08 -14.72
CA GLU A 79 0.74 7.24 -15.15
C GLU A 79 -0.22 6.98 -13.99
N THR A 80 0.01 5.89 -13.27
CA THR A 80 -0.83 5.54 -12.13
C THR A 80 -0.63 6.50 -10.97
N LYS A 81 0.61 6.63 -10.52
CA LYS A 81 0.93 7.53 -9.42
C LYS A 81 0.40 8.93 -9.68
N LYS A 82 0.41 9.33 -10.94
CA LYS A 82 -0.07 10.65 -11.33
C LYS A 82 -1.58 10.75 -11.15
N LYS A 83 -2.31 9.78 -11.72
CA LYS A 83 -3.76 9.77 -11.61
C LYS A 83 -4.21 9.73 -10.15
N TYR A 84 -3.57 8.85 -9.37
CA TYR A 84 -3.91 8.72 -7.96
C TYR A 84 -4.03 10.09 -7.30
N ASP A 85 -2.96 10.87 -7.35
CA ASP A 85 -2.94 12.19 -6.76
C ASP A 85 -4.26 12.92 -7.01
N LEU A 86 -4.71 12.89 -8.25
CA LEU A 86 -5.96 13.56 -8.63
C LEU A 86 -7.15 12.88 -7.95
N GLN A 87 -7.16 11.55 -7.97
CA GLN A 87 -8.25 10.79 -7.35
C GLN A 87 -8.38 11.13 -5.88
N ARG A 88 -7.25 11.11 -5.17
CA ARG A 88 -7.23 11.41 -3.74
C ARG A 88 -7.56 12.88 -3.50
N SER A 89 -7.56 13.28 -2.23
CA SER A 89 -7.86 14.67 -1.86
C SER A 89 -8.90 15.27 -2.80
N GLY A 90 -9.96 14.50 -3.07
CA GLY A 90 -11.01 14.98 -3.95
C GLY A 90 -12.18 14.01 -4.01
N PRO A 91 -13.39 14.57 -4.17
CA PRO A 91 -14.62 13.78 -4.25
C PRO A 91 -14.72 12.98 -5.54
N SER A 92 -14.19 11.75 -5.52
CA SER A 92 -14.21 10.90 -6.71
C SER A 92 -15.60 10.29 -6.91
N SER A 93 -16.10 9.63 -5.88
CA SER A 93 -17.41 8.99 -5.94
C SER A 93 -17.52 8.10 -7.18
N GLY A 94 -16.38 7.61 -7.65
CA GLY A 94 -16.38 6.75 -8.81
C GLY A 94 -16.83 7.46 -10.06
N GLY A 1 -9.69 14.59 8.32
CA GLY A 1 -9.23 13.34 7.76
C GLY A 1 -9.77 12.14 8.50
N SER A 2 -11.09 11.96 8.46
CA SER A 2 -11.76 10.85 9.13
C SER A 2 -11.32 9.52 8.52
N SER A 3 -11.31 8.47 9.35
CA SER A 3 -10.92 7.14 8.89
C SER A 3 -12.15 6.23 8.78
N GLY A 4 -11.93 5.04 8.22
CA GLY A 4 -13.03 4.10 8.07
C GLY A 4 -12.69 2.99 7.09
N SER A 5 -11.73 2.14 7.44
CA SER A 5 -11.33 1.04 6.57
C SER A 5 -12.13 -0.22 6.88
N SER A 6 -13.15 -0.47 6.07
CA SER A 6 -14.00 -1.64 6.25
C SER A 6 -14.49 -2.18 4.91
N GLY A 7 -14.28 -3.47 4.69
CA GLY A 7 -14.69 -4.09 3.45
C GLY A 7 -13.52 -4.46 2.57
N MET A 8 -12.72 -5.42 3.01
CA MET A 8 -11.55 -5.86 2.25
C MET A 8 -11.98 -6.56 0.96
N ALA A 9 -11.54 -6.02 -0.17
CA ALA A 9 -11.87 -6.61 -1.47
C ALA A 9 -10.98 -6.03 -2.57
N LEU A 10 -11.09 -6.59 -3.77
CA LEU A 10 -10.29 -6.13 -4.91
C LEU A 10 -10.81 -4.80 -5.43
N GLU A 11 -12.12 -4.59 -5.35
CA GLU A 11 -12.73 -3.36 -5.81
C GLU A 11 -12.17 -2.15 -5.06
N GLN A 12 -11.62 -2.41 -3.87
CA GLN A 12 -11.04 -1.35 -3.06
C GLN A 12 -9.61 -1.07 -3.46
N THR A 13 -9.43 -0.21 -4.46
CA THR A 13 -8.11 0.14 -4.95
C THR A 13 -7.82 1.63 -4.75
N LEU A 14 -8.86 2.45 -4.84
CA LEU A 14 -8.73 3.88 -4.67
C LEU A 14 -8.94 4.29 -3.21
N LYS A 15 -10.11 3.96 -2.67
CA LYS A 15 -10.44 4.28 -1.29
C LYS A 15 -9.28 3.91 -0.36
N LYS A 16 -8.64 2.77 -0.63
CA LYS A 16 -7.53 2.31 0.18
C LYS A 16 -6.31 3.21 -0.02
N ASP A 17 -5.81 3.78 1.07
CA ASP A 17 -4.65 4.65 1.03
C ASP A 17 -3.38 3.85 0.74
N TRP A 18 -2.50 4.42 -0.08
CA TRP A 18 -1.24 3.76 -0.43
C TRP A 18 -0.05 4.53 0.11
N TYR A 19 -0.09 5.86 -0.04
CA TYR A 19 1.00 6.72 0.43
C TYR A 19 1.24 6.51 1.93
N SER A 20 0.31 5.84 2.59
CA SER A 20 0.41 5.57 4.02
C SER A 20 0.96 4.17 4.28
N ILE A 21 0.56 3.23 3.44
CA ILE A 21 1.01 1.85 3.57
C ILE A 21 2.51 1.74 3.30
N LEU A 22 3.00 2.55 2.37
CA LEU A 22 4.42 2.54 2.01
C LEU A 22 5.19 3.58 2.82
N GLY A 23 4.48 4.27 3.71
CA GLY A 23 5.12 5.28 4.53
C GLY A 23 5.74 6.39 3.71
N ALA A 24 5.04 6.82 2.67
CA ALA A 24 5.53 7.88 1.81
C ALA A 24 4.53 9.03 1.74
N ASP A 25 4.87 10.05 0.95
CA ASP A 25 4.01 11.22 0.80
C ASP A 25 3.42 11.29 -0.61
N PRO A 26 2.27 11.96 -0.74
CA PRO A 26 1.59 12.11 -2.03
C PRO A 26 2.34 13.05 -2.97
N SER A 27 3.28 13.81 -2.42
CA SER A 27 4.07 14.75 -3.22
C SER A 27 5.44 14.16 -3.53
N ALA A 28 5.64 12.91 -3.14
CA ALA A 28 6.91 12.23 -3.38
C ALA A 28 7.05 11.83 -4.84
N ASN A 29 8.27 11.55 -5.26
CA ASN A 29 8.54 11.15 -6.64
C ASN A 29 8.66 9.64 -6.76
N MET A 30 8.61 9.14 -7.99
CA MET A 30 8.73 7.71 -8.24
C MET A 30 9.91 7.11 -7.48
N SER A 31 11.10 7.56 -7.82
CA SER A 31 12.32 7.06 -7.18
C SER A 31 12.10 6.89 -5.68
N ASP A 32 11.83 7.99 -4.99
CA ASP A 32 11.59 7.95 -3.55
C ASP A 32 10.63 6.83 -3.18
N LEU A 33 9.36 7.03 -3.51
CA LEU A 33 8.33 6.02 -3.22
C LEU A 33 8.88 4.62 -3.42
N LYS A 34 9.53 4.40 -4.55
CA LYS A 34 10.09 3.09 -4.87
C LYS A 34 11.02 2.61 -3.75
N GLN A 35 11.86 3.52 -3.26
CA GLN A 35 12.79 3.19 -2.18
C GLN A 35 12.04 2.69 -0.95
N LYS A 36 10.99 3.39 -0.58
CA LYS A 36 10.19 3.01 0.58
C LYS A 36 9.51 1.66 0.36
N TYR A 37 9.01 1.44 -0.85
CA TYR A 37 8.35 0.20 -1.19
C TYR A 37 9.30 -0.99 -1.04
N GLN A 38 10.48 -0.88 -1.66
CA GLN A 38 11.48 -1.94 -1.60
C GLN A 38 11.76 -2.33 -0.16
N LYS A 39 12.18 -1.36 0.65
CA LYS A 39 12.48 -1.60 2.05
C LYS A 39 11.28 -2.20 2.78
N LEU A 40 10.10 -2.04 2.19
CA LEU A 40 8.87 -2.55 2.78
C LEU A 40 8.43 -3.84 2.08
N ILE A 41 9.37 -4.51 1.44
CA ILE A 41 9.08 -5.75 0.73
C ILE A 41 9.77 -6.93 1.38
N LEU A 42 10.99 -6.71 1.86
CA LEU A 42 11.77 -7.77 2.51
C LEU A 42 11.25 -8.02 3.93
N LEU A 43 10.82 -6.96 4.59
CA LEU A 43 10.31 -7.06 5.95
C LEU A 43 9.12 -8.02 6.01
N TYR A 44 8.19 -7.85 5.08
CA TYR A 44 7.01 -8.70 5.01
C TYR A 44 7.11 -9.70 3.87
N HIS A 45 8.30 -10.26 3.69
CA HIS A 45 8.53 -11.24 2.62
C HIS A 45 8.44 -12.66 3.16
N PRO A 46 7.83 -13.55 2.38
CA PRO A 46 7.66 -14.96 2.75
C PRO A 46 8.98 -15.73 2.74
N ASP A 47 9.77 -15.53 1.70
CA ASP A 47 11.06 -16.19 1.57
C ASP A 47 12.04 -15.70 2.64
N LYS A 48 12.11 -14.38 2.80
CA LYS A 48 13.00 -13.77 3.78
C LYS A 48 12.74 -14.35 5.17
N GLN A 49 11.56 -14.93 5.36
CA GLN A 49 11.19 -15.51 6.64
C GLN A 49 12.31 -16.41 7.16
N SER A 50 12.15 -16.89 8.40
CA SER A 50 13.15 -17.75 9.01
C SER A 50 12.57 -18.47 10.24
N ALA A 51 13.33 -19.41 10.77
CA ALA A 51 12.89 -20.17 11.94
C ALA A 51 12.76 -19.27 13.16
N ASP A 52 13.35 -18.08 13.07
CA ASP A 52 13.31 -17.12 14.17
C ASP A 52 11.87 -16.67 14.44
N VAL A 53 11.17 -16.28 13.37
CA VAL A 53 9.80 -15.82 13.48
C VAL A 53 8.85 -16.99 13.70
N PRO A 54 7.90 -16.83 14.64
CA PRO A 54 6.92 -17.87 14.96
C PRO A 54 5.90 -18.06 13.84
N ALA A 55 4.88 -18.86 14.11
CA ALA A 55 3.84 -19.12 13.12
C ALA A 55 2.80 -18.00 13.10
N GLY A 56 2.53 -17.43 14.27
CA GLY A 56 1.57 -16.35 14.37
C GLY A 56 1.94 -15.15 13.52
N THR A 57 3.16 -14.65 13.71
CA THR A 57 3.65 -13.50 12.96
C THR A 57 3.47 -13.72 11.45
N MET A 58 3.78 -14.93 10.99
CA MET A 58 3.66 -15.26 9.58
C MET A 58 2.33 -14.77 9.02
N GLU A 59 1.24 -15.09 9.72
CA GLU A 59 -0.09 -14.68 9.29
C GLU A 59 -0.14 -13.17 9.06
N GLU A 60 0.38 -12.42 10.02
CA GLU A 60 0.38 -10.96 9.92
C GLU A 60 1.20 -10.49 8.72
N CYS A 61 2.33 -11.15 8.49
CA CYS A 61 3.20 -10.81 7.38
C CYS A 61 2.42 -10.77 6.07
N MET A 62 1.64 -11.82 5.82
CA MET A 62 0.84 -11.89 4.60
C MET A 62 -0.01 -10.64 4.43
N GLN A 63 -0.82 -10.34 5.44
CA GLN A 63 -1.68 -9.16 5.39
C GLN A 63 -0.92 -7.94 4.91
N LYS A 64 0.19 -7.64 5.59
CA LYS A 64 1.02 -6.49 5.23
C LYS A 64 1.48 -6.58 3.77
N PHE A 65 2.27 -7.61 3.47
CA PHE A 65 2.77 -7.81 2.11
C PHE A 65 1.69 -7.51 1.08
N ILE A 66 0.62 -8.28 1.11
CA ILE A 66 -0.49 -8.10 0.17
C ILE A 66 -0.77 -6.61 -0.06
N GLU A 67 -0.87 -5.85 1.03
CA GLU A 67 -1.13 -4.42 0.95
C GLU A 67 0.01 -3.71 0.22
N ILE A 68 1.24 -3.96 0.67
CA ILE A 68 2.41 -3.33 0.07
C ILE A 68 2.47 -3.61 -1.43
N ASP A 69 2.47 -4.88 -1.79
CA ASP A 69 2.52 -5.29 -3.20
C ASP A 69 1.43 -4.58 -3.99
N GLN A 70 0.45 -4.03 -3.30
CA GLN A 70 -0.66 -3.34 -3.94
C GLN A 70 -0.37 -1.84 -4.05
N ALA A 71 -0.03 -1.24 -2.92
CA ALA A 71 0.27 0.19 -2.88
C ALA A 71 1.13 0.60 -4.07
N TRP A 72 2.06 -0.27 -4.44
CA TRP A 72 2.95 0.00 -5.56
C TRP A 72 2.20 -0.06 -6.89
N LYS A 73 1.19 -0.92 -6.96
CA LYS A 73 0.40 -1.07 -8.16
C LYS A 73 -0.13 0.29 -8.64
N ILE A 74 -0.55 1.12 -7.70
CA ILE A 74 -1.07 2.44 -8.02
C ILE A 74 0.01 3.51 -7.85
N LEU A 75 1.01 3.22 -7.03
CA LEU A 75 2.09 4.15 -6.77
C LEU A 75 3.39 3.66 -7.42
N GLY A 76 3.25 2.91 -8.51
CA GLY A 76 4.42 2.39 -9.20
C GLY A 76 4.46 2.82 -10.66
N ASN A 77 3.29 2.92 -11.29
CA ASN A 77 3.19 3.33 -12.68
C ASN A 77 2.83 4.80 -12.80
N GLU A 78 3.58 5.52 -13.61
CA GLU A 78 3.33 6.95 -13.82
C GLU A 78 1.88 7.19 -14.23
N GLU A 79 1.30 6.23 -14.95
CA GLU A 79 -0.07 6.34 -15.41
C GLU A 79 -1.05 6.30 -14.23
N THR A 80 -0.82 5.37 -13.31
CA THR A 80 -1.67 5.23 -12.14
C THR A 80 -1.38 6.33 -11.11
N LYS A 81 -0.16 6.32 -10.58
CA LYS A 81 0.24 7.31 -9.59
C LYS A 81 -0.36 8.67 -9.89
N LYS A 82 -0.34 9.06 -11.17
CA LYS A 82 -0.90 10.33 -11.59
C LYS A 82 -2.40 10.39 -11.32
N LYS A 83 -3.13 9.42 -11.86
CA LYS A 83 -4.57 9.36 -11.68
C LYS A 83 -4.94 9.34 -10.20
N TYR A 84 -4.25 8.49 -9.44
CA TYR A 84 -4.50 8.37 -8.01
C TYR A 84 -4.24 9.70 -7.30
N ASP A 85 -3.20 10.40 -7.74
CA ASP A 85 -2.84 11.68 -7.15
C ASP A 85 -3.96 12.70 -7.34
N LEU A 86 -4.86 12.42 -8.28
CA LEU A 86 -5.98 13.30 -8.56
C LEU A 86 -7.20 12.93 -7.73
N GLN A 87 -7.65 11.69 -7.89
CA GLN A 87 -8.81 11.20 -7.15
C GLN A 87 -8.70 11.54 -5.66
N ARG A 88 -7.50 11.35 -5.11
CA ARG A 88 -7.26 11.63 -3.70
C ARG A 88 -7.60 13.08 -3.37
N SER A 89 -7.36 13.47 -2.12
CA SER A 89 -7.65 14.83 -1.67
C SER A 89 -6.41 15.47 -1.07
N GLY A 90 -5.88 14.85 -0.02
CA GLY A 90 -4.70 15.38 0.64
C GLY A 90 -5.04 16.13 1.92
N PRO A 91 -4.08 16.95 2.38
CA PRO A 91 -4.25 17.75 3.60
C PRO A 91 -5.27 18.88 3.42
N SER A 92 -5.79 19.00 2.20
CA SER A 92 -6.77 20.05 1.89
C SER A 92 -8.09 19.77 2.59
N SER A 93 -8.12 20.01 3.91
CA SER A 93 -9.33 19.78 4.70
C SER A 93 -9.19 20.43 6.08
N GLY A 94 -9.90 21.53 6.28
CA GLY A 94 -9.85 22.23 7.55
C GLY A 94 -11.17 22.87 7.92
N GLY A 1 -6.44 4.51 16.14
CA GLY A 1 -7.40 4.04 15.15
C GLY A 1 -8.81 3.99 15.69
N SER A 2 -9.78 4.12 14.80
CA SER A 2 -11.19 4.10 15.19
C SER A 2 -12.00 3.18 14.27
N SER A 3 -13.28 3.01 14.60
CA SER A 3 -14.16 2.16 13.80
C SER A 3 -14.71 2.91 12.60
N GLY A 4 -15.24 2.16 11.64
CA GLY A 4 -15.79 2.78 10.45
C GLY A 4 -16.80 1.89 9.75
N SER A 5 -17.14 2.24 8.51
CA SER A 5 -18.10 1.46 7.74
C SER A 5 -17.47 0.17 7.23
N SER A 6 -18.31 -0.79 6.86
CA SER A 6 -17.84 -2.07 6.35
C SER A 6 -18.85 -2.67 5.38
N GLY A 7 -18.34 -3.26 4.29
CA GLY A 7 -19.20 -3.87 3.30
C GLY A 7 -18.95 -3.33 1.90
N MET A 8 -20.00 -3.24 1.10
CA MET A 8 -19.89 -2.74 -0.26
C MET A 8 -19.26 -1.35 -0.28
N ALA A 9 -18.48 -1.08 -1.32
CA ALA A 9 -17.82 0.21 -1.46
C ALA A 9 -17.68 0.61 -2.93
N LEU A 10 -18.50 1.56 -3.36
CA LEU A 10 -18.47 2.02 -4.74
C LEU A 10 -17.04 2.11 -5.26
N GLU A 11 -16.14 2.59 -4.41
CA GLU A 11 -14.73 2.72 -4.78
C GLU A 11 -13.83 2.16 -3.68
N GLN A 12 -12.89 1.30 -4.07
CA GLN A 12 -11.97 0.69 -3.13
C GLN A 12 -10.54 1.12 -3.43
N THR A 13 -10.14 0.97 -4.69
CA THR A 13 -8.79 1.33 -5.11
C THR A 13 -8.32 2.60 -4.41
N LEU A 14 -9.19 3.60 -4.35
CA LEU A 14 -8.87 4.87 -3.71
C LEU A 14 -9.04 4.77 -2.19
N LYS A 15 -10.17 4.22 -1.78
CA LYS A 15 -10.46 4.06 -0.35
C LYS A 15 -9.19 3.74 0.43
N LYS A 16 -8.54 2.64 0.06
CA LYS A 16 -7.32 2.21 0.73
C LYS A 16 -6.24 3.29 0.63
N ASP A 17 -5.50 3.47 1.71
CA ASP A 17 -4.44 4.47 1.75
C ASP A 17 -3.09 3.85 1.40
N TRP A 18 -2.66 4.00 0.15
CA TRP A 18 -1.39 3.46 -0.30
C TRP A 18 -0.23 4.22 0.30
N TYR A 19 -0.39 5.53 0.46
CA TYR A 19 0.65 6.37 1.03
C TYR A 19 0.95 5.98 2.47
N SER A 20 0.06 5.18 3.05
CA SER A 20 0.22 4.73 4.44
C SER A 20 0.83 3.33 4.49
N ILE A 21 0.39 2.46 3.58
CA ILE A 21 0.90 1.11 3.52
C ILE A 21 2.40 1.08 3.25
N LEU A 22 2.86 2.02 2.43
CA LEU A 22 4.27 2.11 2.09
C LEU A 22 4.97 3.17 2.94
N GLY A 23 4.31 3.58 4.02
CA GLY A 23 4.89 4.59 4.90
C GLY A 23 5.52 5.73 4.12
N ALA A 24 4.84 6.19 3.08
CA ALA A 24 5.33 7.29 2.26
C ALA A 24 4.41 8.50 2.34
N ASP A 25 4.86 9.61 1.80
CA ASP A 25 4.08 10.84 1.80
C ASP A 25 3.36 11.04 0.47
N PRO A 26 2.18 11.69 0.51
CA PRO A 26 1.38 11.95 -0.68
C PRO A 26 2.02 12.98 -1.59
N SER A 27 3.16 13.52 -1.16
CA SER A 27 3.87 14.52 -1.94
C SER A 27 5.28 14.04 -2.30
N ALA A 28 5.54 12.76 -2.05
CA ALA A 28 6.84 12.18 -2.34
C ALA A 28 7.07 12.07 -3.85
N ASN A 29 8.19 11.46 -4.23
CA ASN A 29 8.53 11.29 -5.63
C ASN A 29 8.68 9.81 -5.98
N MET A 30 8.48 9.48 -7.25
CA MET A 30 8.59 8.11 -7.71
C MET A 30 9.71 7.38 -6.98
N SER A 31 10.89 7.98 -6.95
CA SER A 31 12.05 7.38 -6.28
C SER A 31 11.67 6.94 -4.86
N ASP A 32 11.46 7.92 -3.99
CA ASP A 32 11.10 7.63 -2.60
C ASP A 32 10.12 6.47 -2.52
N LEU A 33 8.95 6.65 -3.10
CA LEU A 33 7.92 5.62 -3.10
C LEU A 33 8.51 4.26 -3.45
N LYS A 34 9.44 4.24 -4.40
CA LYS A 34 10.09 3.02 -4.82
C LYS A 34 10.95 2.45 -3.70
N GLN A 35 11.96 3.21 -3.28
CA GLN A 35 12.85 2.79 -2.22
C GLN A 35 12.06 2.27 -1.02
N LYS A 36 11.09 3.05 -0.58
CA LYS A 36 10.26 2.68 0.55
C LYS A 36 9.58 1.34 0.32
N TYR A 37 9.07 1.14 -0.89
CA TYR A 37 8.40 -0.11 -1.23
C TYR A 37 9.35 -1.29 -1.12
N GLN A 38 10.43 -1.25 -1.89
CA GLN A 38 11.43 -2.33 -1.88
C GLN A 38 11.79 -2.71 -0.45
N LYS A 39 12.28 -1.74 0.31
CA LYS A 39 12.68 -1.98 1.70
C LYS A 39 11.51 -2.56 2.50
N LEU A 40 10.29 -2.32 2.01
CA LEU A 40 9.10 -2.83 2.67
C LEU A 40 8.58 -4.09 1.99
N ILE A 41 9.47 -4.77 1.28
CA ILE A 41 9.09 -6.00 0.58
C ILE A 41 9.79 -7.22 1.19
N LEU A 42 11.04 -7.03 1.59
CA LEU A 42 11.81 -8.12 2.20
C LEU A 42 11.35 -8.39 3.62
N LEU A 43 10.94 -7.33 4.32
CA LEU A 43 10.48 -7.46 5.69
C LEU A 43 9.27 -8.37 5.77
N TYR A 44 8.34 -8.20 4.84
CA TYR A 44 7.12 -9.02 4.81
C TYR A 44 7.20 -10.05 3.69
N HIS A 45 8.40 -10.57 3.44
CA HIS A 45 8.60 -11.57 2.40
C HIS A 45 8.57 -12.97 2.98
N PRO A 46 7.93 -13.91 2.26
CA PRO A 46 7.81 -15.30 2.68
C PRO A 46 9.14 -16.04 2.64
N ASP A 47 9.94 -15.75 1.62
CA ASP A 47 11.24 -16.39 1.46
C ASP A 47 12.25 -15.79 2.44
N LYS A 48 12.05 -14.54 2.80
CA LYS A 48 12.94 -13.86 3.74
C LYS A 48 12.50 -14.10 5.18
N GLN A 49 12.03 -15.31 5.46
CA GLN A 49 11.58 -15.67 6.81
C GLN A 49 12.65 -16.48 7.53
N SER A 50 12.39 -16.80 8.80
CA SER A 50 13.32 -17.57 9.60
C SER A 50 12.65 -18.04 10.90
N ALA A 51 13.01 -19.25 11.33
CA ALA A 51 12.46 -19.82 12.55
C ALA A 51 12.38 -18.78 13.66
N ASP A 52 13.23 -17.76 13.57
CA ASP A 52 13.26 -16.70 14.56
C ASP A 52 11.87 -16.10 14.76
N VAL A 53 11.19 -15.84 13.65
CA VAL A 53 9.84 -15.27 13.70
C VAL A 53 8.82 -16.31 14.16
N PRO A 54 7.89 -15.87 15.02
CA PRO A 54 6.84 -16.74 15.55
C PRO A 54 5.81 -17.13 14.50
N ALA A 55 4.69 -17.68 14.94
CA ALA A 55 3.64 -18.10 14.03
C ALA A 55 2.75 -16.92 13.66
N GLY A 56 2.43 -16.08 14.63
CA GLY A 56 1.60 -14.93 14.38
C GLY A 56 2.20 -13.97 13.38
N THR A 57 3.48 -13.65 13.57
CA THR A 57 4.18 -12.73 12.67
C THR A 57 3.92 -13.10 11.21
N MET A 58 3.89 -14.39 10.91
CA MET A 58 3.64 -14.87 9.56
C MET A 58 2.27 -14.41 9.07
N GLU A 59 1.27 -14.57 9.91
CA GLU A 59 -0.09 -14.18 9.56
C GLU A 59 -0.18 -12.68 9.28
N GLU A 60 0.74 -11.92 9.88
CA GLU A 60 0.78 -10.47 9.69
C GLU A 60 1.58 -10.11 8.45
N CYS A 61 2.57 -10.94 8.12
CA CYS A 61 3.42 -10.70 6.95
C CYS A 61 2.62 -10.82 5.67
N MET A 62 1.58 -11.66 5.69
CA MET A 62 0.74 -11.87 4.52
C MET A 62 -0.13 -10.64 4.26
N GLN A 63 -0.91 -10.24 5.27
CA GLN A 63 -1.79 -9.09 5.15
C GLN A 63 -1.02 -7.86 4.68
N LYS A 64 0.19 -7.70 5.20
CA LYS A 64 1.04 -6.56 4.84
C LYS A 64 1.57 -6.72 3.41
N PHE A 65 2.32 -7.78 3.18
CA PHE A 65 2.89 -8.03 1.86
C PHE A 65 1.88 -7.76 0.76
N ILE A 66 0.69 -8.37 0.89
CA ILE A 66 -0.36 -8.19 -0.09
C ILE A 66 -0.64 -6.71 -0.34
N GLU A 67 -0.94 -5.98 0.72
CA GLU A 67 -1.23 -4.55 0.63
C GLU A 67 -0.08 -3.82 -0.06
N ILE A 68 1.14 -4.08 0.39
CA ILE A 68 2.32 -3.44 -0.17
C ILE A 68 2.39 -3.65 -1.69
N ASP A 69 2.27 -4.91 -2.10
CA ASP A 69 2.31 -5.26 -3.52
C ASP A 69 1.28 -4.44 -4.30
N GLN A 70 0.30 -3.90 -3.59
CA GLN A 70 -0.74 -3.10 -4.22
C GLN A 70 -0.39 -1.62 -4.20
N ALA A 71 -0.08 -1.11 -3.03
CA ALA A 71 0.29 0.30 -2.87
C ALA A 71 1.27 0.73 -3.96
N TRP A 72 2.03 -0.23 -4.48
CA TRP A 72 3.01 0.04 -5.52
C TRP A 72 2.36 0.05 -6.90
N LYS A 73 1.33 -0.78 -7.06
CA LYS A 73 0.62 -0.87 -8.34
C LYS A 73 0.04 0.47 -8.73
N ILE A 74 -0.20 1.33 -7.74
CA ILE A 74 -0.75 2.66 -7.99
C ILE A 74 0.31 3.74 -7.83
N LEU A 75 1.18 3.56 -6.84
CA LEU A 75 2.24 4.52 -6.58
C LEU A 75 3.54 4.09 -7.26
N GLY A 76 3.43 3.17 -8.22
CA GLY A 76 4.60 2.69 -8.93
C GLY A 76 4.67 3.23 -10.34
N ASN A 77 3.51 3.48 -10.94
CA ASN A 77 3.46 4.00 -12.31
C ASN A 77 3.48 5.53 -12.30
N GLU A 78 3.87 6.11 -13.43
CA GLU A 78 3.94 7.56 -13.57
C GLU A 78 2.54 8.15 -13.74
N GLU A 79 1.69 7.43 -14.47
CA GLU A 79 0.33 7.89 -14.72
C GLU A 79 -0.54 7.71 -13.48
N THR A 80 -0.73 6.47 -13.07
CA THR A 80 -1.54 6.16 -11.90
C THR A 80 -1.09 6.98 -10.69
N LYS A 81 0.17 6.86 -10.33
CA LYS A 81 0.73 7.59 -9.21
C LYS A 81 0.33 9.06 -9.26
N LYS A 82 0.20 9.59 -10.47
CA LYS A 82 -0.18 10.99 -10.66
C LYS A 82 -1.69 11.16 -10.52
N LYS A 83 -2.44 10.09 -10.79
CA LYS A 83 -3.89 10.13 -10.70
C LYS A 83 -4.34 9.99 -9.24
N TYR A 84 -3.86 8.95 -8.58
CA TYR A 84 -4.21 8.70 -7.18
C TYR A 84 -4.04 9.96 -6.35
N ASP A 85 -2.88 10.59 -6.46
CA ASP A 85 -2.59 11.81 -5.72
C ASP A 85 -3.71 12.84 -5.90
N LEU A 86 -4.16 13.00 -7.14
CA LEU A 86 -5.22 13.95 -7.45
C LEU A 86 -6.55 13.49 -6.84
N GLN A 87 -6.95 12.26 -7.16
CA GLN A 87 -8.19 11.72 -6.64
C GLN A 87 -8.32 11.96 -5.14
N ARG A 88 -7.24 11.68 -4.40
CA ARG A 88 -7.23 11.87 -2.96
C ARG A 88 -8.04 13.11 -2.57
N SER A 89 -8.62 13.07 -1.38
CA SER A 89 -9.43 14.18 -0.89
C SER A 89 -8.54 15.32 -0.39
N GLY A 90 -9.11 16.52 -0.30
CA GLY A 90 -8.36 17.67 0.16
C GLY A 90 -9.01 18.98 -0.22
N PRO A 91 -8.67 20.05 0.51
CA PRO A 91 -9.22 21.39 0.26
C PRO A 91 -8.70 21.99 -1.04
N SER A 92 -7.54 21.52 -1.48
CA SER A 92 -6.92 22.02 -2.71
C SER A 92 -6.11 20.92 -3.39
N SER A 93 -5.73 21.17 -4.64
CA SER A 93 -4.95 20.20 -5.40
C SER A 93 -3.54 20.08 -4.85
N GLY A 94 -2.84 21.22 -4.76
CA GLY A 94 -1.49 21.22 -4.25
C GLY A 94 -1.06 22.60 -3.76
#